data_3LLY
# 
_entry.id   3LLY 
# 
_audit_conform.dict_name       mmcif_pdbx.dic 
_audit_conform.dict_version    5.378 
_audit_conform.dict_location   http://mmcif.pdb.org/dictionaries/ascii/mmcif_pdbx.dic 
# 
loop_
_database_2.database_id 
_database_2.database_code 
_database_2.pdbx_database_accession 
_database_2.pdbx_DOI 
PDB   3LLY         pdb_00003lly 10.2210/pdb3lly/pdb 
RCSB  RCSB057440   ?            ?                   
WWPDB D_1000057440 ?            ?                   
# 
loop_
_pdbx_database_related.db_name 
_pdbx_database_related.db_id 
_pdbx_database_related.details 
_pdbx_database_related.content_type 
PDB 3LLZ . unspecified 
PDB 3LM1 . unspecified 
# 
_pdbx_database_status.entry_id                        3LLY 
_pdbx_database_status.deposit_site                    RCSB 
_pdbx_database_status.process_site                    RCSB 
_pdbx_database_status.recvd_initial_deposition_date   2010-01-29 
_pdbx_database_status.status_code                     REL 
_pdbx_database_status.status_code_sf                  REL 
_pdbx_database_status.status_code_mr                  ? 
_pdbx_database_status.SG_entry                        ? 
_pdbx_database_status.status_code_cs                  ? 
_pdbx_database_status.pdb_format_compatible           Y 
_pdbx_database_status.status_code_nmr_data            ? 
_pdbx_database_status.methods_development_category    ? 
# 
loop_
_audit_author.name 
_audit_author.pdbx_ordinal 
'Huang, J.'      1 
'Xu, Z.'         2 
'Wang, D.'       3 
'Ogato, C.'      4 
'Hirama, T.'     5 
'Palczewski, K.' 6 
'Hazen, S.L.'    7 
'Lee, X.'        8 
'Young, N.M.'    9 
# 
_citation.id                        primary 
_citation.title                     
'Characterization of the secondary binding sites of Maclura pomifera agglutinin by glycan array and crystallographic analyses.' 
_citation.journal_abbrev            Glycobiology 
_citation.journal_volume            20 
_citation.page_first                1643 
_citation.page_last                 1653 
_citation.year                      2010 
_citation.journal_id_ASTM           ? 
_citation.country                   UK 
_citation.journal_id_ISSN           0959-6658 
_citation.journal_id_CSD            9999 
_citation.book_publisher            ? 
_citation.pdbx_database_id_PubMed   20826825 
_citation.pdbx_database_id_DOI      10.1093/glycob/cwq118 
# 
loop_
_citation_author.citation_id 
_citation_author.name 
_citation_author.ordinal 
_citation_author.identifier_ORCID 
primary 'Huang, J.'      1 ? 
primary 'Xu, Z.'         2 ? 
primary 'Wang, D.'       3 ? 
primary 'Ogata, C.M.'    4 ? 
primary 'Palczewski, K.' 5 ? 
primary 'Lee, X.'        6 ? 
primary 'Young, N.M.'    7 ? 
# 
_cell.entry_id           3LLY 
_cell.length_a           61.753 
_cell.length_b           61.753 
_cell.length_c           149.537 
_cell.angle_alpha        90.00 
_cell.angle_beta         90.00 
_cell.angle_gamma        120.00 
_cell.Z_PDB              12 
_cell.pdbx_unique_axis   ? 
_cell.length_a_esd       ? 
_cell.length_b_esd       ? 
_cell.length_c_esd       ? 
_cell.angle_alpha_esd    ? 
_cell.angle_beta_esd     ? 
_cell.angle_gamma_esd    ? 
# 
_symmetry.entry_id                         3LLY 
_symmetry.space_group_name_H-M             'P 64 2 2' 
_symmetry.pdbx_full_space_group_name_H-M   ? 
_symmetry.cell_setting                     ? 
_symmetry.Int_Tables_number                181 
_symmetry.space_group_name_Hall            ? 
# 
loop_
_entity.id 
_entity.type 
_entity.src_method 
_entity.pdbx_description 
_entity.formula_weight 
_entity.pdbx_number_of_molecules 
_entity.pdbx_ec 
_entity.pdbx_mutation 
_entity.pdbx_fragment 
_entity.details 
1 polymer nat 'Agglutinin alpha chain'  14768.595 1  ? ? ? ? 
2 polymer nat 'Agglutinin beta-2 chain' 1672.842  1  ? ? ? ? 
3 water   nat water                     18.015    72 ? ? ? ? 
# 
loop_
_entity_name_com.entity_id 
_entity_name_com.name 
1 MPA 
2 MPA 
# 
loop_
_entity_poly.entity_id 
_entity_poly.type 
_entity_poly.nstd_linkage 
_entity_poly.nstd_monomer 
_entity_poly.pdbx_seq_one_letter_code 
_entity_poly.pdbx_seq_one_letter_code_can 
_entity_poly.pdbx_strand_id 
_entity_poly.pdbx_target_identifier 
1 'polypeptide(L)' no no 
;GVTFDDGAYTGIREINFEYNSETAIGGLRVTYDLNGMPFVAEDHKSFITGFKPVKISLEFPSEYIVEVSGYVGKVEGYTV
IRSLTFKTNKQTYGPYGVTNGTPFSLPIENGLIVGFKGSIGYWLDYFSIYLSL
;
;GVTFDDGAYTGIREINFEYNSETAIGGLRVTYDLNGMPFVAEDHKSFITGFKPVKISLEFPSEYIVEVSGYVGKVEGYTV
IRSLTFKTNKQTYGPYGVTNGTPFSLPIENGLIVGFKGSIGYWLDYFSIYLSL
;
A ? 
2 'polypeptide(L)' no no GRNGKSQSIIVGPWGD GRNGKSQSIIVGPWGD B ? 
# 
loop_
_entity_poly_seq.entity_id 
_entity_poly_seq.num 
_entity_poly_seq.mon_id 
_entity_poly_seq.hetero 
1 1   GLY n 
1 2   VAL n 
1 3   THR n 
1 4   PHE n 
1 5   ASP n 
1 6   ASP n 
1 7   GLY n 
1 8   ALA n 
1 9   TYR n 
1 10  THR n 
1 11  GLY n 
1 12  ILE n 
1 13  ARG n 
1 14  GLU n 
1 15  ILE n 
1 16  ASN n 
1 17  PHE n 
1 18  GLU n 
1 19  TYR n 
1 20  ASN n 
1 21  SER n 
1 22  GLU n 
1 23  THR n 
1 24  ALA n 
1 25  ILE n 
1 26  GLY n 
1 27  GLY n 
1 28  LEU n 
1 29  ARG n 
1 30  VAL n 
1 31  THR n 
1 32  TYR n 
1 33  ASP n 
1 34  LEU n 
1 35  ASN n 
1 36  GLY n 
1 37  MET n 
1 38  PRO n 
1 39  PHE n 
1 40  VAL n 
1 41  ALA n 
1 42  GLU n 
1 43  ASP n 
1 44  HIS n 
1 45  LYS n 
1 46  SER n 
1 47  PHE n 
1 48  ILE n 
1 49  THR n 
1 50  GLY n 
1 51  PHE n 
1 52  LYS n 
1 53  PRO n 
1 54  VAL n 
1 55  LYS n 
1 56  ILE n 
1 57  SER n 
1 58  LEU n 
1 59  GLU n 
1 60  PHE n 
1 61  PRO n 
1 62  SER n 
1 63  GLU n 
1 64  TYR n 
1 65  ILE n 
1 66  VAL n 
1 67  GLU n 
1 68  VAL n 
1 69  SER n 
1 70  GLY n 
1 71  TYR n 
1 72  VAL n 
1 73  GLY n 
1 74  LYS n 
1 75  VAL n 
1 76  GLU n 
1 77  GLY n 
1 78  TYR n 
1 79  THR n 
1 80  VAL n 
1 81  ILE n 
1 82  ARG n 
1 83  SER n 
1 84  LEU n 
1 85  THR n 
1 86  PHE n 
1 87  LYS n 
1 88  THR n 
1 89  ASN n 
1 90  LYS n 
1 91  GLN n 
1 92  THR n 
1 93  TYR n 
1 94  GLY n 
1 95  PRO n 
1 96  TYR n 
1 97  GLY n 
1 98  VAL n 
1 99  THR n 
1 100 ASN n 
1 101 GLY n 
1 102 THR n 
1 103 PRO n 
1 104 PHE n 
1 105 SER n 
1 106 LEU n 
1 107 PRO n 
1 108 ILE n 
1 109 GLU n 
1 110 ASN n 
1 111 GLY n 
1 112 LEU n 
1 113 ILE n 
1 114 VAL n 
1 115 GLY n 
1 116 PHE n 
1 117 LYS n 
1 118 GLY n 
1 119 SER n 
1 120 ILE n 
1 121 GLY n 
1 122 TYR n 
1 123 TRP n 
1 124 LEU n 
1 125 ASP n 
1 126 TYR n 
1 127 PHE n 
1 128 SER n 
1 129 ILE n 
1 130 TYR n 
1 131 LEU n 
1 132 SER n 
1 133 LEU n 
2 1   GLY n 
2 2   ARG n 
2 3   ASN n 
2 4   GLY n 
2 5   LYS n 
2 6   SER n 
2 7   GLN n 
2 8   SER n 
2 9   ILE n 
2 10  ILE n 
2 11  VAL n 
2 12  GLY n 
2 13  PRO n 
2 14  TRP n 
2 15  GLY n 
2 16  ASP n 
# 
loop_
_entity_src_nat.entity_id 
_entity_src_nat.pdbx_src_id 
_entity_src_nat.pdbx_alt_source_flag 
_entity_src_nat.pdbx_beg_seq_num 
_entity_src_nat.pdbx_end_seq_num 
_entity_src_nat.common_name 
_entity_src_nat.pdbx_organism_scientific 
_entity_src_nat.pdbx_ncbi_taxonomy_id 
_entity_src_nat.genus 
_entity_src_nat.species 
_entity_src_nat.strain 
_entity_src_nat.tissue 
_entity_src_nat.tissue_fraction 
_entity_src_nat.pdbx_secretion 
_entity_src_nat.pdbx_fragment 
_entity_src_nat.pdbx_variant 
_entity_src_nat.pdbx_cell_line 
_entity_src_nat.pdbx_atcc 
_entity_src_nat.pdbx_cellular_location 
_entity_src_nat.pdbx_organ 
_entity_src_nat.pdbx_organelle 
_entity_src_nat.pdbx_cell 
_entity_src_nat.pdbx_plasmid_name 
_entity_src_nat.pdbx_plasmid_details 
_entity_src_nat.details 
1 1 sample ? ? 'Osage orange' 'Maclura pomifera' 3496 ? ? ? ? ? ? ? ? ? ? ? ? ? ? ? ? 
'from the seeds of the Moraceae plant family' 
2 1 sample ? ? 'Osage orange' 'Maclura pomifera' 3496 ? ? ? ? ? ? ? ? ? ? ? ? ? ? ? ? 
'from the seeds of the Moraceae plant family' 
# 
loop_
_struct_ref.id 
_struct_ref.db_name 
_struct_ref.db_code 
_struct_ref.pdbx_db_accession 
_struct_ref.entity_id 
_struct_ref.pdbx_seq_one_letter_code 
_struct_ref.pdbx_align_begin 
_struct_ref.pdbx_db_isoform 
1 UNP LECA_MACPO  P18674 1 
;GVTFDDGAYTGIREINFEYNSETAIGGLRVTYDLNGMPFVAEDHKSFITGFKPVKISLEFPSEYIVEVSGYVGKVEGYTV
IRSLTFKTNKQTYGPYGVTNGTPFSLPIENGLIVGFKGSIGYWLDYFSIYLSL
;
1 ? 
2 UNP LECB2_MACPO P18676 2 GRNGKSQSIIVGPWGD 1 ? 
# 
loop_
_struct_ref_seq.align_id 
_struct_ref_seq.ref_id 
_struct_ref_seq.pdbx_PDB_id_code 
_struct_ref_seq.pdbx_strand_id 
_struct_ref_seq.seq_align_beg 
_struct_ref_seq.pdbx_seq_align_beg_ins_code 
_struct_ref_seq.seq_align_end 
_struct_ref_seq.pdbx_seq_align_end_ins_code 
_struct_ref_seq.pdbx_db_accession 
_struct_ref_seq.db_align_beg 
_struct_ref_seq.pdbx_db_align_beg_ins_code 
_struct_ref_seq.db_align_end 
_struct_ref_seq.pdbx_db_align_end_ins_code 
_struct_ref_seq.pdbx_auth_seq_align_beg 
_struct_ref_seq.pdbx_auth_seq_align_end 
1 1 3LLY A 1 ? 133 ? P18674 1 ? 133 ? 1 133 
2 2 3LLY B 1 ? 16  ? P18676 1 ? 16  ? 2 17  
# 
loop_
_chem_comp.id 
_chem_comp.type 
_chem_comp.mon_nstd_flag 
_chem_comp.name 
_chem_comp.pdbx_synonyms 
_chem_comp.formula 
_chem_comp.formula_weight 
ALA 'L-peptide linking' y ALANINE         ? 'C3 H7 N O2'     89.093  
ARG 'L-peptide linking' y ARGININE        ? 'C6 H15 N4 O2 1' 175.209 
ASN 'L-peptide linking' y ASPARAGINE      ? 'C4 H8 N2 O3'    132.118 
ASP 'L-peptide linking' y 'ASPARTIC ACID' ? 'C4 H7 N O4'     133.103 
GLN 'L-peptide linking' y GLUTAMINE       ? 'C5 H10 N2 O3'   146.144 
GLU 'L-peptide linking' y 'GLUTAMIC ACID' ? 'C5 H9 N O4'     147.129 
GLY 'peptide linking'   y GLYCINE         ? 'C2 H5 N O2'     75.067  
HIS 'L-peptide linking' y HISTIDINE       ? 'C6 H10 N3 O2 1' 156.162 
HOH non-polymer         . WATER           ? 'H2 O'           18.015  
ILE 'L-peptide linking' y ISOLEUCINE      ? 'C6 H13 N O2'    131.173 
LEU 'L-peptide linking' y LEUCINE         ? 'C6 H13 N O2'    131.173 
LYS 'L-peptide linking' y LYSINE          ? 'C6 H15 N2 O2 1' 147.195 
MET 'L-peptide linking' y METHIONINE      ? 'C5 H11 N O2 S'  149.211 
PHE 'L-peptide linking' y PHENYLALANINE   ? 'C9 H11 N O2'    165.189 
PRO 'L-peptide linking' y PROLINE         ? 'C5 H9 N O2'     115.130 
SER 'L-peptide linking' y SERINE          ? 'C3 H7 N O3'     105.093 
THR 'L-peptide linking' y THREONINE       ? 'C4 H9 N O3'     119.119 
TRP 'L-peptide linking' y TRYPTOPHAN      ? 'C11 H12 N2 O2'  204.225 
TYR 'L-peptide linking' y TYROSINE        ? 'C9 H11 N O3'    181.189 
VAL 'L-peptide linking' y VALINE          ? 'C5 H11 N O2'    117.146 
# 
_exptl.crystals_number   1 
_exptl.entry_id          3LLY 
_exptl.method            'X-RAY DIFFRACTION' 
# 
_exptl_crystal.id                    1 
_exptl_crystal.density_Matthews      2.50 
_exptl_crystal.density_meas          ? 
_exptl_crystal.density_percent_sol   50.78 
_exptl_crystal.description           ? 
_exptl_crystal.F_000                 ? 
_exptl_crystal.preparation           ? 
# 
_exptl_crystal_grow.crystal_id      1 
_exptl_crystal_grow.method          'VAPOR DIFFUSION, SITTING DROP' 
_exptl_crystal_grow.pH              7.0 
_exptl_crystal_grow.temp            298 
_exptl_crystal_grow.temp_details    ? 
_exptl_crystal_grow.pdbx_details    
;0.5M of lithium sulfate, 12% PEG 8000, 1% octyl-beta-D-glucopyranoside, 0.1M Hepes, pH 7.0 in the reservoir solution. The sitting drop is made by  protein (28mg/mL) and equal volumn of reservoir solution., VAPOR DIFFUSION, SITTING DROP, temperature 298K
;
_exptl_crystal_grow.pdbx_pH_range   ? 
# 
_diffrn.id                     1 
_diffrn.ambient_temp           100 
_diffrn.ambient_temp_details   ? 
_diffrn.crystal_id             1 
# 
_diffrn_detector.diffrn_id              1 
_diffrn_detector.detector               CCD 
_diffrn_detector.type                   'ADSC QUANTUM 4r' 
_diffrn_detector.pdbx_collection_date   2000-06-30 
_diffrn_detector.details                mirrors 
# 
_diffrn_radiation.diffrn_id                        1 
_diffrn_radiation.wavelength_id                    1 
_diffrn_radiation.pdbx_diffrn_protocol             'SINGLE WAVELENGTH' 
_diffrn_radiation.monochromator                    'KOHZU double crystal monochromator with a sagittally focused second crystal' 
_diffrn_radiation.pdbx_monochromatic_or_laue_m_l   M 
_diffrn_radiation.pdbx_scattering_type             x-ray 
# 
_diffrn_radiation_wavelength.id           1 
_diffrn_radiation_wavelength.wavelength   0.9793 
_diffrn_radiation_wavelength.wt           1.0 
# 
_diffrn_source.diffrn_id                   1 
_diffrn_source.source                      SYNCHROTRON 
_diffrn_source.type                        'NSLS BEAMLINE X4A' 
_diffrn_source.pdbx_wavelength             ? 
_diffrn_source.pdbx_wavelength_list        0.9793 
_diffrn_source.pdbx_synchrotron_site       NSLS 
_diffrn_source.pdbx_synchrotron_beamline   X4A 
# 
_reflns.entry_id                     3LLY 
_reflns.observed_criterion_sigma_F   2 
_reflns.observed_criterion_sigma_I   2 
_reflns.d_resolution_high            2.25 
_reflns.d_resolution_low             30 
_reflns.number_all                   8637 
_reflns.number_obs                   7981 
_reflns.percent_possible_obs         92.4 
_reflns.pdbx_Rmerge_I_obs            0.048 
_reflns.pdbx_Rsym_value              ? 
_reflns.pdbx_netI_over_sigmaI        35.2 
_reflns.B_iso_Wilson_estimate        37.1 
_reflns.pdbx_redundancy              8.6 
_reflns.R_free_details               ? 
_reflns.limit_h_max                  ? 
_reflns.limit_h_min                  ? 
_reflns.limit_k_max                  ? 
_reflns.limit_k_min                  ? 
_reflns.limit_l_max                  ? 
_reflns.limit_l_min                  ? 
_reflns.observed_criterion_F_max     ? 
_reflns.observed_criterion_F_min     ? 
_reflns.pdbx_chi_squared             ? 
_reflns.pdbx_scaling_rejects         ? 
_reflns.pdbx_diffrn_id               1 
_reflns.pdbx_ordinal                 1 
# 
_reflns_shell.d_res_high             2.25 
_reflns_shell.d_res_low              2.33 
_reflns_shell.percent_possible_obs   ? 
_reflns_shell.percent_possible_all   95.1 
_reflns_shell.Rmerge_I_obs           0.159 
_reflns_shell.meanI_over_sigI_obs    14.6 
_reflns_shell.pdbx_Rsym_value        ? 
_reflns_shell.pdbx_redundancy        6.8 
_reflns_shell.number_unique_all      837 
_reflns_shell.number_measured_all    ? 
_reflns_shell.number_measured_obs    ? 
_reflns_shell.number_unique_obs      ? 
_reflns_shell.pdbx_chi_squared       ? 
_reflns_shell.pdbx_diffrn_id         ? 
_reflns_shell.pdbx_ordinal           1 
# 
_refine.entry_id                                 3LLY 
_refine.ls_d_res_high                            2.250 
_refine.ls_d_res_low                             20 
_refine.pdbx_ls_sigma_F                          2 
_refine.pdbx_data_cutoff_high_absF               ? 
_refine.pdbx_data_cutoff_low_absF                ? 
_refine.ls_percent_reflns_obs                    87.5 
_refine.ls_number_reflns_obs                     7536 
_refine.ls_number_reflns_all                     8608 
_refine.pdbx_ls_cross_valid_method               THROUGHOUT 
_refine.pdbx_R_Free_selection_details            random 
_refine.details                                  ? 
_refine.ls_R_factor_all                          ? 
_refine.ls_R_factor_obs                          ? 
_refine.ls_R_factor_R_work                       0.217 
_refine.ls_wR_factor_R_work                      ? 
_refine.ls_R_factor_R_free                       0.263 
_refine.ls_wR_factor_R_free                      ? 
_refine.ls_percent_reflns_R_free                 6.800 
_refine.ls_number_reflns_R_free                  632 
_refine.ls_R_factor_R_free_error                 ? 
_refine.B_iso_mean                               26.439 
_refine.solvent_model_param_bsol                 111.600 
_refine.solvent_model_param_ksol                 ? 
_refine.pdbx_isotropic_thermal_model             anisotropic 
_refine.aniso_B[1][1]                            -2.684 
_refine.aniso_B[2][2]                            -2.684 
_refine.aniso_B[3][3]                            5.367 
_refine.aniso_B[1][2]                            -14.803 
_refine.aniso_B[1][3]                            0.000 
_refine.aniso_B[2][3]                            0.000 
_refine.correlation_coeff_Fo_to_Fc               ? 
_refine.correlation_coeff_Fo_to_Fc_free          ? 
_refine.overall_SU_R_Cruickshank_DPI             ? 
_refine.overall_SU_R_free                        ? 
_refine.pdbx_overall_ESU_R_Free                  ? 
_refine.overall_SU_ML                            ? 
_refine.overall_SU_B                             ? 
_refine.solvent_model_details                    ? 
_refine.pdbx_solvent_vdw_probe_radii             ? 
_refine.pdbx_solvent_ion_probe_radii             ? 
_refine.pdbx_solvent_shrinkage_radii             ? 
_refine.ls_number_parameters                     ? 
_refine.ls_number_restraints                     ? 
_refine.pdbx_starting_model                      'PDB ENTRY 1JOT' 
_refine.pdbx_method_to_determine_struct          'MOLECULAR REPLACEMENT' 
_refine.pdbx_stereochemistry_target_values       'Engh & Huber' 
_refine.pdbx_stereochem_target_val_spec_case     ? 
_refine.overall_FOM_work_R_set                   ? 
_refine.B_iso_max                                56.86 
_refine.B_iso_min                                9.22 
_refine.occupancy_max                            1.00 
_refine.occupancy_min                            0.50 
_refine.pdbx_ls_sigma_I                          ? 
_refine.ls_redundancy_reflns_obs                 ? 
_refine.ls_R_factor_R_free_error_details         ? 
_refine.pdbx_data_cutoff_high_rms_absF           ? 
_refine.overall_FOM_free_R_set                   ? 
_refine.pdbx_overall_phase_error                 ? 
_refine.pdbx_refine_id                           'X-RAY DIFFRACTION' 
_refine.pdbx_overall_ESU_R                       ? 
_refine.pdbx_diffrn_id                           1 
_refine.pdbx_TLS_residual_ADP_flag               ? 
_refine.pdbx_overall_SU_R_free_Cruickshank_DPI   ? 
_refine.pdbx_overall_SU_R_Blow_DPI               ? 
_refine.pdbx_overall_SU_R_free_Blow_DPI          ? 
# 
_refine_analyze.entry_id                        3LLY 
_refine_analyze.Luzzati_coordinate_error_obs    0.30 
_refine_analyze.Luzzati_sigma_a_obs             0.26 
_refine_analyze.Luzzati_d_res_low_obs           5 
_refine_analyze.Luzzati_coordinate_error_free   0.30 
_refine_analyze.Luzzati_sigma_a_free            0.20 
_refine_analyze.Luzzati_d_res_low_free          ? 
_refine_analyze.number_disordered_residues      ? 
_refine_analyze.occupancy_sum_non_hydrogen      ? 
_refine_analyze.occupancy_sum_hydrogen          ? 
_refine_analyze.pdbx_Luzzati_d_res_high_obs     ? 
_refine_analyze.pdbx_refine_id                  'X-RAY DIFFRACTION' 
# 
_refine_hist.pdbx_refine_id                   'X-RAY DIFFRACTION' 
_refine_hist.cycle_id                         LAST 
_refine_hist.pdbx_number_atoms_protein        1166 
_refine_hist.pdbx_number_atoms_nucleic_acid   0 
_refine_hist.pdbx_number_atoms_ligand         0 
_refine_hist.number_atoms_solvent             72 
_refine_hist.number_atoms_total               1238 
_refine_hist.d_res_high                       2.250 
_refine_hist.d_res_low                        20 
# 
loop_
_refine_ls_restr.type 
_refine_ls_restr.number 
_refine_ls_restr.dev_ideal 
_refine_ls_restr.dev_ideal_target 
_refine_ls_restr.weight 
_refine_ls_restr.pdbx_refine_id 
_refine_ls_restr.pdbx_restraint_function 
c_mcbond_it  ? 1.257 1.500 ? 'X-RAY DIFFRACTION' ? 
c_scbond_it  ? 1.968 2.000 ? 'X-RAY DIFFRACTION' ? 
c_mcangle_it ? 1.978 2.000 ? 'X-RAY DIFFRACTION' ? 
c_scangle_it ? 2.676 2.500 ? 'X-RAY DIFFRACTION' ? 
# 
_refine_ls_shell.d_res_high                       2.25 
_refine_ls_shell.d_res_low                        2.33 
_refine_ls_shell.number_reflns_obs                654 
_refine_ls_shell.number_reflns_R_free             58 
_refine_ls_shell.R_factor_R_work                  0.26 
_refine_ls_shell.R_factor_R_free                  0.27 
_refine_ls_shell.R_factor_R_free_error            ? 
_refine_ls_shell.percent_reflns_obs               78.5 
_refine_ls_shell.percent_reflns_R_free            ? 
_refine_ls_shell.pdbx_total_number_of_bins_used   ? 
_refine_ls_shell.number_reflns_R_work             ? 
_refine_ls_shell.redundancy_reflns_obs            ? 
_refine_ls_shell.number_reflns_all                ? 
_refine_ls_shell.R_factor_all                     ? 
_refine_ls_shell.pdbx_refine_id                   'X-RAY DIFFRACTION' 
# 
loop_
_pdbx_xplor_file.serial_no 
_pdbx_xplor_file.param_file 
_pdbx_xplor_file.topol_file 
_pdbx_xplor_file.pdbx_refine_id 
1 CNS_TOPPAR:protein_rep.param ? 'X-RAY DIFFRACTION' 
2 CNS_TOPPAR:water_rep.param   ? 'X-RAY DIFFRACTION' 
# 
_struct.entry_id                  3LLY 
_struct.title                     'Crystal Structure Analysis of Maclura pomifera agglutinin' 
_struct.pdbx_model_details        ? 
_struct.pdbx_CASP_flag            N 
_struct.pdbx_model_type_details   ? 
# 
_struct_keywords.entry_id        3LLY 
_struct_keywords.pdbx_keywords   'SUGAR BINDING PROTEIN' 
_struct_keywords.text            'Maclura pomifera agglutinin, MPA, Lectin, SUGAR BINDING PROTEIN' 
# 
loop_
_struct_asym.id 
_struct_asym.pdbx_blank_PDB_chainid_flag 
_struct_asym.pdbx_modified 
_struct_asym.entity_id 
_struct_asym.details 
A N N 1 ? 
B N N 2 ? 
C N N 3 ? 
D N N 3 ? 
# 
_struct_biol.id        1 
_struct_biol.details   ? 
# 
loop_
_struct_mon_prot_cis.pdbx_id 
_struct_mon_prot_cis.label_comp_id 
_struct_mon_prot_cis.label_seq_id 
_struct_mon_prot_cis.label_asym_id 
_struct_mon_prot_cis.label_alt_id 
_struct_mon_prot_cis.pdbx_PDB_ins_code 
_struct_mon_prot_cis.auth_comp_id 
_struct_mon_prot_cis.auth_seq_id 
_struct_mon_prot_cis.auth_asym_id 
_struct_mon_prot_cis.pdbx_label_comp_id_2 
_struct_mon_prot_cis.pdbx_label_seq_id_2 
_struct_mon_prot_cis.pdbx_label_asym_id_2 
_struct_mon_prot_cis.pdbx_PDB_ins_code_2 
_struct_mon_prot_cis.pdbx_auth_comp_id_2 
_struct_mon_prot_cis.pdbx_auth_seq_id_2 
_struct_mon_prot_cis.pdbx_auth_asym_id_2 
_struct_mon_prot_cis.pdbx_PDB_model_num 
_struct_mon_prot_cis.pdbx_omega_angle 
1 PHE 60 A . ? PHE 60 A PRO 61 A ? PRO 61 A 1 0.19 
2 GLY 94 A . ? GLY 94 A PRO 95 A ? PRO 95 A 1 0.06 
3 GLY 12 B . ? GLY 13 B PRO 13 B ? PRO 14 B 1 0.06 
# 
loop_
_struct_sheet.id 
_struct_sheet.type 
_struct_sheet.number_strands 
_struct_sheet.details 
A ? 4 ? 
B ? 4 ? 
C ? 4 ? 
# 
loop_
_struct_sheet_order.sheet_id 
_struct_sheet_order.range_id_1 
_struct_sheet_order.range_id_2 
_struct_sheet_order.offset 
_struct_sheet_order.sense 
A 1 2 ? anti-parallel 
A 2 3 ? anti-parallel 
A 3 4 ? anti-parallel 
B 1 2 ? anti-parallel 
B 2 3 ? anti-parallel 
B 3 4 ? anti-parallel 
C 1 2 ? anti-parallel 
C 2 3 ? anti-parallel 
C 3 4 ? anti-parallel 
# 
loop_
_struct_sheet_range.sheet_id 
_struct_sheet_range.id 
_struct_sheet_range.beg_label_comp_id 
_struct_sheet_range.beg_label_asym_id 
_struct_sheet_range.beg_label_seq_id 
_struct_sheet_range.pdbx_beg_PDB_ins_code 
_struct_sheet_range.end_label_comp_id 
_struct_sheet_range.end_label_asym_id 
_struct_sheet_range.end_label_seq_id 
_struct_sheet_range.pdbx_end_PDB_ins_code 
_struct_sheet_range.beg_auth_comp_id 
_struct_sheet_range.beg_auth_asym_id 
_struct_sheet_range.beg_auth_seq_id 
_struct_sheet_range.end_auth_comp_id 
_struct_sheet_range.end_auth_asym_id 
_struct_sheet_range.end_auth_seq_id 
A 1 VAL A 2   ? ASP A 5   ? VAL A 2   ASP A 5   
A 2 LEU A 112 ? ILE A 120 ? LEU A 112 ILE A 120 
A 3 LEU A 124 ? SER A 132 ? LEU A 124 SER A 132 
A 4 ILE B 9   ? TRP B 14  ? ILE B 10  TRP B 15  
B 1 MET A 37  ? VAL A 40  ? MET A 37  VAL A 40  
B 2 ILE A 25  ? LEU A 34  ? ILE A 25  LEU A 34  
B 3 GLY A 11  ? TYR A 19  ? GLY A 11  TYR A 19  
B 4 LYS A 52  ? SER A 57  ? LYS A 52  SER A 57  
C 1 THR A 92  ? GLY A 97  ? THR A 92  GLY A 97  
C 2 TYR A 78  ? THR A 88  ? TYR A 78  THR A 88  
C 3 ILE A 65  ? VAL A 75  ? ILE A 65  VAL A 75  
C 4 THR A 102 ? PRO A 107 ? THR A 102 PRO A 107 
# 
loop_
_pdbx_struct_sheet_hbond.sheet_id 
_pdbx_struct_sheet_hbond.range_id_1 
_pdbx_struct_sheet_hbond.range_id_2 
_pdbx_struct_sheet_hbond.range_1_label_atom_id 
_pdbx_struct_sheet_hbond.range_1_label_comp_id 
_pdbx_struct_sheet_hbond.range_1_label_asym_id 
_pdbx_struct_sheet_hbond.range_1_label_seq_id 
_pdbx_struct_sheet_hbond.range_1_PDB_ins_code 
_pdbx_struct_sheet_hbond.range_1_auth_atom_id 
_pdbx_struct_sheet_hbond.range_1_auth_comp_id 
_pdbx_struct_sheet_hbond.range_1_auth_asym_id 
_pdbx_struct_sheet_hbond.range_1_auth_seq_id 
_pdbx_struct_sheet_hbond.range_2_label_atom_id 
_pdbx_struct_sheet_hbond.range_2_label_comp_id 
_pdbx_struct_sheet_hbond.range_2_label_asym_id 
_pdbx_struct_sheet_hbond.range_2_label_seq_id 
_pdbx_struct_sheet_hbond.range_2_PDB_ins_code 
_pdbx_struct_sheet_hbond.range_2_auth_atom_id 
_pdbx_struct_sheet_hbond.range_2_auth_comp_id 
_pdbx_struct_sheet_hbond.range_2_auth_asym_id 
_pdbx_struct_sheet_hbond.range_2_auth_seq_id 
A 1 2 N PHE A 4   ? N PHE A 4   O GLY A 118 ? O GLY A 118 
A 2 3 N LYS A 117 ? N LYS A 117 O SER A 128 ? O SER A 128 
A 3 4 N LEU A 131 ? N LEU A 131 O ILE B 9   ? O ILE B 10  
B 1 2 O MET A 37  ? O MET A 37  N LEU A 34  ? N LEU A 34  
B 2 3 O THR A 31  ? O THR A 31  N GLU A 14  ? N GLU A 14  
B 3 4 N ILE A 15  ? N ILE A 15  O ILE A 56  ? O ILE A 56  
C 1 2 O TYR A 93  ? O TYR A 93  N PHE A 86  ? N PHE A 86  
C 2 3 O VAL A 80  ? O VAL A 80  N GLY A 73  ? N GLY A 73  
C 3 4 N VAL A 68  ? N VAL A 68  O LEU A 106 ? O LEU A 106 
# 
_atom_sites.entry_id                    3LLY 
_atom_sites.fract_transf_matrix[1][1]   -0.01699435 
_atom_sites.fract_transf_matrix[1][2]   -0.00643077 
_atom_sites.fract_transf_matrix[1][3]   -0.00441438 
_atom_sites.fract_transf_matrix[2][1]   -0.00904103 
_atom_sites.fract_transf_matrix[2][2]   0.00689741 
_atom_sites.fract_transf_matrix[2][3]   -0.01484379 
_atom_sites.fract_transf_matrix[3][1]   0.00278036 
_atom_sites.fract_transf_matrix[3][2]   -0.00468933 
_atom_sites.fract_transf_matrix[3][3]   -0.00387243 
_atom_sites.fract_transf_vector[1]      0.145941 
_atom_sites.fract_transf_vector[2]      0.325908 
_atom_sites.fract_transf_vector[3]      0.086362 
# 
loop_
_atom_type.symbol 
C 
N 
O 
S 
# 
loop_
_atom_site.group_PDB 
_atom_site.id 
_atom_site.type_symbol 
_atom_site.label_atom_id 
_atom_site.label_alt_id 
_atom_site.label_comp_id 
_atom_site.label_asym_id 
_atom_site.label_entity_id 
_atom_site.label_seq_id 
_atom_site.pdbx_PDB_ins_code 
_atom_site.Cartn_x 
_atom_site.Cartn_y 
_atom_site.Cartn_z 
_atom_site.occupancy 
_atom_site.B_iso_or_equiv 
_atom_site.pdbx_formal_charge 
_atom_site.auth_seq_id 
_atom_site.auth_comp_id 
_atom_site.auth_asym_id 
_atom_site.auth_atom_id 
_atom_site.pdbx_PDB_model_num 
ATOM   1    N N   . GLY A 1 1   ? -11.438 -10.153 -4.644  1.00 27.62 ? 1   GLY A N   1 
ATOM   2    C CA  . GLY A 1 1   ? -10.177 -10.918 -4.849  1.00 27.80 ? 1   GLY A CA  1 
ATOM   3    C C   . GLY A 1 1   ? -9.738  -11.658 -3.600  1.00 28.12 ? 1   GLY A C   1 
ATOM   4    O O   . GLY A 1 1   ? -10.535 -11.877 -2.687  1.00 26.61 ? 1   GLY A O   1 
ATOM   5    N N   . VAL A 1 2   ? -8.467  -12.048 -3.560  1.00 26.50 ? 2   VAL A N   1 
ATOM   6    C CA  . VAL A 1 2   ? -7.931  -12.757 -2.407  1.00 26.94 ? 2   VAL A CA  1 
ATOM   7    C C   . VAL A 1 2   ? -7.357  -11.766 -1.405  1.00 25.53 ? 2   VAL A C   1 
ATOM   8    O O   . VAL A 1 2   ? -6.574  -10.889 -1.761  1.00 25.26 ? 2   VAL A O   1 
ATOM   9    C CB  . VAL A 1 2   ? -6.819  -13.736 -2.821  1.00 27.61 ? 2   VAL A CB  1 
ATOM   10   C CG1 . VAL A 1 2   ? -6.292  -14.479 -1.594  1.00 24.72 ? 2   VAL A CG1 1 
ATOM   11   C CG2 . VAL A 1 2   ? -7.351  -14.710 -3.858  1.00 28.40 ? 2   VAL A CG2 1 
ATOM   12   N N   . THR A 1 3   ? -7.748  -11.908 -0.149  1.00 26.37 ? 3   THR A N   1 
ATOM   13   C CA  . THR A 1 3   ? -7.261  -11.019 0.895   1.00 27.72 ? 3   THR A CA  1 
ATOM   14   C C   . THR A 1 3   ? -5.839  -11.383 1.315   1.00 27.02 ? 3   THR A C   1 
ATOM   15   O O   . THR A 1 3   ? -5.409  -12.526 1.168   1.00 26.15 ? 3   THR A O   1 
ATOM   16   C CB  . THR A 1 3   ? -8.146  -11.100 2.134   1.00 28.51 ? 3   THR A CB  1 
ATOM   17   O OG1 . THR A 1 3   ? -8.055  -12.418 2.683   1.00 29.69 ? 3   THR A OG1 1 
ATOM   18   C CG2 . THR A 1 3   ? -9.600  -10.814 1.775   1.00 30.24 ? 3   THR A CG2 1 
ATOM   19   N N   . PHE A 1 4   ? -5.118  -10.398 1.840   1.00 26.72 ? 4   PHE A N   1 
ATOM   20   C CA  . PHE A 1 4   ? -3.755  -10.608 2.310   1.00 27.26 ? 4   PHE A CA  1 
ATOM   21   C C   . PHE A 1 4   ? -3.530  -9.718  3.525   1.00 27.67 ? 4   PHE A C   1 
ATOM   22   O O   . PHE A 1 4   ? -4.202  -8.700  3.700   1.00 27.61 ? 4   PHE A O   1 
ATOM   23   C CB  . PHE A 1 4   ? -2.728  -10.241 1.234   1.00 26.42 ? 4   PHE A CB  1 
ATOM   24   C CG  . PHE A 1 4   ? -2.638  -8.766  0.960   1.00 27.78 ? 4   PHE A CG  1 
ATOM   25   C CD1 . PHE A 1 4   ? -3.483  -8.161  0.040   1.00 26.68 ? 4   PHE A CD1 1 
ATOM   26   C CD2 . PHE A 1 4   ? -1.732  -7.970  1.663   1.00 30.21 ? 4   PHE A CD2 1 
ATOM   27   C CE1 . PHE A 1 4   ? -3.430  -6.779  -0.177  1.00 29.25 ? 4   PHE A CE1 1 
ATOM   28   C CE2 . PHE A 1 4   ? -1.671  -6.593  1.457   1.00 30.20 ? 4   PHE A CE2 1 
ATOM   29   C CZ  . PHE A 1 4   ? -2.525  -5.995  0.532   1.00 29.18 ? 4   PHE A CZ  1 
ATOM   30   N N   . ASP A 1 5   ? -2.573  -10.104 4.355   1.00 26.49 ? 5   ASP A N   1 
ATOM   31   C CA  . ASP A 1 5   ? -2.243  -9.336  5.547   1.00 24.15 ? 5   ASP A CA  1 
ATOM   32   C C   . ASP A 1 5   ? -0.795  -9.606  5.914   1.00 22.24 ? 5   ASP A C   1 
ATOM   33   O O   . ASP A 1 5   ? -0.485  -10.630 6.514   1.00 21.56 ? 5   ASP A O   1 
ATOM   34   C CB  . ASP A 1 5   ? -3.158  -9.723  6.710   1.00 22.31 ? 5   ASP A CB  1 
ATOM   35   C CG  . ASP A 1 5   ? -2.987  -8.806  7.913   1.00 22.77 ? 5   ASP A CG  1 
ATOM   36   O OD1 . ASP A 1 5   ? -3.812  -8.884  8.845   1.00 19.18 ? 5   ASP A OD1 1 
ATOM   37   O OD2 . ASP A 1 5   ? -2.024  -8.004  7.923   1.00 24.24 ? 5   ASP A OD2 1 
ATOM   38   N N   . ASP A 1 6   ? 0.083   -8.687  5.528   1.00 22.03 ? 6   ASP A N   1 
ATOM   39   C CA  . ASP A 1 6   ? 1.509   -8.793  5.801   1.00 20.37 ? 6   ASP A CA  1 
ATOM   40   C C   . ASP A 1 6   ? 1.819   -8.712  7.293   1.00 22.42 ? 6   ASP A C   1 
ATOM   41   O O   . ASP A 1 6   ? 2.858   -9.200  7.750   1.00 21.55 ? 6   ASP A O   1 
ATOM   42   C CB  . ASP A 1 6   ? 2.262   -7.672  5.078   1.00 19.22 ? 6   ASP A CB  1 
ATOM   43   C CG  . ASP A 1 6   ? 2.223   -7.820  3.566   1.00 21.17 ? 6   ASP A CG  1 
ATOM   44   O OD1 . ASP A 1 6   ? 2.648   -6.882  2.861   1.00 19.92 ? 6   ASP A OD1 1 
ATOM   45   O OD2 . ASP A 1 6   ? 1.776   -8.877  3.081   1.00 21.30 ? 6   ASP A OD2 1 
ATOM   46   N N   . GLY A 1 7   ? 0.921   -8.101  8.055   1.00 21.49 ? 7   GLY A N   1 
ATOM   47   C CA  . GLY A 1 7   ? 1.168   -7.963  9.480   1.00 22.92 ? 7   GLY A CA  1 
ATOM   48   C C   . GLY A 1 7   ? 2.024   -6.736  9.740   1.00 22.53 ? 7   GLY A C   1 
ATOM   49   O O   . GLY A 1 7   ? 2.153   -5.876  8.870   1.00 23.28 ? 7   GLY A O   1 
ATOM   50   N N   . ALA A 1 8   ? 2.633   -6.660  10.919  1.00 20.85 ? 8   ALA A N   1 
ATOM   51   C CA  . ALA A 1 8   ? 3.449   -5.500  11.276  1.00 20.50 ? 8   ALA A CA  1 
ATOM   52   C C   . ALA A 1 8   ? 4.949   -5.778  11.257  1.00 20.17 ? 8   ALA A C   1 
ATOM   53   O O   . ALA A 1 8   ? 5.388   -6.891  11.519  1.00 21.80 ? 8   ALA A O   1 
ATOM   54   C CB  . ALA A 1 8   ? 3.037   -4.992  12.656  1.00 18.34 ? 8   ALA A CB  1 
ATOM   55   N N   . TYR A 1 9   ? 5.730   -4.751  10.948  1.00 19.67 ? 9   TYR A N   1 
ATOM   56   C CA  . TYR A 1 9   ? 7.181   -4.878  10.902  1.00 21.60 ? 9   TYR A CA  1 
ATOM   57   C C   . TYR A 1 9   ? 7.817   -3.668  11.582  1.00 20.68 ? 9   TYR A C   1 
ATOM   58   O O   . TYR A 1 9   ? 7.143   -2.948  12.319  1.00 21.17 ? 9   TYR A O   1 
ATOM   59   C CB  . TYR A 1 9   ? 7.654   -5.027  9.445   1.00 21.03 ? 9   TYR A CB  1 
ATOM   60   C CG  . TYR A 1 9   ? 7.083   -6.271  8.787   1.00 23.00 ? 9   TYR A CG  1 
ATOM   61   C CD1 . TYR A 1 9   ? 5.767   -6.296  8.338   1.00 21.85 ? 9   TYR A CD1 1 
ATOM   62   C CD2 . TYR A 1 9   ? 7.828   -7.453  8.704   1.00 24.52 ? 9   TYR A CD2 1 
ATOM   63   C CE1 . TYR A 1 9   ? 5.197   -7.453  7.835   1.00 23.65 ? 9   TYR A CE1 1 
ATOM   64   C CE2 . TYR A 1 9   ? 7.261   -8.632  8.191   1.00 23.24 ? 9   TYR A CE2 1 
ATOM   65   C CZ  . TYR A 1 9   ? 5.942   -8.616  7.760   1.00 24.79 ? 9   TYR A CZ  1 
ATOM   66   O OH  . TYR A 1 9   ? 5.356   -9.749  7.235   1.00 26.03 ? 9   TYR A OH  1 
ATOM   67   N N   . THR A 1 10  ? 9.105   -3.440  11.355  1.00 22.37 ? 10  THR A N   1 
ATOM   68   C CA  . THR A 1 10  ? 9.763   -2.311  11.990  1.00 23.53 ? 10  THR A CA  1 
ATOM   69   C C   . THR A 1 10  ? 9.966   -1.123  11.045  1.00 22.35 ? 10  THR A C   1 
ATOM   70   O O   . THR A 1 10  ? 10.523  -0.103  11.436  1.00 19.69 ? 10  THR A O   1 
ATOM   71   C CB  . THR A 1 10  ? 11.110  -2.742  12.615  1.00 26.01 ? 10  THR A CB  1 
ATOM   72   O OG1 . THR A 1 10  ? 11.913  -3.394  11.632  1.00 29.15 ? 10  THR A OG1 1 
ATOM   73   C CG2 . THR A 1 10  ? 10.875  -3.712  13.771  1.00 27.48 ? 10  THR A CG2 1 
ATOM   74   N N   . GLY A 1 11  ? 9.484   -1.252  9.812   1.00 22.49 ? 11  GLY A N   1 
ATOM   75   C CA  . GLY A 1 11  ? 9.623   -0.173  8.843   1.00 23.20 ? 11  GLY A CA  1 
ATOM   76   C C   . GLY A 1 11  ? 9.445   -0.643  7.408   1.00 22.76 ? 11  GLY A C   1 
ATOM   77   O O   . GLY A 1 11  ? 9.068   -1.788  7.177   1.00 22.67 ? 11  GLY A O   1 
ATOM   78   N N   . ILE A 1 12  ? 9.724   0.233   6.444   1.00 22.77 ? 12  ILE A N   1 
ATOM   79   C CA  . ILE A 1 12  ? 9.588   -0.121  5.032   1.00 24.14 ? 12  ILE A CA  1 
ATOM   80   C C   . ILE A 1 12  ? 10.820  0.237   4.205   1.00 24.20 ? 12  ILE A C   1 
ATOM   81   O O   . ILE A 1 12  ? 11.303  1.369   4.245   1.00 23.30 ? 12  ILE A O   1 
ATOM   82   C CB  . ILE A 1 12  ? 8.365   0.568   4.399   1.00 23.50 ? 12  ILE A CB  1 
ATOM   83   C CG1 . ILE A 1 12  ? 7.090   0.131   5.127   1.00 25.00 ? 12  ILE A CG1 1 
ATOM   84   C CG2 . ILE A 1 12  ? 8.284   0.215   2.919   1.00 23.44 ? 12  ILE A CG2 1 
ATOM   85   C CD1 . ILE A 1 12  ? 5.838   0.824   4.656   1.00 26.42 ? 12  ILE A CD1 1 
ATOM   86   N N   . ARG A 1 13  ? 11.308  -0.733  3.441   1.00 24.72 ? 13  ARG A N   1 
ATOM   87   C CA  . ARG A 1 13  ? 12.486  -0.531  2.597   1.00 27.93 ? 13  ARG A CA  1 
ATOM   88   C C   . ARG A 1 13  ? 12.125  -0.343  1.129   1.00 28.33 ? 13  ARG A C   1 
ATOM   89   O O   . ARG A 1 13  ? 12.765  0.429   0.414   1.00 30.00 ? 13  ARG A O   1 
ATOM   90   C CB  . ARG A 1 13  ? 13.441  -1.725  2.737   1.00 27.20 ? 13  ARG A CB  1 
ATOM   91   C CG  . ARG A 1 13  ? 14.141  -1.803  4.090   1.00 28.50 ? 13  ARG A CG  1 
ATOM   92   C CD  . ARG A 1 13  ? 14.747  -3.183  4.351   1.00 26.76 ? 13  ARG A CD  1 
ATOM   93   N NE  . ARG A 1 13  ? 15.538  -3.183  5.579   1.00 30.93 ? 13  ARG A NE  1 
ATOM   94   C CZ  . ARG A 1 13  ? 16.749  -2.642  5.687   1.00 33.56 ? 13  ARG A CZ  1 
ATOM   95   N NH1 . ARG A 1 13  ? 17.312  -2.061  4.634   1.00 34.22 ? 13  ARG A NH1 1 
ATOM   96   N NH2 . ARG A 1 13  ? 17.398  -2.672  6.847   1.00 31.47 ? 13  ARG A NH2 1 
ATOM   97   N N   . GLU A 1 14  ? 11.101  -1.052  0.675   1.00 29.04 ? 14  GLU A N   1 
ATOM   98   C CA  . GLU A 1 14  ? 10.696  -0.945  -0.715  1.00 30.78 ? 14  GLU A CA  1 
ATOM   99   C C   . GLU A 1 14  ? 9.253   -1.369  -0.958  1.00 29.74 ? 14  GLU A C   1 
ATOM   100  O O   . GLU A 1 14  ? 8.724   -2.250  -0.276  1.00 28.31 ? 14  GLU A O   1 
ATOM   101  C CB  . GLU A 1 14  ? 11.620  -1.794  -1.588  1.00 31.95 ? 14  GLU A CB  1 
ATOM   102  C CG  . GLU A 1 14  ? 11.331  -1.683  -3.068  1.00 37.19 ? 14  GLU A CG  1 
ATOM   103  C CD  . GLU A 1 14  ? 12.213  -2.593  -3.904  1.00 40.33 ? 14  GLU A CD  1 
ATOM   104  O OE1 . GLU A 1 14  ? 13.449  -2.559  -3.708  1.00 40.64 ? 14  GLU A OE1 1 
ATOM   105  O OE2 . GLU A 1 14  ? 11.668  -3.331  -4.757  1.00 39.47 ? 14  GLU A OE2 1 
ATOM   106  N N   . ILE A 1 15  ? 8.632   -0.735  -1.949  1.00 29.98 ? 15  ILE A N   1 
ATOM   107  C CA  . ILE A 1 15  ? 7.256   -1.030  -2.335  1.00 28.58 ? 15  ILE A CA  1 
ATOM   108  C C   . ILE A 1 15  ? 7.145   -1.138  -3.858  1.00 28.16 ? 15  ILE A C   1 
ATOM   109  O O   . ILE A 1 15  ? 7.410   -0.175  -4.578  1.00 28.58 ? 15  ILE A O   1 
ATOM   110  C CB  . ILE A 1 15  ? 6.282   0.075   -1.864  1.00 27.35 ? 15  ILE A CB  1 
ATOM   111  C CG1 . ILE A 1 15  ? 6.405   0.291   -0.351  1.00 25.55 ? 15  ILE A CG1 1 
ATOM   112  C CG2 . ILE A 1 15  ? 4.854   -0.319  -2.212  1.00 27.24 ? 15  ILE A CG2 1 
ATOM   113  C CD1 . ILE A 1 15  ? 5.458   1.343   0.196   1.00 21.20 ? 15  ILE A CD1 1 
ATOM   114  N N   . ASN A 1 16  ? 6.763   -2.315  -4.344  1.00 27.85 ? 16  ASN A N   1 
ATOM   115  C CA  . ASN A 1 16  ? 6.589   -2.529  -5.781  1.00 27.29 ? 16  ASN A CA  1 
ATOM   116  C C   . ASN A 1 16  ? 5.101   -2.774  -6.030  1.00 27.04 ? 16  ASN A C   1 
ATOM   117  O O   . ASN A 1 16  ? 4.457   -3.495  -5.271  1.00 27.01 ? 16  ASN A O   1 
ATOM   118  C CB  . ASN A 1 16  ? 7.370   -3.758  -6.257  1.00 27.78 ? 16  ASN A CB  1 
ATOM   119  C CG  . ASN A 1 16  ? 8.845   -3.698  -5.900  1.00 28.98 ? 16  ASN A CG  1 
ATOM   120  O OD1 . ASN A 1 16  ? 9.507   -2.679  -6.083  1.00 29.54 ? 16  ASN A OD1 1 
ATOM   121  N ND2 . ASN A 1 16  ? 9.368   -4.807  -5.398  1.00 31.79 ? 16  ASN A ND2 1 
ATOM   122  N N   . PHE A 1 17  ? 4.549   -2.164  -7.070  1.00 26.68 ? 17  PHE A N   1 
ATOM   123  C CA  . PHE A 1 17  ? 3.140   -2.376  -7.386  1.00 27.40 ? 17  PHE A CA  1 
ATOM   124  C C   . PHE A 1 17  ? 2.832   -2.070  -8.845  1.00 28.45 ? 17  PHE A C   1 
ATOM   125  O O   . PHE A 1 17  ? 3.604   -1.384  -9.520  1.00 28.55 ? 17  PHE A O   1 
ATOM   126  C CB  . PHE A 1 17  ? 2.236   -1.554  -6.450  1.00 25.46 ? 17  PHE A CB  1 
ATOM   127  C CG  . PHE A 1 17  ? 2.331   -0.056  -6.633  1.00 23.30 ? 17  PHE A CG  1 
ATOM   128  C CD1 . PHE A 1 17  ? 1.533   0.601   -7.564  1.00 23.28 ? 17  PHE A CD1 1 
ATOM   129  C CD2 . PHE A 1 17  ? 3.176   0.700   -5.833  1.00 24.49 ? 17  PHE A CD2 1 
ATOM   130  C CE1 . PHE A 1 17  ? 1.570   1.993   -7.689  1.00 22.81 ? 17  PHE A CE1 1 
ATOM   131  C CE2 . PHE A 1 17  ? 3.220   2.098   -5.953  1.00 25.01 ? 17  PHE A CE2 1 
ATOM   132  C CZ  . PHE A 1 17  ? 2.413   2.741   -6.883  1.00 22.31 ? 17  PHE A CZ  1 
ATOM   133  N N   . GLU A 1 18  ? 1.703   -2.594  -9.322  1.00 27.85 ? 18  GLU A N   1 
ATOM   134  C CA  . GLU A 1 18  ? 1.275   -2.414  -10.703 1.00 26.73 ? 18  GLU A CA  1 
ATOM   135  C C   . GLU A 1 18  ? 0.185   -1.364  -10.832 1.00 27.03 ? 18  GLU A C   1 
ATOM   136  O O   . GLU A 1 18  ? -0.629  -1.184  -9.930  1.00 26.85 ? 18  GLU A O   1 
ATOM   137  C CB  . GLU A 1 18  ? 0.743   -3.737  -11.262 1.00 26.30 ? 18  GLU A CB  1 
ATOM   138  C CG  . GLU A 1 18  ? 1.762   -4.853  -11.330 1.00 26.55 ? 18  GLU A CG  1 
ATOM   139  C CD  . GLU A 1 18  ? 1.147   -6.158  -11.790 1.00 26.16 ? 18  GLU A CD  1 
ATOM   140  O OE1 . GLU A 1 18  ? 0.165   -6.611  -11.164 1.00 23.59 ? 18  GLU A OE1 1 
ATOM   141  O OE2 . GLU A 1 18  ? 1.647   -6.734  -12.775 1.00 27.31 ? 18  GLU A OE2 1 
ATOM   142  N N   . TYR A 1 19  ? 0.169   -0.684  -11.972 1.00 27.42 ? 19  TYR A N   1 
ATOM   143  C CA  . TYR A 1 19  ? -0.833  0.330   -12.245 1.00 29.91 ? 19  TYR A CA  1 
ATOM   144  C C   . TYR A 1 19  ? -1.109  0.360   -13.748 1.00 31.18 ? 19  TYR A C   1 
ATOM   145  O O   . TYR A 1 19  ? -0.234  0.064   -14.565 1.00 30.74 ? 19  TYR A O   1 
ATOM   146  C CB  . TYR A 1 19  ? -0.359  1.704   -11.746 1.00 29.80 ? 19  TYR A CB  1 
ATOM   147  C CG  . TYR A 1 19  ? 0.848   2.254   -12.475 1.00 34.11 ? 19  TYR A CG  1 
ATOM   148  C CD1 . TYR A 1 19  ? 0.707   3.229   -13.463 1.00 35.02 ? 19  TYR A CD1 1 
ATOM   149  C CD2 . TYR A 1 19  ? 2.130   1.784   -12.192 1.00 35.36 ? 19  TYR A CD2 1 
ATOM   150  C CE1 . TYR A 1 19  ? 1.813   3.722   -14.157 1.00 34.82 ? 19  TYR A CE1 1 
ATOM   151  C CE2 . TYR A 1 19  ? 3.242   2.267   -12.875 1.00 36.95 ? 19  TYR A CE2 1 
ATOM   152  C CZ  . TYR A 1 19  ? 3.077   3.236   -13.861 1.00 37.28 ? 19  TYR A CZ  1 
ATOM   153  O OH  . TYR A 1 19  ? 4.177   3.700   -14.552 1.00 37.85 ? 19  TYR A OH  1 
ATOM   154  N N   . ASN A 1 20  ? -2.341  0.698   -14.101 1.00 32.47 ? 20  ASN A N   1 
ATOM   155  C CA  . ASN A 1 20  ? -2.762  0.776   -15.493 1.00 32.88 ? 20  ASN A CA  1 
ATOM   156  C C   . ASN A 1 20  ? -3.455  2.120   -15.660 1.00 33.33 ? 20  ASN A C   1 
ATOM   157  O O   . ASN A 1 20  ? -4.472  2.381   -15.022 1.00 34.03 ? 20  ASN A O   1 
ATOM   158  C CB  . ASN A 1 20  ? -3.738  -0.356  -15.810 1.00 31.40 ? 20  ASN A CB  1 
ATOM   159  C CG  . ASN A 1 20  ? -4.203  -0.340  -17.249 1.00 29.90 ? 20  ASN A CG  1 
ATOM   160  O OD1 . ASN A 1 20  ? -4.659  0.684   -17.755 1.00 30.33 ? 20  ASN A OD1 1 
ATOM   161  N ND2 . ASN A 1 20  ? -4.103  -1.480  -17.912 1.00 30.27 ? 20  ASN A ND2 1 
ATOM   162  N N   . SER A 1 21  ? -2.905  2.967   -16.518 1.00 35.29 ? 21  SER A N   1 
ATOM   163  C CA  . SER A 1 21  ? -3.455  4.301   -16.738 1.00 37.10 ? 21  SER A CA  1 
ATOM   164  C C   . SER A 1 21  ? -4.923  4.354   -17.176 1.00 37.64 ? 21  SER A C   1 
ATOM   165  O O   . SER A 1 21  ? -5.534  5.418   -17.174 1.00 37.99 ? 21  SER A O   1 
ATOM   166  C CB  . SER A 1 21  ? -2.594  5.046   -17.757 1.00 40.07 ? 21  SER A CB  1 
ATOM   167  O OG  . SER A 1 21  ? -3.030  6.387   -17.894 1.00 42.64 ? 21  SER A OG  1 
ATOM   168  N N   . GLU A 1 22  ? -5.495  3.217   -17.555 1.00 37.96 ? 22  GLU A N   1 
ATOM   169  C CA  . GLU A 1 22  ? -6.889  3.198   -17.977 1.00 38.06 ? 22  GLU A CA  1 
ATOM   170  C C   . GLU A 1 22  ? -7.788  2.564   -16.924 1.00 37.40 ? 22  GLU A C   1 
ATOM   171  O O   . GLU A 1 22  ? -8.890  3.047   -16.672 1.00 39.23 ? 22  GLU A O   1 
ATOM   172  C CB  . GLU A 1 22  ? -7.036  2.438   -19.300 1.00 41.87 ? 22  GLU A CB  1 
ATOM   173  C CG  . GLU A 1 22  ? -6.232  3.042   -20.440 1.00 46.23 ? 22  GLU A CG  1 
ATOM   174  C CD  . GLU A 1 22  ? -6.288  2.212   -21.711 1.00 50.88 ? 22  GLU A CD  1 
ATOM   175  O OE1 . GLU A 1 22  ? -5.578  2.573   -22.675 1.00 53.10 ? 22  GLU A OE1 1 
ATOM   176  O OE2 . GLU A 1 22  ? -7.034  1.205   -21.751 1.00 52.26 ? 22  GLU A OE2 1 
ATOM   177  N N   . THR A 1 23  ? -7.313  1.492   -16.300 1.00 33.57 ? 23  THR A N   1 
ATOM   178  C CA  . THR A 1 23  ? -8.106  0.798   -15.295 1.00 31.49 ? 23  THR A CA  1 
ATOM   179  C C   . THR A 1 23  ? -7.794  1.198   -13.855 1.00 30.26 ? 23  THR A C   1 
ATOM   180  O O   . THR A 1 23  ? -8.276  2.221   -13.370 1.00 29.26 ? 23  THR A O   1 
ATOM   181  C CB  . THR A 1 23  ? -7.946  -0.725  -15.436 1.00 30.51 ? 23  THR A CB  1 
ATOM   182  O OG1 . THR A 1 23  ? -6.556  -1.060  -15.422 1.00 30.23 ? 23  THR A OG1 1 
ATOM   183  C CG2 . THR A 1 23  ? -8.563  -1.206  -16.736 1.00 29.06 ? 23  THR A CG2 1 
ATOM   184  N N   . ALA A 1 24  ? -6.986  0.401   -13.165 1.00 28.26 ? 24  ALA A N   1 
ATOM   185  C CA  . ALA A 1 24  ? -6.667  0.711   -11.776 1.00 27.29 ? 24  ALA A CA  1 
ATOM   186  C C   . ALA A 1 24  ? -5.374  0.052   -11.302 1.00 26.04 ? 24  ALA A C   1 
ATOM   187  O O   . ALA A 1 24  ? -4.589  -0.452  -12.102 1.00 29.22 ? 24  ALA A O   1 
ATOM   188  C CB  . ALA A 1 24  ? -7.833  0.294   -10.879 1.00 23.06 ? 24  ALA A CB  1 
ATOM   189  N N   . ILE A 1 25  ? -5.153  0.071   -9.996  1.00 24.00 ? 25  ILE A N   1 
ATOM   190  C CA  . ILE A 1 25  ? -3.958  -0.526  -9.424  1.00 23.45 ? 25  ILE A CA  1 
ATOM   191  C C   . ILE A 1 25  ? -4.035  -2.047  -9.489  1.00 22.92 ? 25  ILE A C   1 
ATOM   192  O O   . ILE A 1 25  ? -5.112  -2.629  -9.332  1.00 21.82 ? 25  ILE A O   1 
ATOM   193  C CB  . ILE A 1 25  ? -3.777  -0.114  -7.948  1.00 21.69 ? 25  ILE A CB  1 
ATOM   194  C CG1 . ILE A 1 25  ? -3.546  1.400   -7.851  1.00 22.31 ? 25  ILE A CG1 1 
ATOM   195  C CG2 . ILE A 1 25  ? -2.642  -0.911  -7.325  1.00 18.53 ? 25  ILE A CG2 1 
ATOM   196  C CD1 . ILE A 1 25  ? -2.308  1.898   -8.566  1.00 21.32 ? 25  ILE A CD1 1 
ATOM   197  N N   . GLY A 1 26  ? -2.882  -2.676  -9.712  1.00 22.30 ? 26  GLY A N   1 
ATOM   198  C CA  . GLY A 1 26  ? -2.815  -4.125  -9.784  1.00 24.33 ? 26  GLY A CA  1 
ATOM   199  C C   . GLY A 1 26  ? -2.152  -4.747  -8.564  1.00 25.36 ? 26  GLY A C   1 
ATOM   200  O O   . GLY A 1 26  ? -2.514  -4.424  -7.433  1.00 25.07 ? 26  GLY A O   1 
ATOM   201  N N   . GLY A 1 27  ? -1.186  -5.636  -8.797  1.00 24.54 ? 27  GLY A N   1 
ATOM   202  C CA  . GLY A 1 27  ? -0.487  -6.308  -7.712  1.00 24.79 ? 27  GLY A CA  1 
ATOM   203  C C   . GLY A 1 27  ? 0.383   -5.428  -6.825  1.00 24.28 ? 27  GLY A C   1 
ATOM   204  O O   . GLY A 1 27  ? 0.728   -4.310  -7.181  1.00 23.35 ? 27  GLY A O   1 
ATOM   205  N N   . LEU A 1 28  ? 0.751   -5.950  -5.662  1.00 24.27 ? 28  LEU A N   1 
ATOM   206  C CA  . LEU A 1 28  ? 1.564   -5.206  -4.704  1.00 23.99 ? 28  LEU A CA  1 
ATOM   207  C C   . LEU A 1 28  ? 2.486   -6.137  -3.931  1.00 23.73 ? 28  LEU A C   1 
ATOM   208  O O   . LEU A 1 28  ? 2.074   -7.218  -3.509  1.00 24.47 ? 28  LEU A O   1 
ATOM   209  C CB  . LEU A 1 28  ? 0.647   -4.469  -3.721  1.00 24.44 ? 28  LEU A CB  1 
ATOM   210  C CG  . LEU A 1 28  ? 1.236   -3.922  -2.420  1.00 25.47 ? 28  LEU A CG  1 
ATOM   211  C CD1 . LEU A 1 28  ? 1.877   -2.566  -2.649  1.00 24.59 ? 28  LEU A CD1 1 
ATOM   212  C CD2 . LEU A 1 28  ? 0.126   -3.800  -1.401  1.00 25.95 ? 28  LEU A CD2 1 
ATOM   213  N N   . ARG A 1 29  ? 3.732   -5.716  -3.749  1.00 23.39 ? 29  ARG A N   1 
ATOM   214  C CA  . ARG A 1 29  ? 4.703   -6.509  -2.994  1.00 25.38 ? 29  ARG A CA  1 
ATOM   215  C C   . ARG A 1 29  ? 5.576   -5.552  -2.207  1.00 24.43 ? 29  ARG A C   1 
ATOM   216  O O   . ARG A 1 29  ? 6.256   -4.698  -2.776  1.00 25.28 ? 29  ARG A O   1 
ATOM   217  C CB  . ARG A 1 29  ? 5.567   -7.354  -3.924  1.00 27.71 ? 29  ARG A CB  1 
ATOM   218  C CG  . ARG A 1 29  ? 6.498   -8.309  -3.198  1.00 32.84 ? 29  ARG A CG  1 
ATOM   219  C CD  . ARG A 1 29  ? 7.164   -9.257  -4.177  1.00 36.01 ? 29  ARG A CD  1 
ATOM   220  N NE  . ARG A 1 29  ? 8.035   -10.221 -3.512  1.00 43.41 ? 29  ARG A NE  1 
ATOM   221  C CZ  . ARG A 1 29  ? 8.618   -11.248 -4.125  1.00 46.78 ? 29  ARG A CZ  1 
ATOM   222  N NH1 . ARG A 1 29  ? 8.420   -11.450 -5.425  1.00 47.17 ? 29  ARG A NH1 1 
ATOM   223  N NH2 . ARG A 1 29  ? 9.414   -12.068 -3.445  1.00 48.62 ? 29  ARG A NH2 1 
ATOM   224  N N   . VAL A 1 30  ? 5.555   -5.703  -0.890  1.00 23.90 ? 30  VAL A N   1 
ATOM   225  C CA  . VAL A 1 30  ? 6.307   -4.823  -0.015  1.00 22.08 ? 30  VAL A CA  1 
ATOM   226  C C   . VAL A 1 30  ? 7.521   -5.489  0.620   1.00 23.74 ? 30  VAL A C   1 
ATOM   227  O O   . VAL A 1 30  ? 7.462   -6.638  1.056   1.00 23.28 ? 30  VAL A O   1 
ATOM   228  C CB  . VAL A 1 30  ? 5.401   -4.300  1.127   1.00 22.09 ? 30  VAL A CB  1 
ATOM   229  C CG1 . VAL A 1 30  ? 6.179   -3.341  2.021   1.00 19.31 ? 30  VAL A CG1 1 
ATOM   230  C CG2 . VAL A 1 30  ? 4.153   -3.627  0.541   1.00 19.65 ? 30  VAL A CG2 1 
ATOM   231  N N   . THR A 1 31  ? 8.624   -4.756  0.658   1.00 23.68 ? 31  THR A N   1 
ATOM   232  C CA  . THR A 1 31  ? 9.832   -5.237  1.306   1.00 24.65 ? 31  THR A CA  1 
ATOM   233  C C   . THR A 1 31  ? 9.967   -4.364  2.546   1.00 23.46 ? 31  THR A C   1 
ATOM   234  O O   . THR A 1 31  ? 10.261  -3.169  2.451   1.00 22.67 ? 31  THR A O   1 
ATOM   235  C CB  . THR A 1 31  ? 11.090  -5.053  0.441   1.00 26.66 ? 31  THR A CB  1 
ATOM   236  O OG1 . THR A 1 31  ? 10.979  -5.843  -0.752  1.00 28.24 ? 31  THR A OG1 1 
ATOM   237  C CG2 . THR A 1 31  ? 12.331  -5.489  1.236   1.00 27.11 ? 31  THR A CG2 1 
ATOM   238  N N   . TYR A 1 32  ? 9.732   -4.968  3.703   1.00 22.41 ? 32  TYR A N   1 
ATOM   239  C CA  . TYR A 1 32  ? 9.794   -4.262  4.975   1.00 24.41 ? 32  TYR A CA  1 
ATOM   240  C C   . TYR A 1 32  ? 11.175  -4.365  5.604   1.00 25.23 ? 32  TYR A C   1 
ATOM   241  O O   . TYR A 1 32  ? 12.077  -5.013  5.076   1.00 25.50 ? 32  TYR A O   1 
ATOM   242  C CB  . TYR A 1 32  ? 8.805   -4.889  5.966   1.00 22.13 ? 32  TYR A CB  1 
ATOM   243  C CG  . TYR A 1 32  ? 7.358   -4.901  5.535   1.00 22.17 ? 32  TYR A CG  1 
ATOM   244  C CD1 . TYR A 1 32  ? 6.528   -3.807  5.773   1.00 19.45 ? 32  TYR A CD1 1 
ATOM   245  C CD2 . TYR A 1 32  ? 6.813   -6.014  4.897   1.00 21.71 ? 32  TYR A CD2 1 
ATOM   246  C CE1 . TYR A 1 32  ? 5.192   -3.824  5.382   1.00 20.02 ? 32  TYR A CE1 1 
ATOM   247  C CE2 . TYR A 1 32  ? 5.479   -6.041  4.503   1.00 19.92 ? 32  TYR A CE2 1 
ATOM   248  C CZ  . TYR A 1 32  ? 4.677   -4.943  4.746   1.00 20.01 ? 32  TYR A CZ  1 
ATOM   249  O OH  . TYR A 1 32  ? 3.369   -4.958  4.323   1.00 20.44 ? 32  TYR A OH  1 
ATOM   250  N N   . ASP A 1 33  ? 11.337  -3.697  6.737   1.00 26.60 ? 33  ASP A N   1 
ATOM   251  C CA  . ASP A 1 33  ? 12.575  -3.837  7.488   1.00 26.88 ? 33  ASP A CA  1 
ATOM   252  C C   . ASP A 1 33  ? 12.112  -4.569  8.731   1.00 26.11 ? 33  ASP A C   1 
ATOM   253  O O   . ASP A 1 33  ? 11.096  -4.213  9.330   1.00 26.32 ? 33  ASP A O   1 
ATOM   254  C CB  . ASP A 1 33  ? 13.197  -2.508  7.913   1.00 28.16 ? 33  ASP A CB  1 
ATOM   255  C CG  . ASP A 1 33  ? 14.370  -2.709  8.887   1.00 31.14 ? 33  ASP A CG  1 
ATOM   256  O OD1 . ASP A 1 33  ? 14.159  -2.668  10.122  1.00 30.59 ? 33  ASP A OD1 1 
ATOM   257  O OD2 . ASP A 1 33  ? 15.504  -2.941  8.418   1.00 26.50 ? 33  ASP A OD2 1 
ATOM   258  N N   . LEU A 1 34  ? 12.824  -5.628  9.082   1.00 26.38 ? 34  LEU A N   1 
ATOM   259  C CA  . LEU A 1 34  ? 12.500  -6.388  10.267  1.00 26.29 ? 34  LEU A CA  1 
ATOM   260  C C   . LEU A 1 34  ? 13.728  -6.324  11.157  1.00 27.20 ? 34  LEU A C   1 
ATOM   261  O O   . LEU A 1 34  ? 14.723  -7.004  10.916  1.00 27.03 ? 34  LEU A O   1 
ATOM   262  C CB  . LEU A 1 34  ? 12.169  -7.840  9.915   1.00 24.80 ? 34  LEU A CB  1 
ATOM   263  C CG  . LEU A 1 34  ? 11.841  -8.739  11.116  1.00 25.98 ? 34  LEU A CG  1 
ATOM   264  C CD1 . LEU A 1 34  ? 10.726  -8.113  11.941  1.00 24.31 ? 34  LEU A CD1 1 
ATOM   265  C CD2 . LEU A 1 34  ? 11.442  -10.126 10.641  1.00 23.50 ? 34  LEU A CD2 1 
ATOM   266  N N   . ASN A 1 35  ? 13.668  -5.463  12.162  1.00 28.46 ? 35  ASN A N   1 
ATOM   267  C CA  . ASN A 1 35  ? 14.766  -5.312  13.103  1.00 29.97 ? 35  ASN A CA  1 
ATOM   268  C C   . ASN A 1 35  ? 16.124  -5.112  12.439  1.00 31.06 ? 35  ASN A C   1 
ATOM   269  O O   . ASN A 1 35  ? 17.123  -5.684  12.867  1.00 31.70 ? 35  ASN A O   1 
ATOM   270  C CB  . ASN A 1 35  ? 14.794  -6.527  14.029  1.00 29.95 ? 35  ASN A CB  1 
ATOM   271  C CG  . ASN A 1 35  ? 13.501  -6.682  14.804  1.00 30.78 ? 35  ASN A CG  1 
ATOM   272  O OD1 . ASN A 1 35  ? 12.927  -7.770  14.881  1.00 32.61 ? 35  ASN A OD1 1 
ATOM   273  N ND2 . ASN A 1 35  ? 13.030  -5.584  15.380  1.00 29.57 ? 35  ASN A ND2 1 
ATOM   274  N N   . GLY A 1 36  ? 16.152  -4.301  11.387  1.00 31.68 ? 36  GLY A N   1 
ATOM   275  C CA  . GLY A 1 36  ? 17.399  -4.020  10.704  1.00 32.58 ? 36  GLY A CA  1 
ATOM   276  C C   . GLY A 1 36  ? 17.697  -4.843  9.468   1.00 33.67 ? 36  GLY A C   1 
ATOM   277  O O   . GLY A 1 36  ? 18.627  -4.532  8.730   1.00 34.59 ? 36  GLY A O   1 
ATOM   278  N N   . MET A 1 37  ? 16.921  -5.891  9.235   1.00 36.16 ? 37  MET A N   1 
ATOM   279  C CA  . MET A 1 37  ? 17.142  -6.737  8.071   1.00 37.61 ? 37  MET A CA  1 
ATOM   280  C C   . MET A 1 37  ? 16.002  -6.631  7.076   1.00 37.25 ? 37  MET A C   1 
ATOM   281  O O   . MET A 1 37  ? 14.856  -6.376  7.448   1.00 35.43 ? 37  MET A O   1 
ATOM   282  C CB  . MET A 1 37  ? 17.277  -8.205  8.476   1.00 41.93 ? 37  MET A CB  1 
ATOM   283  C CG  . MET A 1 37  ? 18.444  -8.526  9.386   1.00 46.86 ? 37  MET A CG  1 
ATOM   284  S SD  . MET A 1 37  ? 18.562  -10.321 9.650   1.00 56.78 ? 37  MET A SD  1 
ATOM   285  C CE  . MET A 1 37  ? 16.816  -10.744 10.008  1.00 53.08 ? 37  MET A CE  1 
ATOM   286  N N   . PRO A 1 38  ? 16.307  -6.819  5.785   1.00 36.95 ? 38  PRO A N   1 
ATOM   287  C CA  . PRO A 1 38  ? 15.273  -6.748  4.752   1.00 34.55 ? 38  PRO A CA  1 
ATOM   288  C C   . PRO A 1 38  ? 14.338  -7.939  4.911   1.00 32.20 ? 38  PRO A C   1 
ATOM   289  O O   . PRO A 1 38  ? 14.776  -9.043  5.242   1.00 31.60 ? 38  PRO A O   1 
ATOM   290  C CB  . PRO A 1 38  ? 16.078  -6.828  3.453   1.00 35.35 ? 38  PRO A CB  1 
ATOM   291  C CG  . PRO A 1 38  ? 17.394  -6.213  3.836   1.00 37.79 ? 38  PRO A CG  1 
ATOM   292  C CD  . PRO A 1 38  ? 17.651  -6.844  5.178   1.00 35.98 ? 38  PRO A CD  1 
ATOM   293  N N   . PHE A 1 39  ? 13.049  -7.716  4.706   1.00 31.03 ? 39  PHE A N   1 
ATOM   294  C CA  . PHE A 1 39  ? 12.095  -8.805  4.801   1.00 30.31 ? 39  PHE A CA  1 
ATOM   295  C C   . PHE A 1 39  ? 11.059  -8.613  3.716   1.00 31.71 ? 39  PHE A C   1 
ATOM   296  O O   . PHE A 1 39  ? 10.113  -7.833  3.862   1.00 30.79 ? 39  PHE A O   1 
ATOM   297  C CB  . PHE A 1 39  ? 11.436  -8.847  6.183   1.00 29.78 ? 39  PHE A CB  1 
ATOM   298  C CG  . PHE A 1 39  ? 10.568  -10.059 6.402   1.00 29.70 ? 39  PHE A CG  1 
ATOM   299  C CD1 . PHE A 1 39  ? 9.314   -10.155 5.801   1.00 30.29 ? 39  PHE A CD1 1 
ATOM   300  C CD2 . PHE A 1 39  ? 11.015  -11.116 7.182   1.00 29.91 ? 39  PHE A CD2 1 
ATOM   301  C CE1 . PHE A 1 39  ? 8.520   -11.295 5.974   1.00 28.71 ? 39  PHE A CE1 1 
ATOM   302  C CE2 . PHE A 1 39  ? 10.227  -12.263 7.361   1.00 30.74 ? 39  PHE A CE2 1 
ATOM   303  C CZ  . PHE A 1 39  ? 8.980   -12.347 6.756   1.00 28.84 ? 39  PHE A CZ  1 
ATOM   304  N N   . VAL A 1 40  ? 11.255  -9.323  2.611   1.00 33.43 ? 40  VAL A N   1 
ATOM   305  C CA  . VAL A 1 40  ? 10.336  -9.229  1.484   1.00 34.26 ? 40  VAL A CA  1 
ATOM   306  C C   . VAL A 1 40  ? 9.079   -10.057 1.736   1.00 33.25 ? 40  VAL A C   1 
ATOM   307  O O   . VAL A 1 40  ? 9.125   -11.285 1.792   1.00 33.78 ? 40  VAL A O   1 
ATOM   308  C CB  . VAL A 1 40  ? 11.029  -9.680  0.173   1.00 34.63 ? 40  VAL A CB  1 
ATOM   309  C CG1 . VAL A 1 40  ? 11.808  -10.955 0.409   1.00 36.38 ? 40  VAL A CG1 1 
ATOM   310  C CG2 . VAL A 1 40  ? 9.993   -9.883  -0.925  1.00 35.87 ? 40  VAL A CG2 1 
ATOM   311  N N   . ALA A 1 41  ? 7.958   -9.367  1.910   1.00 31.74 ? 41  ALA A N   1 
ATOM   312  C CA  . ALA A 1 41  ? 6.685   -10.029 2.156   1.00 30.16 ? 41  ALA A CA  1 
ATOM   313  C C   . ALA A 1 41  ? 6.253   -10.729 0.875   1.00 29.85 ? 41  ALA A C   1 
ATOM   314  O O   . ALA A 1 41  ? 6.848   -10.525 -0.182  1.00 28.66 ? 41  ALA A O   1 
ATOM   315  C CB  . ALA A 1 41  ? 5.632   -9.005  2.579   1.00 27.93 ? 41  ALA A CB  1 
ATOM   316  N N   . GLU A 1 42  ? 5.209   -11.541 0.964   1.00 31.34 ? 42  GLU A N   1 
ATOM   317  C CA  . GLU A 1 42  ? 4.737   -12.265 -0.207  1.00 33.42 ? 42  GLU A CA  1 
ATOM   318  C C   . GLU A 1 42  ? 4.144   -11.326 -1.258  1.00 33.05 ? 42  GLU A C   1 
ATOM   319  O O   . GLU A 1 42  ? 3.575   -10.275 -0.936  1.00 32.36 ? 42  GLU A O   1 
ATOM   320  C CB  . GLU A 1 42  ? 3.709   -13.320 0.205   1.00 35.29 ? 42  GLU A CB  1 
ATOM   321  C CG  . GLU A 1 42  ? 2.309   -12.792 0.365   1.00 39.94 ? 42  GLU A CG  1 
ATOM   322  C CD  . GLU A 1 42  ? 1.455   -13.666 1.258   1.00 43.39 ? 42  GLU A CD  1 
ATOM   323  O OE1 . GLU A 1 42  ? 0.211   -13.566 1.177   1.00 43.62 ? 42  GLU A OE1 1 
ATOM   324  O OE2 . GLU A 1 42  ? 2.026   -14.446 2.056   1.00 43.69 ? 42  GLU A OE2 1 
ATOM   325  N N   . ASP A 1 43  ? 4.300   -11.711 -2.519  1.00 31.65 ? 43  ASP A N   1 
ATOM   326  C CA  . ASP A 1 43  ? 3.802   -10.928 -3.636  1.00 31.19 ? 43  ASP A CA  1 
ATOM   327  C C   . ASP A 1 43  ? 2.302   -11.128 -3.756  1.00 30.63 ? 43  ASP A C   1 
ATOM   328  O O   . ASP A 1 43  ? 1.827   -12.254 -3.912  1.00 30.15 ? 43  ASP A O   1 
ATOM   329  C CB  . ASP A 1 43  ? 4.489   -11.374 -4.929  1.00 33.37 ? 43  ASP A CB  1 
ATOM   330  C CG  . ASP A 1 43  ? 4.137   -10.497 -6.123  1.00 35.77 ? 43  ASP A CG  1 
ATOM   331  O OD1 . ASP A 1 43  ? 4.631   -10.794 -7.230  1.00 37.57 ? 43  ASP A OD1 1 
ATOM   332  O OD2 . ASP A 1 43  ? 3.379   -9.514  -5.962  1.00 35.98 ? 43  ASP A OD2 1 
ATOM   333  N N   . HIS A 1 44  ? 1.557   -10.036 -3.663  1.00 28.63 ? 44  HIS A N   1 
ATOM   334  C CA  . HIS A 1 44  ? 0.110   -10.096 -3.786  1.00 28.24 ? 44  HIS A CA  1 
ATOM   335  C C   . HIS A 1 44  ? -0.171  -9.681  -5.221  1.00 29.93 ? 44  HIS A C   1 
ATOM   336  O O   . HIS A 1 44  ? -0.184  -8.495  -5.559  1.00 29.12 ? 44  HIS A O   1 
ATOM   337  C CB  . HIS A 1 44  ? -0.518  -9.144  -2.782  1.00 28.60 ? 44  HIS A CB  1 
ATOM   338  C CG  . HIS A 1 44  ? 0.028   -9.305  -1.399  1.00 27.18 ? 44  HIS A CG  1 
ATOM   339  N ND1 . HIS A 1 44  ? -0.176  -10.440 -0.646  1.00 27.26 ? 44  HIS A ND1 1 
ATOM   340  C CD2 . HIS A 1 44  ? 0.816   -8.495  -0.651  1.00 28.25 ? 44  HIS A CD2 1 
ATOM   341  C CE1 . HIS A 1 44  ? 0.461   -10.323 0.506   1.00 27.59 ? 44  HIS A CE1 1 
ATOM   342  N NE2 . HIS A 1 44  ? 1.070   -9.153  0.527   1.00 30.07 ? 44  HIS A NE2 1 
ATOM   343  N N   . LYS A 1 45  ? -0.384  -10.680 -6.069  1.00 29.56 ? 45  LYS A N   1 
ATOM   344  C CA  . LYS A 1 45  ? -0.598  -10.437 -7.483  1.00 30.05 ? 45  LYS A CA  1 
ATOM   345  C C   . LYS A 1 45  ? -2.019  -10.276 -7.983  1.00 29.60 ? 45  LYS A C   1 
ATOM   346  O O   . LYS A 1 45  ? -2.989  -10.763 -7.384  1.00 26.61 ? 45  LYS A O   1 
ATOM   347  C CB  . LYS A 1 45  ? 0.076   -11.545 -8.289  1.00 31.57 ? 45  LYS A CB  1 
ATOM   348  C CG  . LYS A 1 45  ? 1.570   -11.605 -8.090  1.00 33.10 ? 45  LYS A CG  1 
ATOM   349  C CD  . LYS A 1 45  ? 2.188   -12.730 -8.889  1.00 36.27 ? 45  LYS A CD  1 
ATOM   350  C CE  . LYS A 1 45  ? 1.670   -14.070 -8.425  1.00 35.14 ? 45  LYS A CE  1 
ATOM   351  N NZ  . LYS A 1 45  ? 2.284   -15.160 -9.219  1.00 40.15 ? 45  LYS A NZ  1 
ATOM   352  N N   . SER A 1 46  ? -2.121  -9.573  -9.102  1.00 28.79 ? 46  SER A N   1 
ATOM   353  C CA  . SER A 1 46  ? -3.398  -9.357  -9.756  1.00 29.73 ? 46  SER A CA  1 
ATOM   354  C C   . SER A 1 46  ? -3.753  -10.670 -10.433 1.00 28.48 ? 46  SER A C   1 
ATOM   355  O O   . SER A 1 46  ? -2.882  -11.491 -10.695 1.00 27.02 ? 46  SER A O   1 
ATOM   356  C CB  . SER A 1 46  ? -3.268  -8.269  -10.813 1.00 29.74 ? 46  SER A CB  1 
ATOM   357  O OG  . SER A 1 46  ? -4.369  -8.317  -11.698 1.00 33.31 ? 46  SER A OG  1 
ATOM   358  N N   . PHE A 1 47  ? -5.034  -10.870 -10.702 1.00 29.29 ? 47  PHE A N   1 
ATOM   359  C CA  . PHE A 1 47  ? -5.484  -12.079 -11.374 1.00 28.30 ? 47  PHE A CA  1 
ATOM   360  C C   . PHE A 1 47  ? -5.145  -11.982 -12.855 1.00 29.23 ? 47  PHE A C   1 
ATOM   361  O O   . PHE A 1 47  ? -5.070  -12.997 -13.550 1.00 29.78 ? 47  PHE A O   1 
ATOM   362  C CB  . PHE A 1 47  ? -6.999  -12.239 -11.216 1.00 28.09 ? 47  PHE A CB  1 
ATOM   363  C CG  . PHE A 1 47  ? -7.431  -12.625 -9.829  1.00 27.09 ? 47  PHE A CG  1 
ATOM   364  C CD1 . PHE A 1 47  ? -8.782  -12.804 -9.538  1.00 26.51 ? 47  PHE A CD1 1 
ATOM   365  C CD2 . PHE A 1 47  ? -6.492  -12.834 -8.819  1.00 22.06 ? 47  PHE A CD2 1 
ATOM   366  C CE1 . PHE A 1 47  ? -9.192  -13.188 -8.258  1.00 26.49 ? 47  PHE A CE1 1 
ATOM   367  C CE2 . PHE A 1 47  ? -6.886  -13.214 -7.544  1.00 23.70 ? 47  PHE A CE2 1 
ATOM   368  C CZ  . PHE A 1 47  ? -8.241  -13.393 -7.261  1.00 26.29 ? 47  PHE A CZ  1 
ATOM   369  N N   . ILE A 1 48  ? -4.934  -10.751 -13.323 1.00 29.34 ? 48  ILE A N   1 
ATOM   370  C CA  . ILE A 1 48  ? -4.645  -10.484 -14.727 1.00 29.47 ? 48  ILE A CA  1 
ATOM   371  C C   . ILE A 1 48  ? -3.319  -9.767  -14.938 1.00 30.80 ? 48  ILE A C   1 
ATOM   372  O O   . ILE A 1 48  ? -2.628  -9.424  -13.982 1.00 32.28 ? 48  ILE A O   1 
ATOM   373  C CB  . ILE A 1 48  ? -5.760  -9.615  -15.355 1.00 29.65 ? 48  ILE A CB  1 
ATOM   374  C CG1 . ILE A 1 48  ? -5.716  -8.201  -14.765 1.00 27.85 ? 48  ILE A CG1 1 
ATOM   375  C CG2 . ILE A 1 48  ? -7.115  -10.241 -15.082 1.00 27.07 ? 48  ILE A CG2 1 
ATOM   376  C CD1 . ILE A 1 48  ? -6.663  -7.218  -15.418 1.00 28.95 ? 48  ILE A CD1 1 
ATOM   377  N N   . THR A 1 49  ? -2.978  -9.537  -16.204 1.00 30.86 ? 49  THR A N   1 
ATOM   378  C CA  . THR A 1 49  ? -1.740  -8.858  -16.564 1.00 30.81 ? 49  THR A CA  1 
ATOM   379  C C   . THR A 1 49  ? -2.063  -7.603  -17.362 1.00 31.19 ? 49  THR A C   1 
ATOM   380  O O   . THR A 1 49  ? -3.222  -7.217  -17.461 1.00 32.86 ? 49  THR A O   1 
ATOM   381  C CB  . THR A 1 49  ? -0.837  -9.767  -17.416 1.00 31.99 ? 49  THR A CB  1 
ATOM   382  O OG1 . THR A 1 49  ? 0.360   -9.060  -17.764 1.00 35.37 ? 49  THR A OG1 1 
ATOM   383  C CG2 . THR A 1 49  ? -1.566  -10.198 -18.700 1.00 29.52 ? 49  THR A CG2 1 
ATOM   384  N N   . GLY A 1 50  ? -1.039  -6.971  -17.928 1.00 31.23 ? 50  GLY A N   1 
ATOM   385  C CA  . GLY A 1 50  ? -1.250  -5.770  -18.719 1.00 32.30 ? 50  GLY A CA  1 
ATOM   386  C C   . GLY A 1 50  ? -0.981  -4.490  -17.949 1.00 33.41 ? 50  GLY A C   1 
ATOM   387  O O   . GLY A 1 50  ? -1.424  -3.414  -18.345 1.00 33.18 ? 50  GLY A O   1 
ATOM   388  N N   . PHE A 1 51  ? -0.237  -4.603  -16.857 1.00 34.21 ? 51  PHE A N   1 
ATOM   389  C CA  . PHE A 1 51  ? 0.071   -3.450  -16.021 1.00 35.13 ? 51  PHE A CA  1 
ATOM   390  C C   . PHE A 1 51  ? 1.484   -2.953  -16.233 1.00 37.78 ? 51  PHE A C   1 
ATOM   391  O O   . PHE A 1 51  ? 2.270   -3.555  -16.958 1.00 39.04 ? 51  PHE A O   1 
ATOM   392  C CB  . PHE A 1 51  ? -0.060  -3.814  -14.542 1.00 32.49 ? 51  PHE A CB  1 
ATOM   393  C CG  . PHE A 1 51  ? -1.432  -4.245  -14.132 1.00 30.03 ? 51  PHE A CG  1 
ATOM   394  C CD1 . PHE A 1 51  ? -2.409  -3.305  -13.823 1.00 29.70 ? 51  PHE A CD1 1 
ATOM   395  C CD2 . PHE A 1 51  ? -1.738  -5.595  -14.010 1.00 27.31 ? 51  PHE A CD2 1 
ATOM   396  C CE1 . PHE A 1 51  ? -3.677  -3.705  -13.389 1.00 29.59 ? 51  PHE A CE1 1 
ATOM   397  C CE2 . PHE A 1 51  ? -2.998  -6.007  -13.578 1.00 28.40 ? 51  PHE A CE2 1 
ATOM   398  C CZ  . PHE A 1 51  ? -3.969  -5.060  -13.267 1.00 29.03 ? 51  PHE A CZ  1 
ATOM   399  N N   . LYS A 1 52  ? 1.787   -1.843  -15.568 1.00 40.36 ? 52  LYS A N   1 
ATOM   400  C CA  . LYS A 1 52  ? 3.109   -1.242  -15.588 1.00 41.90 ? 52  LYS A CA  1 
ATOM   401  C C   . LYS A 1 52  ? 3.583   -1.330  -14.137 1.00 42.07 ? 52  LYS A C   1 
ATOM   402  O O   . LYS A 1 52  ? 2.854   -0.951  -13.219 1.00 42.23 ? 52  LYS A O   1 
ATOM   403  C CB  . LYS A 1 52  ? 3.037   0.221   -16.022 1.00 43.12 ? 52  LYS A CB  1 
ATOM   404  C CG  . LYS A 1 52  ? 2.613   0.421   -17.467 1.00 47.47 ? 52  LYS A CG  1 
ATOM   405  C CD  . LYS A 1 52  ? 2.642   1.896   -17.842 1.00 48.86 ? 52  LYS A CD  1 
ATOM   406  C CE  . LYS A 1 52  ? 4.043   2.474   -17.710 1.00 50.12 ? 52  LYS A CE  1 
ATOM   407  N NZ  . LYS A 1 52  ? 4.073   3.946   -17.967 1.00 51.88 ? 52  LYS A NZ  1 
ATOM   408  N N   . PRO A 1 53  ? 4.780   -1.888  -13.905 1.00 42.92 ? 53  PRO A N   1 
ATOM   409  C CA  . PRO A 1 53  ? 5.240   -1.971  -12.515 1.00 42.27 ? 53  PRO A CA  1 
ATOM   410  C C   . PRO A 1 53  ? 6.122   -0.798  -12.097 1.00 42.14 ? 53  PRO A C   1 
ATOM   411  O O   . PRO A 1 53  ? 6.968   -0.336  -12.863 1.00 42.75 ? 53  PRO A O   1 
ATOM   412  C CB  . PRO A 1 53  ? 6.008   -3.294  -12.477 1.00 41.50 ? 53  PRO A CB  1 
ATOM   413  C CG  . PRO A 1 53  ? 5.427   -4.077  -13.620 1.00 42.51 ? 53  PRO A CG  1 
ATOM   414  C CD  . PRO A 1 53  ? 5.330   -3.013  -14.682 1.00 44.25 ? 53  PRO A CD  1 
ATOM   415  N N   . VAL A 1 54  ? 5.904   -0.310  -10.882 1.00 39.82 ? 54  VAL A N   1 
ATOM   416  C CA  . VAL A 1 54  ? 6.705   0.784   -10.351 1.00 39.09 ? 54  VAL A CA  1 
ATOM   417  C C   . VAL A 1 54  ? 7.402   0.246   -9.108  1.00 38.72 ? 54  VAL A C   1 
ATOM   418  O O   . VAL A 1 54  ? 6.787   -0.441  -8.283  1.00 37.75 ? 54  VAL A O   1 
ATOM   419  C CB  . VAL A 1 54  ? 5.840   2.004   -9.966  1.00 38.71 ? 54  VAL A CB  1 
ATOM   420  C CG1 . VAL A 1 54  ? 4.802   1.604   -8.937  1.00 38.59 ? 54  VAL A CG1 1 
ATOM   421  C CG2 . VAL A 1 54  ? 6.731   3.120   -9.423  1.00 37.99 ? 54  VAL A CG2 1 
ATOM   422  N N   . LYS A 1 55  ? 8.690   0.535   -8.985  1.00 38.19 ? 55  LYS A N   1 
ATOM   423  C CA  . LYS A 1 55  ? 9.450   0.063   -7.840  1.00 38.75 ? 55  LYS A CA  1 
ATOM   424  C C   . LYS A 1 55  ? 9.986   1.225   -7.033  1.00 37.59 ? 55  LYS A C   1 
ATOM   425  O O   . LYS A 1 55  ? 10.868  1.958   -7.482  1.00 38.12 ? 55  LYS A O   1 
ATOM   426  C CB  . LYS A 1 55  ? 10.590  -0.843  -8.307  1.00 41.06 ? 55  LYS A CB  1 
ATOM   427  C CG  . LYS A 1 55  ? 10.101  -2.176  -8.878  1.00 45.95 ? 55  LYS A CG  1 
ATOM   428  C CD  . LYS A 1 55  ? 11.198  -2.941  -9.613  1.00 49.39 ? 55  LYS A CD  1 
ATOM   429  C CE  . LYS A 1 55  ? 12.392  -3.235  -8.716  1.00 52.19 ? 55  LYS A CE  1 
ATOM   430  N NZ  . LYS A 1 55  ? 13.475  -3.949  -9.456  1.00 53.43 ? 55  LYS A NZ  1 
ATOM   431  N N   . ILE A 1 56  ? 9.428   1.405   -5.844  1.00 35.77 ? 56  ILE A N   1 
ATOM   432  C CA  . ILE A 1 56  ? 9.857   2.476   -4.964  1.00 33.10 ? 56  ILE A CA  1 
ATOM   433  C C   . ILE A 1 56  ? 10.759  1.865   -3.899  1.00 33.59 ? 56  ILE A C   1 
ATOM   434  O O   . ILE A 1 56  ? 10.293  1.144   -3.018  1.00 31.46 ? 56  ILE A O   1 
ATOM   435  C CB  . ILE A 1 56  ? 8.652   3.160   -4.279  1.00 32.92 ? 56  ILE A CB  1 
ATOM   436  C CG1 . ILE A 1 56  ? 7.693   3.712   -5.335  1.00 30.52 ? 56  ILE A CG1 1 
ATOM   437  C CG2 . ILE A 1 56  ? 9.136   4.298   -3.389  1.00 32.35 ? 56  ILE A CG2 1 
ATOM   438  C CD1 . ILE A 1 56  ? 6.401   4.267   -4.763  1.00 31.08 ? 56  ILE A CD1 1 
ATOM   439  N N   . SER A 1 57  ? 12.056  2.132   -3.999  1.00 33.41 ? 57  SER A N   1 
ATOM   440  C CA  . SER A 1 57  ? 13.009  1.610   -3.028  1.00 34.71 ? 57  SER A CA  1 
ATOM   441  C C   . SER A 1 57  ? 13.430  2.766   -2.135  1.00 33.18 ? 57  SER A C   1 
ATOM   442  O O   . SER A 1 57  ? 14.254  3.591   -2.519  1.00 32.92 ? 57  SER A O   1 
ATOM   443  C CB  . SER A 1 57  ? 14.218  1.016   -3.746  1.00 35.12 ? 57  SER A CB  1 
ATOM   444  O OG  . SER A 1 57  ? 14.784  1.973   -4.613  1.00 39.57 ? 57  SER A OG  1 
ATOM   445  N N   . LEU A 1 58  ? 12.854  2.822   -0.942  1.00 32.46 ? 58  LEU A N   1 
ATOM   446  C CA  . LEU A 1 58  ? 13.149  3.908   -0.019  1.00 31.62 ? 58  LEU A CA  1 
ATOM   447  C C   . LEU A 1 58  ? 14.557  3.841   0.549   1.00 31.27 ? 58  LEU A C   1 
ATOM   448  O O   . LEU A 1 58  ? 15.133  2.762   0.705   1.00 31.67 ? 58  LEU A O   1 
ATOM   449  C CB  . LEU A 1 58  ? 12.127  3.914   1.120   1.00 29.92 ? 58  LEU A CB  1 
ATOM   450  C CG  . LEU A 1 58  ? 10.659  4.038   0.712   1.00 28.60 ? 58  LEU A CG  1 
ATOM   451  C CD1 . LEU A 1 58  ? 9.766   3.851   1.934   1.00 28.62 ? 58  LEU A CD1 1 
ATOM   452  C CD2 . LEU A 1 58  ? 10.419  5.390   0.069   1.00 26.02 ? 58  LEU A CD2 1 
ATOM   453  N N   . GLU A 1 59  ? 15.092  5.016   0.853   1.00 30.66 ? 59  GLU A N   1 
ATOM   454  C CA  . GLU A 1 59  ? 16.426  5.171   1.419   1.00 31.22 ? 59  GLU A CA  1 
ATOM   455  C C   . GLU A 1 59  ? 16.340  4.997   2.941   1.00 29.60 ? 59  GLU A C   1 
ATOM   456  O O   . GLU A 1 59  ? 16.593  5.931   3.700   1.00 28.82 ? 59  GLU A O   1 
ATOM   457  C CB  . GLU A 1 59  ? 16.942  6.565   1.073   1.00 33.45 ? 59  GLU A CB  1 
ATOM   458  C CG  . GLU A 1 59  ? 18.417  6.645   0.790   1.00 39.23 ? 59  GLU A CG  1 
ATOM   459  C CD  . GLU A 1 59  ? 19.256  6.349   2.004   1.00 41.61 ? 59  GLU A CD  1 
ATOM   460  O OE1 . GLU A 1 59  ? 19.215  5.198   2.495   1.00 42.43 ? 59  GLU A OE1 1 
ATOM   461  O OE2 . GLU A 1 59  ? 19.958  7.274   2.467   1.00 45.61 ? 59  GLU A OE2 1 
ATOM   462  N N   . PHE A 1 60  ? 15.966  3.791   3.361   1.00 29.35 ? 60  PHE A N   1 
ATOM   463  C CA  . PHE A 1 60  ? 15.803  3.421   4.770   1.00 30.07 ? 60  PHE A CA  1 
ATOM   464  C C   . PHE A 1 60  ? 17.128  3.489   5.522   1.00 31.05 ? 60  PHE A C   1 
ATOM   465  O O   . PHE A 1 60  ? 18.147  3.044   5.008   1.00 32.00 ? 60  PHE A O   1 
ATOM   466  C CB  . PHE A 1 60  ? 15.246  1.993   4.844   1.00 29.41 ? 60  PHE A CB  1 
ATOM   467  C CG  . PHE A 1 60  ? 14.991  1.500   6.244   1.00 29.90 ? 60  PHE A CG  1 
ATOM   468  C CD1 . PHE A 1 60  ? 13.821  1.843   6.916   1.00 30.42 ? 60  PHE A CD1 1 
ATOM   469  C CD2 . PHE A 1 60  ? 15.917  0.686   6.888   1.00 27.47 ? 60  PHE A CD2 1 
ATOM   470  C CE1 . PHE A 1 60  ? 13.577  1.379   8.212   1.00 29.18 ? 60  PHE A CE1 1 
ATOM   471  C CE2 . PHE A 1 60  ? 15.684  0.218   8.181   1.00 27.22 ? 60  PHE A CE2 1 
ATOM   472  C CZ  . PHE A 1 60  ? 14.512  0.565   8.844   1.00 28.29 ? 60  PHE A CZ  1 
ATOM   473  N N   . PRO A 1 61  ? 17.125  3.998   6.771   1.00 31.60 ? 61  PRO A N   1 
ATOM   474  C CA  . PRO A 1 61  ? 15.983  4.512   7.534   1.00 29.94 ? 61  PRO A CA  1 
ATOM   475  C C   . PRO A 1 61  ? 15.818  6.025   7.453   1.00 30.03 ? 61  PRO A C   1 
ATOM   476  O O   . PRO A 1 61  ? 14.847  6.571   7.971   1.00 29.80 ? 61  PRO A O   1 
ATOM   477  C CB  . PRO A 1 61  ? 16.311  4.074   8.946   1.00 31.15 ? 61  PRO A CB  1 
ATOM   478  C CG  . PRO A 1 61  ? 17.785  4.381   9.002   1.00 32.45 ? 61  PRO A CG  1 
ATOM   479  C CD  . PRO A 1 61  ? 18.298  3.847   7.656   1.00 30.74 ? 61  PRO A CD  1 
ATOM   480  N N   . SER A 1 62  ? 16.761  6.706   6.816   1.00 29.15 ? 62  SER A N   1 
ATOM   481  C CA  . SER A 1 62  ? 16.675  8.156   6.721   1.00 28.85 ? 62  SER A CA  1 
ATOM   482  C C   . SER A 1 62  ? 15.448  8.606   5.928   1.00 27.30 ? 62  SER A C   1 
ATOM   483  O O   . SER A 1 62  ? 14.972  9.728   6.101   1.00 27.63 ? 62  SER A O   1 
ATOM   484  C CB  . SER A 1 62  ? 17.957  8.727   6.098   1.00 28.64 ? 62  SER A CB  1 
ATOM   485  O OG  . SER A 1 62  ? 18.189  8.194   4.803   1.00 31.19 ? 62  SER A OG  1 
ATOM   486  N N   . GLU A 1 63  ? 14.930  7.728   5.074   1.00 26.04 ? 63  GLU A N   1 
ATOM   487  C CA  . GLU A 1 63  ? 13.766  8.063   4.263   1.00 24.68 ? 63  GLU A CA  1 
ATOM   488  C C   . GLU A 1 63  ? 12.560  7.208   4.647   1.00 24.62 ? 63  GLU A C   1 
ATOM   489  O O   . GLU A 1 63  ? 12.648  5.977   4.723   1.00 23.88 ? 63  GLU A O   1 
ATOM   490  C CB  . GLU A 1 63  ? 14.067  7.868   2.766   1.00 24.74 ? 63  GLU A CB  1 
ATOM   491  C CG  . GLU A 1 63  ? 13.010  8.510   1.843   1.00 25.65 ? 63  GLU A CG  1 
ATOM   492  C CD  . GLU A 1 63  ? 13.147  8.124   0.364   1.00 27.22 ? 63  GLU A CD  1 
ATOM   493  O OE1 . GLU A 1 63  ? 12.412  8.695   -0.475  1.00 22.49 ? 63  GLU A OE1 1 
ATOM   494  O OE2 . GLU A 1 63  ? 13.977  7.247   0.042   1.00 27.93 ? 63  GLU A OE2 1 
ATOM   495  N N   . TYR A 1 64  ? 11.433  7.868   4.888   1.00 23.70 ? 64  TYR A N   1 
ATOM   496  C CA  . TYR A 1 64  ? 10.206  7.174   5.261   1.00 23.54 ? 64  TYR A CA  1 
ATOM   497  C C   . TYR A 1 64  ? 8.996   7.900   4.703   1.00 22.48 ? 64  TYR A C   1 
ATOM   498  O O   . TYR A 1 64  ? 9.032   9.104   4.452   1.00 21.82 ? 64  TYR A O   1 
ATOM   499  C CB  . TYR A 1 64  ? 10.074  7.068   6.789   1.00 24.70 ? 64  TYR A CB  1 
ATOM   500  C CG  . TYR A 1 64  ? 10.237  8.385   7.507   1.00 26.43 ? 64  TYR A CG  1 
ATOM   501  C CD1 . TYR A 1 64  ? 11.500  8.941   7.693   1.00 29.11 ? 64  TYR A CD1 1 
ATOM   502  C CD2 . TYR A 1 64  ? 9.129   9.095   7.968   1.00 28.77 ? 64  TYR A CD2 1 
ATOM   503  C CE1 . TYR A 1 64  ? 11.662  10.174  8.315   1.00 30.38 ? 64  TYR A CE1 1 
ATOM   504  C CE2 . TYR A 1 64  ? 9.279   10.337  8.596   1.00 30.95 ? 64  TYR A CE2 1 
ATOM   505  C CZ  . TYR A 1 64  ? 10.550  10.867  8.762   1.00 32.09 ? 64  TYR A CZ  1 
ATOM   506  O OH  . TYR A 1 64  ? 10.715  12.093  9.357   1.00 34.01 ? 64  TYR A OH  1 
ATOM   507  N N   . ILE A 1 65  ? 7.923   7.146   4.517   1.00 20.89 ? 65  ILE A N   1 
ATOM   508  C CA  . ILE A 1 65  ? 6.679   7.669   3.992   1.00 21.43 ? 65  ILE A CA  1 
ATOM   509  C C   . ILE A 1 65  ? 5.982   8.569   5.016   1.00 20.69 ? 65  ILE A C   1 
ATOM   510  O O   . ILE A 1 65  ? 5.811   8.190   6.181   1.00 20.21 ? 65  ILE A O   1 
ATOM   511  C CB  . ILE A 1 65  ? 5.761   6.491   3.595   1.00 21.87 ? 65  ILE A CB  1 
ATOM   512  C CG1 . ILE A 1 65  ? 6.439   5.686   2.482   1.00 19.84 ? 65  ILE A CG1 1 
ATOM   513  C CG2 . ILE A 1 65  ? 4.389   7.002   3.180   1.00 21.67 ? 65  ILE A CG2 1 
ATOM   514  C CD1 . ILE A 1 65  ? 5.823   4.323   2.221   1.00 19.62 ? 65  ILE A CD1 1 
ATOM   515  N N   . VAL A 1 66  ? 5.587   9.763   4.577   1.00 20.34 ? 66  VAL A N   1 
ATOM   516  C CA  . VAL A 1 66  ? 4.912   10.717  5.451   1.00 21.21 ? 66  VAL A CA  1 
ATOM   517  C C   . VAL A 1 66  ? 3.462   10.929  5.032   1.00 21.60 ? 66  VAL A C   1 
ATOM   518  O O   . VAL A 1 66  ? 2.720   11.664  5.682   1.00 22.33 ? 66  VAL A O   1 
ATOM   519  C CB  . VAL A 1 66  ? 5.637   12.096  5.474   1.00 21.53 ? 66  VAL A CB  1 
ATOM   520  C CG1 . VAL A 1 66  ? 7.042   11.926  6.021   1.00 18.11 ? 66  VAL A CG1 1 
ATOM   521  C CG2 . VAL A 1 66  ? 5.670   12.711  4.059   1.00 20.20 ? 66  VAL A CG2 1 
ATOM   522  N N   . GLU A 1 67  ? 3.068   10.295  3.932   1.00 22.62 ? 67  GLU A N   1 
ATOM   523  C CA  . GLU A 1 67  ? 1.693   10.391  3.457   1.00 24.01 ? 67  GLU A CA  1 
ATOM   524  C C   . GLU A 1 67  ? 1.409   9.449   2.301   1.00 23.57 ? 67  GLU A C   1 
ATOM   525  O O   . GLU A 1 67  ? 2.237   9.278   1.401   1.00 25.70 ? 67  GLU A O   1 
ATOM   526  C CB  . GLU A 1 67  ? 1.344   11.815  3.005   1.00 24.23 ? 67  GLU A CB  1 
ATOM   527  C CG  . GLU A 1 67  ? -0.120  11.952  2.590   1.00 28.86 ? 67  GLU A CG  1 
ATOM   528  C CD  . GLU A 1 67  ? -0.431  13.258  1.881   1.00 31.73 ? 67  GLU A CD  1 
ATOM   529  O OE1 . GLU A 1 67  ? 0.425   14.165  1.886   1.00 31.77 ? 67  GLU A OE1 1 
ATOM   530  O OE2 . GLU A 1 67  ? -1.543  13.377  1.318   1.00 33.53 ? 67  GLU A OE2 1 
ATOM   531  N N   . VAL A 1 68  ? 0.234   8.838   2.339   1.00 22.39 ? 68  VAL A N   1 
ATOM   532  C CA  . VAL A 1 68  ? -0.208  7.949   1.280   1.00 23.10 ? 68  VAL A CA  1 
ATOM   533  C C   . VAL A 1 68  ? -1.565  8.492   0.861   1.00 24.26 ? 68  VAL A C   1 
ATOM   534  O O   . VAL A 1 68  ? -2.418  8.762   1.708   1.00 25.22 ? 68  VAL A O   1 
ATOM   535  C CB  . VAL A 1 68  ? -0.394  6.495   1.764   1.00 24.19 ? 68  VAL A CB  1 
ATOM   536  C CG1 . VAL A 1 68  ? -0.969  5.643   0.629   1.00 21.30 ? 68  VAL A CG1 1 
ATOM   537  C CG2 . VAL A 1 68  ? 0.938   5.920   2.224   1.00 24.06 ? 68  VAL A CG2 1 
ATOM   538  N N   . SER A 1 69  ? -1.754  8.674   -0.439  1.00 22.62 ? 69  SER A N   1 
ATOM   539  C CA  . SER A 1 69  ? -3.018  9.180   -0.952  1.00 24.68 ? 69  SER A CA  1 
ATOM   540  C C   . SER A 1 69  ? -3.329  8.509   -2.286  1.00 25.93 ? 69  SER A C   1 
ATOM   541  O O   . SER A 1 69  ? -2.515  7.739   -2.808  1.00 26.40 ? 69  SER A O   1 
ATOM   542  C CB  . SER A 1 69  ? -2.949  10.698  -1.122  1.00 22.37 ? 69  SER A CB  1 
ATOM   543  O OG  . SER A 1 69  ? -1.899  11.059  -1.997  1.00 23.59 ? 69  SER A OG  1 
ATOM   544  N N   . GLY A 1 70  ? -4.508  8.786   -2.829  1.00 27.04 ? 70  GLY A N   1 
ATOM   545  C CA  . GLY A 1 70  ? -4.883  8.189   -4.096  1.00 28.86 ? 70  GLY A CA  1 
ATOM   546  C C   . GLY A 1 70  ? -6.345  8.398   -4.422  1.00 29.80 ? 70  GLY A C   1 
ATOM   547  O O   . GLY A 1 70  ? -7.004  9.253   -3.830  1.00 30.20 ? 70  GLY A O   1 
ATOM   548  N N   . TYR A 1 71  ? -6.849  7.619   -5.375  1.00 30.86 ? 71  TYR A N   1 
ATOM   549  C CA  . TYR A 1 71  ? -8.242  7.711   -5.781  1.00 31.48 ? 71  TYR A CA  1 
ATOM   550  C C   . TYR A 1 71  ? -8.928  6.356   -5.783  1.00 31.64 ? 71  TYR A C   1 
ATOM   551  O O   . TYR A 1 71  ? -8.347  5.347   -6.180  1.00 32.02 ? 71  TYR A O   1 
ATOM   552  C CB  . TYR A 1 71  ? -8.372  8.320   -7.178  1.00 34.33 ? 71  TYR A CB  1 
ATOM   553  C CG  . TYR A 1 71  ? -8.222  9.819   -7.221  1.00 36.10 ? 71  TYR A CG  1 
ATOM   554  C CD1 . TYR A 1 71  ? -6.966  10.421  -7.145  1.00 38.31 ? 71  TYR A CD1 1 
ATOM   555  C CD2 . TYR A 1 71  ? -9.341  10.641  -7.343  1.00 37.25 ? 71  TYR A CD2 1 
ATOM   556  C CE1 . TYR A 1 71  ? -6.831  11.808  -7.194  1.00 38.61 ? 71  TYR A CE1 1 
ATOM   557  C CE2 . TYR A 1 71  ? -9.217  12.025  -7.391  1.00 37.96 ? 71  TYR A CE2 1 
ATOM   558  C CZ  . TYR A 1 71  ? -7.962  12.600  -7.317  1.00 38.75 ? 71  TYR A CZ  1 
ATOM   559  O OH  . TYR A 1 71  ? -7.839  13.968  -7.368  1.00 41.58 ? 71  TYR A OH  1 
ATOM   560  N N   . VAL A 1 72  ? -10.171 6.358   -5.318  1.00 30.20 ? 72  VAL A N   1 
ATOM   561  C CA  . VAL A 1 72  ? -11.000 5.175   -5.257  1.00 30.56 ? 72  VAL A CA  1 
ATOM   562  C C   . VAL A 1 72  ? -12.031 5.364   -6.354  1.00 32.45 ? 72  VAL A C   1 
ATOM   563  O O   . VAL A 1 72  ? -12.535 6.471   -6.555  1.00 32.08 ? 72  VAL A O   1 
ATOM   564  C CB  . VAL A 1 72  ? -11.711 5.073   -3.894  1.00 30.65 ? 72  VAL A CB  1 
ATOM   565  C CG1 . VAL A 1 72  ? -12.761 3.982   -3.922  1.00 29.90 ? 72  VAL A CG1 1 
ATOM   566  C CG2 . VAL A 1 72  ? -10.687 4.794   -2.803  1.00 31.65 ? 72  VAL A CG2 1 
ATOM   567  N N   . GLY A 1 73  ? -12.333 4.295   -7.077  1.00 32.83 ? 73  GLY A N   1 
ATOM   568  C CA  . GLY A 1 73  ? -13.304 4.407   -8.146  1.00 34.21 ? 73  GLY A CA  1 
ATOM   569  C C   . GLY A 1 73  ? -13.772 3.058   -8.644  1.00 34.22 ? 73  GLY A C   1 
ATOM   570  O O   . GLY A 1 73  ? -13.122 2.035   -8.421  1.00 34.25 ? 73  GLY A O   1 
ATOM   571  N N   . LYS A 1 74  ? -14.908 3.058   -9.326  1.00 34.01 ? 74  LYS A N   1 
ATOM   572  C CA  . LYS A 1 74  ? -15.454 1.824   -9.857  1.00 33.85 ? 74  LYS A CA  1 
ATOM   573  C C   . LYS A 1 74  ? -14.847 1.499   -11.211 1.00 32.36 ? 74  LYS A C   1 
ATOM   574  O O   . LYS A 1 74  ? -14.642 2.378   -12.041 1.00 30.25 ? 74  LYS A O   1 
ATOM   575  C CB  . LYS A 1 74  ? -16.978 1.920   -9.979  1.00 35.26 ? 74  LYS A CB  1 
ATOM   576  C CG  . LYS A 1 74  ? -17.715 1.770   -8.653  1.00 37.50 ? 74  LYS A CG  1 
ATOM   577  C CD  . LYS A 1 74  ? -19.223 1.816   -8.844  1.00 39.31 ? 74  LYS A CD  1 
ATOM   578  C CE  . LYS A 1 74  ? -19.956 1.410   -7.572  1.00 42.96 ? 74  LYS A CE  1 
ATOM   579  N NZ  . LYS A 1 74  ? -21.444 1.474   -7.721  1.00 42.62 ? 74  LYS A NZ  1 
ATOM   580  N N   . VAL A 1 75  ? -14.525 0.227   -11.405 1.00 32.05 ? 75  VAL A N   1 
ATOM   581  C CA  . VAL A 1 75  ? -13.975 -0.250  -12.668 1.00 32.41 ? 75  VAL A CA  1 
ATOM   582  C C   . VAL A 1 75  ? -14.752 -1.523  -12.979 1.00 33.64 ? 75  VAL A C   1 
ATOM   583  O O   . VAL A 1 75  ? -14.482 -2.576  -12.395 1.00 35.49 ? 75  VAL A O   1 
ATOM   584  C CB  . VAL A 1 75  ? -12.468 -0.589  -12.563 1.00 31.00 ? 75  VAL A CB  1 
ATOM   585  C CG1 . VAL A 1 75  ? -12.015 -1.323  -13.821 1.00 31.37 ? 75  VAL A CG1 1 
ATOM   586  C CG2 . VAL A 1 75  ? -11.652 0.685   -12.378 1.00 28.65 ? 75  VAL A CG2 1 
ATOM   587  N N   . GLU A 1 76  ? -15.730 -1.418  -13.876 1.00 34.37 ? 76  GLU A N   1 
ATOM   588  C CA  . GLU A 1 76  ? -16.553 -2.566  -14.245 1.00 34.96 ? 76  GLU A CA  1 
ATOM   589  C C   . GLU A 1 76  ? -17.452 -2.966  -13.066 1.00 34.50 ? 76  GLU A C   1 
ATOM   590  O O   . GLU A 1 76  ? -17.724 -4.147  -12.836 1.00 34.84 ? 76  GLU A O   1 
ATOM   591  C CB  . GLU A 1 76  ? -15.646 -3.730  -14.643 1.00 37.19 ? 76  GLU A CB  1 
ATOM   592  C CG  . GLU A 1 76  ? -16.367 -4.951  -15.133 1.00 43.62 ? 76  GLU A CG  1 
ATOM   593  C CD  . GLU A 1 76  ? -15.411 -6.068  -15.463 1.00 45.28 ? 76  GLU A CD  1 
ATOM   594  O OE1 . GLU A 1 76  ? -14.702 -6.534  -14.543 1.00 45.12 ? 76  GLU A OE1 1 
ATOM   595  O OE2 . GLU A 1 76  ? -15.370 -6.472  -16.644 1.00 48.48 ? 76  GLU A OE2 1 
ATOM   596  N N   . GLY A 1 77  ? -17.907 -1.973  -12.313 1.00 33.56 ? 77  GLY A N   1 
ATOM   597  C CA  . GLY A 1 77  ? -18.770 -2.255  -11.178 1.00 33.81 ? 77  GLY A CA  1 
ATOM   598  C C   . GLY A 1 77  ? -18.031 -2.503  -9.872  1.00 33.23 ? 77  GLY A C   1 
ATOM   599  O O   . GLY A 1 77  ? -18.631 -2.457  -8.800  1.00 33.54 ? 77  GLY A O   1 
ATOM   600  N N   . TYR A 1 78  ? -16.732 -2.774  -9.955  1.00 31.28 ? 78  TYR A N   1 
ATOM   601  C CA  . TYR A 1 78  ? -15.942 -3.021  -8.759  1.00 30.80 ? 78  TYR A CA  1 
ATOM   602  C C   . TYR A 1 78  ? -15.345 -1.729  -8.223  1.00 29.90 ? 78  TYR A C   1 
ATOM   603  O O   . TYR A 1 78  ? -14.800 -0.921  -8.981  1.00 31.16 ? 78  TYR A O   1 
ATOM   604  C CB  . TYR A 1 78  ? -14.792 -3.995  -9.043  1.00 29.90 ? 78  TYR A CB  1 
ATOM   605  C CG  . TYR A 1 78  ? -15.218 -5.391  -9.424  1.00 28.76 ? 78  TYR A CG  1 
ATOM   606  C CD1 . TYR A 1 78  ? -15.135 -5.830  -10.744 1.00 27.14 ? 78  TYR A CD1 1 
ATOM   607  C CD2 . TYR A 1 78  ? -15.677 -6.282  -8.460  1.00 30.47 ? 78  TYR A CD2 1 
ATOM   608  C CE1 . TYR A 1 78  ? -15.491 -7.129  -11.095 1.00 30.52 ? 78  TYR A CE1 1 
ATOM   609  C CE2 . TYR A 1 78  ? -16.040 -7.581  -8.795  1.00 32.30 ? 78  TYR A CE2 1 
ATOM   610  C CZ  . TYR A 1 78  ? -15.942 -8.000  -10.116 1.00 33.21 ? 78  TYR A CZ  1 
ATOM   611  O OH  . TYR A 1 78  ? -16.280 -9.292  -10.443 1.00 33.76 ? 78  TYR A OH  1 
ATOM   612  N N   . THR A 1 79  ? -15.446 -1.535  -6.916  1.00 27.50 ? 79  THR A N   1 
ATOM   613  C CA  . THR A 1 79  ? -14.868 -0.351  -6.298  1.00 27.29 ? 79  THR A CA  1 
ATOM   614  C C   . THR A 1 79  ? -13.430 -0.752  -5.980  1.00 26.38 ? 79  THR A C   1 
ATOM   615  O O   . THR A 1 79  ? -13.195 -1.670  -5.193  1.00 28.69 ? 79  THR A O   1 
ATOM   616  C CB  . THR A 1 79  ? -15.612 0.025   -5.003  1.00 26.99 ? 79  THR A CB  1 
ATOM   617  O OG1 . THR A 1 79  ? -17.009 0.197   -5.287  1.00 26.16 ? 79  THR A OG1 1 
ATOM   618  C CG2 . THR A 1 79  ? -15.056 1.326   -4.430  1.00 26.24 ? 79  THR A CG2 1 
ATOM   619  N N   . VAL A 1 80  ? -12.472 -0.074  -6.598  1.00 24.10 ? 80  VAL A N   1 
ATOM   620  C CA  . VAL A 1 80  ? -11.067 -0.395  -6.395  1.00 24.54 ? 80  VAL A CA  1 
ATOM   621  C C   . VAL A 1 80  ? -10.188 0.852   -6.298  1.00 25.71 ? 80  VAL A C   1 
ATOM   622  O O   . VAL A 1 80  ? -10.632 1.965   -6.594  1.00 27.23 ? 80  VAL A O   1 
ATOM   623  C CB  . VAL A 1 80  ? -10.544 -1.268  -7.563  1.00 25.01 ? 80  VAL A CB  1 
ATOM   624  C CG1 . VAL A 1 80  ? -11.346 -2.559  -7.659  1.00 22.81 ? 80  VAL A CG1 1 
ATOM   625  C CG2 . VAL A 1 80  ? -10.650 -0.501  -8.874  1.00 22.91 ? 80  VAL A CG2 1 
ATOM   626  N N   . ILE A 1 81  ? -8.946  0.666   -5.859  1.00 23.66 ? 81  ILE A N   1 
ATOM   627  C CA  . ILE A 1 81  ? -7.999  1.771   -5.771  1.00 23.72 ? 81  ILE A CA  1 
ATOM   628  C C   . ILE A 1 81  ? -7.491  1.961   -7.197  1.00 24.25 ? 81  ILE A C   1 
ATOM   629  O O   . ILE A 1 81  ? -6.913  1.049   -7.784  1.00 23.49 ? 81  ILE A O   1 
ATOM   630  C CB  . ILE A 1 81  ? -6.803  1.439   -4.840  1.00 23.08 ? 81  ILE A CB  1 
ATOM   631  C CG1 . ILE A 1 81  ? -7.245  1.452   -3.376  1.00 24.21 ? 81  ILE A CG1 1 
ATOM   632  C CG2 . ILE A 1 81  ? -5.710  2.478   -5.011  1.00 19.99 ? 81  ILE A CG2 1 
ATOM   633  C CD1 . ILE A 1 81  ? -8.360  0.513   -3.051  1.00 28.88 ? 81  ILE A CD1 1 
ATOM   634  N N   . ARG A 1 82  ? -7.700  3.146   -7.754  1.00 24.93 ? 82  ARG A N   1 
ATOM   635  C CA  . ARG A 1 82  ? -7.288  3.396   -9.124  1.00 27.43 ? 82  ARG A CA  1 
ATOM   636  C C   . ARG A 1 82  ? -5.990  4.166   -9.250  1.00 27.94 ? 82  ARG A C   1 
ATOM   637  O O   . ARG A 1 82  ? -5.343  4.120   -10.294 1.00 27.74 ? 82  ARG A O   1 
ATOM   638  C CB  . ARG A 1 82  ? -8.396  4.142   -9.869  1.00 29.17 ? 82  ARG A CB  1 
ATOM   639  C CG  . ARG A 1 82  ? -9.750  3.443   -9.819  1.00 32.00 ? 82  ARG A CG  1 
ATOM   640  C CD  . ARG A 1 82  ? -10.699 4.094   -10.799 1.00 30.98 ? 82  ARG A CD  1 
ATOM   641  N NE  . ARG A 1 82  ? -10.223 3.898   -12.162 1.00 32.15 ? 82  ARG A NE  1 
ATOM   642  C CZ  . ARG A 1 82  ? -10.790 4.420   -13.241 1.00 32.95 ? 82  ARG A CZ  1 
ATOM   643  N NH1 . ARG A 1 82  ? -11.869 5.186   -13.127 1.00 32.67 ? 82  ARG A NH1 1 
ATOM   644  N NH2 . ARG A 1 82  ? -10.282 4.165   -14.439 1.00 33.67 ? 82  ARG A NH2 1 
ATOM   645  N N   . SER A 1 83  ? -5.611  4.873   -8.193  1.00 27.17 ? 83  SER A N   1 
ATOM   646  C CA  . SER A 1 83  ? -4.383  5.651   -8.219  1.00 26.87 ? 83  SER A CA  1 
ATOM   647  C C   . SER A 1 83  ? -3.714  5.679   -6.850  1.00 25.59 ? 83  SER A C   1 
ATOM   648  O O   . SER A 1 83  ? -4.386  5.676   -5.823  1.00 25.04 ? 83  SER A O   1 
ATOM   649  C CB  . SER A 1 83  ? -4.690  7.081   -8.656  1.00 26.28 ? 83  SER A CB  1 
ATOM   650  O OG  . SER A 1 83  ? -3.496  7.787   -8.918  1.00 28.82 ? 83  SER A OG  1 
ATOM   651  N N   . LEU A 1 84  ? -2.388  5.705   -6.839  1.00 23.98 ? 84  LEU A N   1 
ATOM   652  C CA  . LEU A 1 84  ? -1.650  5.758   -5.585  1.00 24.72 ? 84  LEU A CA  1 
ATOM   653  C C   . LEU A 1 84  ? -0.494  6.736   -5.664  1.00 24.05 ? 84  LEU A C   1 
ATOM   654  O O   . LEU A 1 84  ? 0.126   6.900   -6.714  1.00 22.95 ? 84  LEU A O   1 
ATOM   655  C CB  . LEU A 1 84  ? -1.110  4.374   -5.204  1.00 25.33 ? 84  LEU A CB  1 
ATOM   656  C CG  . LEU A 1 84  ? -2.130  3.369   -4.673  1.00 26.39 ? 84  LEU A CG  1 
ATOM   657  C CD1 . LEU A 1 84  ? -1.446  2.045   -4.359  1.00 26.90 ? 84  LEU A CD1 1 
ATOM   658  C CD2 . LEU A 1 84  ? -2.781  3.937   -3.429  1.00 26.27 ? 84  LEU A CD2 1 
ATOM   659  N N   . THR A 1 85  ? -0.219  7.388   -4.541  1.00 24.06 ? 85  THR A N   1 
ATOM   660  C CA  . THR A 1 85  ? 0.881   8.335   -4.442  1.00 23.50 ? 85  THR A CA  1 
ATOM   661  C C   . THR A 1 85  ? 1.536   8.166   -3.084  1.00 23.03 ? 85  THR A C   1 
ATOM   662  O O   . THR A 1 85  ? 0.863   8.217   -2.059  1.00 24.32 ? 85  THR A O   1 
ATOM   663  C CB  . THR A 1 85  ? 0.397   9.798   -4.567  1.00 24.27 ? 85  THR A CB  1 
ATOM   664  O OG1 . THR A 1 85  ? -0.221  9.993   -5.843  1.00 26.46 ? 85  THR A OG1 1 
ATOM   665  C CG2 . THR A 1 85  ? 1.565   10.758  -4.430  1.00 23.99 ? 85  THR A CG2 1 
ATOM   666  N N   . PHE A 1 86  ? 2.848   7.954   -3.077  1.00 24.59 ? 86  PHE A N   1 
ATOM   667  C CA  . PHE A 1 86  ? 3.577   7.807   -1.831  1.00 23.49 ? 86  PHE A CA  1 
ATOM   668  C C   . PHE A 1 86  ? 4.538   8.974   -1.652  1.00 23.28 ? 86  PHE A C   1 
ATOM   669  O O   . PHE A 1 86  ? 5.497   9.140   -2.413  1.00 23.28 ? 86  PHE A O   1 
ATOM   670  C CB  . PHE A 1 86  ? 4.372   6.498   -1.798  1.00 24.46 ? 86  PHE A CB  1 
ATOM   671  C CG  . PHE A 1 86  ? 3.520   5.262   -1.773  1.00 24.33 ? 86  PHE A CG  1 
ATOM   672  C CD1 . PHE A 1 86  ? 3.139   4.639   -2.955  1.00 24.63 ? 86  PHE A CD1 1 
ATOM   673  C CD2 . PHE A 1 86  ? 3.100   4.721   -0.565  1.00 25.15 ? 86  PHE A CD2 1 
ATOM   674  C CE1 . PHE A 1 86  ? 2.352   3.491   -2.932  1.00 27.52 ? 86  PHE A CE1 1 
ATOM   675  C CE2 . PHE A 1 86  ? 2.310   3.574   -0.530  1.00 26.58 ? 86  PHE A CE2 1 
ATOM   676  C CZ  . PHE A 1 86  ? 1.936   2.958   -1.713  1.00 27.53 ? 86  PHE A CZ  1 
ATOM   677  N N   . LYS A 1 87  ? 4.276   9.787   -0.643  1.00 23.08 ? 87  LYS A N   1 
ATOM   678  C CA  . LYS A 1 87  ? 5.132   10.926  -0.354  1.00 24.69 ? 87  LYS A CA  1 
ATOM   679  C C   . LYS A 1 87  ? 6.015   10.581  0.836   1.00 24.93 ? 87  LYS A C   1 
ATOM   680  O O   . LYS A 1 87  ? 5.524   10.074  1.843   1.00 27.18 ? 87  LYS A O   1 
ATOM   681  C CB  . LYS A 1 87  ? 4.272   12.143  -0.034  1.00 26.17 ? 87  LYS A CB  1 
ATOM   682  C CG  . LYS A 1 87  ? 5.047   13.387  0.368   1.00 27.48 ? 87  LYS A CG  1 
ATOM   683  C CD  . LYS A 1 87  ? 4.080   14.538  0.548   1.00 28.82 ? 87  LYS A CD  1 
ATOM   684  C CE  . LYS A 1 87  ? 4.738   15.741  1.181   1.00 29.83 ? 87  LYS A CE  1 
ATOM   685  N NZ  . LYS A 1 87  ? 3.755   16.859  1.289   1.00 33.28 ? 87  LYS A NZ  1 
ATOM   686  N N   . THR A 1 88  ? 7.317   10.825  0.706   1.00 25.94 ? 88  THR A N   1 
ATOM   687  C CA  . THR A 1 88  ? 8.260   10.561  1.785   1.00 24.88 ? 88  THR A CA  1 
ATOM   688  C C   . THR A 1 88  ? 8.838   11.893  2.228   1.00 26.61 ? 88  THR A C   1 
ATOM   689  O O   . THR A 1 88  ? 8.444   12.950  1.725   1.00 25.59 ? 88  THR A O   1 
ATOM   690  C CB  . THR A 1 88  ? 9.434   9.641   1.345   1.00 26.04 ? 88  THR A CB  1 
ATOM   691  O OG1 . THR A 1 88  ? 10.318  10.360  0.475   1.00 23.60 ? 88  THR A OG1 1 
ATOM   692  C CG2 . THR A 1 88  ? 8.907   8.400   0.621   1.00 25.03 ? 88  THR A CG2 1 
ATOM   693  N N   . ASN A 1 89  ? 9.768   11.848  3.174   1.00 26.30 ? 89  ASN A N   1 
ATOM   694  C CA  . ASN A 1 89  ? 10.383  13.067  3.657   1.00 28.68 ? 89  ASN A CA  1 
ATOM   695  C C   . ASN A 1 89  ? 11.489  13.510  2.707   1.00 30.77 ? 89  ASN A C   1 
ATOM   696  O O   . ASN A 1 89  ? 12.160  14.511  2.947   1.00 30.17 ? 89  ASN A O   1 
ATOM   697  C CB  . ASN A 1 89  ? 10.931  12.864  5.078   1.00 28.29 ? 89  ASN A CB  1 
ATOM   698  C CG  . ASN A 1 89  ? 11.973  11.764  5.162   1.00 29.03 ? 89  ASN A CG  1 
ATOM   699  O OD1 . ASN A 1 89  ? 11.778  10.660  4.645   1.00 26.72 ? 89  ASN A OD1 1 
ATOM   700  N ND2 . ASN A 1 89  ? 13.082  12.054  5.842   1.00 26.56 ? 89  ASN A ND2 1 
ATOM   701  N N   . LYS A 1 90  ? 11.666  12.767  1.619   1.00 32.05 ? 90  LYS A N   1 
ATOM   702  C CA  . LYS A 1 90  ? 12.694  13.094  0.642   1.00 34.66 ? 90  LYS A CA  1 
ATOM   703  C C   . LYS A 1 90  ? 12.096  13.456  -0.714  1.00 36.77 ? 90  LYS A C   1 
ATOM   704  O O   . LYS A 1 90  ? 12.617  14.323  -1.417  1.00 37.09 ? 90  LYS A O   1 
ATOM   705  C CB  . LYS A 1 90  ? 13.658  11.919  0.485   1.00 36.35 ? 90  LYS A CB  1 
ATOM   706  C CG  . LYS A 1 90  ? 14.372  11.535  1.773   1.00 39.28 ? 90  LYS A CG  1 
ATOM   707  C CD  . LYS A 1 90  ? 15.189  12.683  2.330   1.00 40.66 ? 90  LYS A CD  1 
ATOM   708  C CE  . LYS A 1 90  ? 15.985  12.242  3.550   1.00 43.66 ? 90  LYS A CE  1 
ATOM   709  N NZ  . LYS A 1 90  ? 16.795  13.356  4.136   1.00 44.98 ? 90  LYS A NZ  1 
ATOM   710  N N   . GLN A 1 91  ? 11.008  12.787  -1.090  1.00 37.54 ? 91  GLN A N   1 
ATOM   711  C CA  . GLN A 1 91  ? 10.362  13.081  -2.364  1.00 38.50 ? 91  GLN A CA  1 
ATOM   712  C C   . GLN A 1 91  ? 8.993   12.426  -2.471  1.00 37.29 ? 91  GLN A C   1 
ATOM   713  O O   . GLN A 1 91  ? 8.578   11.671  -1.594  1.00 37.35 ? 91  GLN A O   1 
ATOM   714  C CB  . GLN A 1 91  ? 11.234  12.608  -3.531  1.00 39.45 ? 91  GLN A CB  1 
ATOM   715  C CG  . GLN A 1 91  ? 11.071  11.145  -3.872  1.00 41.87 ? 91  GLN A CG  1 
ATOM   716  C CD  . GLN A 1 91  ? 11.967  10.699  -5.018  1.00 45.25 ? 91  GLN A CD  1 
ATOM   717  O OE1 . GLN A 1 91  ? 13.183  10.582  -4.865  1.00 43.81 ? 91  GLN A OE1 1 
ATOM   718  N NE2 . GLN A 1 91  ? 11.365  10.448  -6.178  1.00 45.65 ? 91  GLN A NE2 1 
ATOM   719  N N   . THR A 1 92  ? 8.300   12.727  -3.561  1.00 35.00 ? 92  THR A N   1 
ATOM   720  C CA  . THR A 1 92  ? 6.992   12.164  -3.816  1.00 34.19 ? 92  THR A CA  1 
ATOM   721  C C   . THR A 1 92  ? 7.115   11.113  -4.910  1.00 34.85 ? 92  THR A C   1 
ATOM   722  O O   . THR A 1 92  ? 7.844   11.300  -5.885  1.00 35.86 ? 92  THR A O   1 
ATOM   723  C CB  . THR A 1 92  ? 6.008   13.242  -4.290  1.00 33.27 ? 92  THR A CB  1 
ATOM   724  O OG1 . THR A 1 92  ? 5.902   14.260  -3.290  1.00 32.00 ? 92  THR A OG1 1 
ATOM   725  C CG2 . THR A 1 92  ? 4.629   12.639  -4.543  1.00 29.98 ? 92  THR A CG2 1 
ATOM   726  N N   . TYR A 1 93  ? 6.419   9.998   -4.739  1.00 34.24 ? 93  TYR A N   1 
ATOM   727  C CA  . TYR A 1 93  ? 6.435   8.947   -5.740  1.00 34.56 ? 93  TYR A CA  1 
ATOM   728  C C   . TYR A 1 93  ? 5.013   8.776   -6.230  1.00 34.55 ? 93  TYR A C   1 
ATOM   729  O O   . TYR A 1 93  ? 4.163   8.226   -5.525  1.00 33.71 ? 93  TYR A O   1 
ATOM   730  C CB  . TYR A 1 93  ? 6.951   7.630   -5.153  1.00 36.22 ? 93  TYR A CB  1 
ATOM   731  C CG  . TYR A 1 93  ? 8.348   7.737   -4.588  1.00 37.09 ? 93  TYR A CG  1 
ATOM   732  C CD1 . TYR A 1 93  ? 8.554   8.121   -3.262  1.00 36.45 ? 93  TYR A CD1 1 
ATOM   733  C CD2 . TYR A 1 93  ? 9.465   7.499   -5.390  1.00 37.18 ? 93  TYR A CD2 1 
ATOM   734  C CE1 . TYR A 1 93  ? 9.837   8.268   -2.748  1.00 37.01 ? 93  TYR A CE1 1 
ATOM   735  C CE2 . TYR A 1 93  ? 10.756  7.644   -4.887  1.00 37.79 ? 93  TYR A CE2 1 
ATOM   736  C CZ  . TYR A 1 93  ? 10.935  8.032   -3.565  1.00 38.58 ? 93  TYR A CZ  1 
ATOM   737  O OH  . TYR A 1 93  ? 12.204  8.218   -3.066  1.00 38.35 ? 93  TYR A OH  1 
ATOM   738  N N   . GLY A 1 94  ? 4.758   9.265   -7.440  1.00 33.92 ? 94  GLY A N   1 
ATOM   739  C CA  . GLY A 1 94  ? 3.436   9.168   -8.019  1.00 32.79 ? 94  GLY A CA  1 
ATOM   740  C C   . GLY A 1 94  ? 2.912   10.538  -8.397  1.00 32.71 ? 94  GLY A C   1 
ATOM   741  O O   . GLY A 1 94  ? 3.665   11.505  -8.402  1.00 32.74 ? 94  GLY A O   1 
ATOM   742  N N   . PRO A 1 95  ? 1.615   10.655  -8.699  1.00 33.30 ? 95  PRO A N   1 
ATOM   743  C CA  . PRO A 1 95  ? 0.658   9.545   -8.688  1.00 33.68 ? 95  PRO A CA  1 
ATOM   744  C C   . PRO A 1 95  ? 0.845   8.578   -9.844  1.00 33.77 ? 95  PRO A C   1 
ATOM   745  O O   . PRO A 1 95  ? 1.324   8.957   -10.912 1.00 34.51 ? 95  PRO A O   1 
ATOM   746  C CB  . PRO A 1 95  ? -0.686  10.255  -8.762  1.00 34.09 ? 95  PRO A CB  1 
ATOM   747  C CG  . PRO A 1 95  ? -0.368  11.443  -9.626  1.00 34.63 ? 95  PRO A CG  1 
ATOM   748  C CD  . PRO A 1 95  ? 0.944   11.922  -9.040  1.00 33.94 ? 95  PRO A CD  1 
ATOM   749  N N   . TYR A 1 96  ? 0.477   7.323   -9.615  1.00 33.98 ? 96  TYR A N   1 
ATOM   750  C CA  . TYR A 1 96  ? 0.556   6.296   -10.640 1.00 35.75 ? 96  TYR A CA  1 
ATOM   751  C C   . TYR A 1 96  ? -0.849  5.736   -10.802 1.00 36.46 ? 96  TYR A C   1 
ATOM   752  O O   . TYR A 1 96  ? -1.436  5.244   -9.837  1.00 37.62 ? 96  TYR A O   1 
ATOM   753  C CB  . TYR A 1 96  ? 1.497   5.163   -10.228 1.00 37.10 ? 96  TYR A CB  1 
ATOM   754  C CG  . TYR A 1 96  ? 2.906   5.587   -9.894  1.00 39.62 ? 96  TYR A CG  1 
ATOM   755  C CD1 . TYR A 1 96  ? 3.289   5.817   -8.574  1.00 41.73 ? 96  TYR A CD1 1 
ATOM   756  C CD2 . TYR A 1 96  ? 3.865   5.742   -10.894 1.00 41.12 ? 96  TYR A CD2 1 
ATOM   757  C CE1 . TYR A 1 96  ? 4.591   6.187   -8.254  1.00 43.30 ? 96  TYR A CE1 1 
ATOM   758  C CE2 . TYR A 1 96  ? 5.171   6.116   -10.585 1.00 42.06 ? 96  TYR A CE2 1 
ATOM   759  C CZ  . TYR A 1 96  ? 5.525   6.335   -9.262  1.00 43.93 ? 96  TYR A CZ  1 
ATOM   760  O OH  . TYR A 1 96  ? 6.812   6.702   -8.942  1.00 47.44 ? 96  TYR A OH  1 
ATOM   761  N N   . GLY A 1 97  ? -1.391  5.817   -12.011 1.00 36.92 ? 97  GLY A N   1 
ATOM   762  C CA  . GLY A 1 97  ? -2.728  5.299   -12.242 1.00 37.81 ? 97  GLY A CA  1 
ATOM   763  C C   . GLY A 1 97  ? -3.751  6.342   -12.666 1.00 39.40 ? 97  GLY A C   1 
ATOM   764  O O   . GLY A 1 97  ? -3.403  7.433   -13.125 1.00 37.58 ? 97  GLY A O   1 
ATOM   765  N N   . VAL A 1 98  ? -5.024  5.997   -12.505 1.00 39.66 ? 98  VAL A N   1 
ATOM   766  C CA  . VAL A 1 98  ? -6.122  6.881   -12.876 1.00 40.70 ? 98  VAL A CA  1 
ATOM   767  C C   . VAL A 1 98  ? -6.566  7.746   -11.701 1.00 40.15 ? 98  VAL A C   1 
ATOM   768  O O   . VAL A 1 98  ? -7.105  7.238   -10.715 1.00 39.53 ? 98  VAL A O   1 
ATOM   769  C CB  . VAL A 1 98  ? -7.336  6.069   -13.356 1.00 42.54 ? 98  VAL A CB  1 
ATOM   770  C CG1 . VAL A 1 98  ? -8.410  7.006   -13.877 1.00 41.82 ? 98  VAL A CG1 1 
ATOM   771  C CG2 . VAL A 1 98  ? -6.905  5.073   -14.423 1.00 42.83 ? 98  VAL A CG2 1 
ATOM   772  N N   . THR A 1 99  ? -6.345  9.051   -11.813 1.00 39.40 ? 99  THR A N   1 
ATOM   773  C CA  . THR A 1 99  ? -6.722  9.975   -10.750 1.00 39.64 ? 99  THR A CA  1 
ATOM   774  C C   . THR A 1 99  ? -8.125  10.538  -10.950 1.00 39.79 ? 99  THR A C   1 
ATOM   775  O O   . THR A 1 99  ? -8.300  11.742  -11.121 1.00 39.62 ? 99  THR A O   1 
ATOM   776  C CB  . THR A 1 99  ? -5.726  11.161  -10.644 1.00 39.23 ? 99  THR A CB  1 
ATOM   777  O OG1 . THR A 1 99  ? -5.702  11.884  -11.881 1.00 36.57 ? 99  THR A OG1 1 
ATOM   778  C CG2 . THR A 1 99  ? -4.326  10.654  -10.330 1.00 36.82 ? 99  THR A CG2 1 
ATOM   779  N N   . ASN A 1 100 ? -9.119  9.653   -10.932 1.00 40.19 ? 100 ASN A N   1 
ATOM   780  C CA  . ASN A 1 100 ? -10.515 10.049  -11.088 1.00 41.00 ? 100 ASN A CA  1 
ATOM   781  C C   . ASN A 1 100 ? -11.348 9.308   -10.058 1.00 39.74 ? 100 ASN A C   1 
ATOM   782  O O   . ASN A 1 100 ? -11.087 8.142   -9.758  1.00 40.08 ? 100 ASN A O   1 
ATOM   783  C CB  . ASN A 1 100 ? -11.042 9.709   -12.487 1.00 43.50 ? 100 ASN A CB  1 
ATOM   784  C CG  . ASN A 1 100 ? -10.297 10.437  -13.585 1.00 47.35 ? 100 ASN A CG  1 
ATOM   785  O OD1 . ASN A 1 100 ? -9.935  11.608  -13.438 1.00 48.07 ? 100 ASN A OD1 1 
ATOM   786  N ND2 . ASN A 1 100 ? -10.078 9.754   -14.703 1.00 49.03 ? 100 ASN A ND2 1 
ATOM   787  N N   . GLY A 1 101 ? -12.354 9.986   -9.522  1.00 36.83 ? 101 GLY A N   1 
ATOM   788  C CA  . GLY A 1 101 ? -13.202 9.362   -8.530  1.00 36.36 ? 101 GLY A CA  1 
ATOM   789  C C   . GLY A 1 101 ? -13.071 10.029  -7.176  1.00 35.36 ? 101 GLY A C   1 
ATOM   790  O O   . GLY A 1 101 ? -12.840 11.232  -7.083  1.00 34.46 ? 101 GLY A O   1 
ATOM   791  N N   . THR A 1 102 ? -13.211 9.239   -6.120  1.00 34.56 ? 102 THR A N   1 
ATOM   792  C CA  . THR A 1 102 ? -13.123 9.759   -4.766  1.00 35.03 ? 102 THR A CA  1 
ATOM   793  C C   . THR A 1 102 ? -11.691 9.743   -4.235  1.00 34.03 ? 102 THR A C   1 
ATOM   794  O O   . THR A 1 102 ? -11.050 8.693   -4.166  1.00 34.17 ? 102 THR A O   1 
ATOM   795  C CB  . THR A 1 102 ? -14.012 8.936   -3.826  1.00 35.03 ? 102 THR A CB  1 
ATOM   796  O OG1 . THR A 1 102 ? -15.336 8.880   -4.367  1.00 37.11 ? 102 THR A OG1 1 
ATOM   797  C CG2 . THR A 1 102 ? -14.056 9.562   -2.431  1.00 34.10 ? 102 THR A CG2 1 
ATOM   798  N N   . PRO A 1 103 ? -11.161 10.917  -3.870  1.00 32.74 ? 103 PRO A N   1 
ATOM   799  C CA  . PRO A 1 103 ? -9.794  10.971  -3.346  1.00 31.79 ? 103 PRO A CA  1 
ATOM   800  C C   . PRO A 1 103 ? -9.760  10.585  -1.874  1.00 29.85 ? 103 PRO A C   1 
ATOM   801  O O   . PRO A 1 103 ? -10.761 10.717  -1.164  1.00 29.38 ? 103 PRO A O   1 
ATOM   802  C CB  . PRO A 1 103 ? -9.407  12.430  -3.544  1.00 31.54 ? 103 PRO A CB  1 
ATOM   803  C CG  . PRO A 1 103 ? -10.708 13.131  -3.287  1.00 32.53 ? 103 PRO A CG  1 
ATOM   804  C CD  . PRO A 1 103 ? -11.698 12.275  -4.072  1.00 32.59 ? 103 PRO A CD  1 
ATOM   805  N N   . PHE A 1 104 ? -8.611  10.090  -1.428  1.00 28.25 ? 104 PHE A N   1 
ATOM   806  C CA  . PHE A 1 104 ? -8.423  9.732   -0.029  1.00 27.39 ? 104 PHE A CA  1 
ATOM   807  C C   . PHE A 1 104 ? -6.987  10.094  0.272   1.00 26.76 ? 104 PHE A C   1 
ATOM   808  O O   . PHE A 1 104 ? -6.165  10.171  -0.644  1.00 26.91 ? 104 PHE A O   1 
ATOM   809  C CB  . PHE A 1 104 ? -8.697  8.236   0.222   1.00 25.27 ? 104 PHE A CB  1 
ATOM   810  C CG  . PHE A 1 104 ? -7.661  7.303   -0.349  1.00 26.48 ? 104 PHE A CG  1 
ATOM   811  C CD1 . PHE A 1 104 ? -6.493  7.018   0.357   1.00 25.31 ? 104 PHE A CD1 1 
ATOM   812  C CD2 . PHE A 1 104 ? -7.873  6.671   -1.571  1.00 25.58 ? 104 PHE A CD2 1 
ATOM   813  C CE1 . PHE A 1 104 ? -5.557  6.117   -0.142  1.00 25.00 ? 104 PHE A CE1 1 
ATOM   814  C CE2 . PHE A 1 104 ? -6.939  5.764   -2.081  1.00 26.29 ? 104 PHE A CE2 1 
ATOM   815  C CZ  . PHE A 1 104 ? -5.779  5.488   -1.361  1.00 25.08 ? 104 PHE A CZ  1 
ATOM   816  N N   . SER A 1 105 ? -6.687  10.352  1.537   1.00 25.27 ? 105 SER A N   1 
ATOM   817  C CA  . SER A 1 105 ? -5.334  10.728  1.910   1.00 25.28 ? 105 SER A CA  1 
ATOM   818  C C   . SER A 1 105 ? -5.041  10.433  3.367   1.00 24.86 ? 105 SER A C   1 
ATOM   819  O O   . SER A 1 105 ? -5.869  10.672  4.249   1.00 24.75 ? 105 SER A O   1 
ATOM   820  C CB  . SER A 1 105 ? -5.108  12.218  1.652   1.00 24.73 ? 105 SER A CB  1 
ATOM   821  O OG  . SER A 1 105 ? -5.981  13.003  2.449   1.00 26.73 ? 105 SER A OG  1 
ATOM   822  N N   . LEU A 1 106 ? -3.851  9.906   3.611   1.00 23.52 ? 106 LEU A N   1 
ATOM   823  C CA  . LEU A 1 106 ? -3.436  9.605   4.961   1.00 19.80 ? 106 LEU A CA  1 
ATOM   824  C C   . LEU A 1 106 ? -2.132  10.327  5.214   1.00 20.11 ? 106 LEU A C   1 
ATOM   825  O O   . LEU A 1 106 ? -1.056  9.779   4.986   1.00 19.19 ? 106 LEU A O   1 
ATOM   826  C CB  . LEU A 1 106 ? -3.235  8.098   5.165   1.00 20.71 ? 106 LEU A CB  1 
ATOM   827  C CG  . LEU A 1 106 ? -2.826  7.674   6.591   1.00 21.04 ? 106 LEU A CG  1 
ATOM   828  C CD1 . LEU A 1 106 ? -3.964  7.983   7.566   1.00 16.71 ? 106 LEU A CD1 1 
ATOM   829  C CD2 . LEU A 1 106 ? -2.494  6.191   6.629   1.00 16.56 ? 106 LEU A CD2 1 
ATOM   830  N N   . PRO A 1 107 ? -2.210  11.601  5.622   1.00 20.01 ? 107 PRO A N   1 
ATOM   831  C CA  . PRO A 1 107 ? -0.974  12.337  5.900   1.00 19.99 ? 107 PRO A CA  1 
ATOM   832  C C   . PRO A 1 107 ? -0.601  11.863  7.299   1.00 20.45 ? 107 PRO A C   1 
ATOM   833  O O   . PRO A 1 107 ? -1.486  11.607  8.112   1.00 17.69 ? 107 PRO A O   1 
ATOM   834  C CB  . PRO A 1 107 ? -1.418  13.804  5.913   1.00 18.80 ? 107 PRO A CB  1 
ATOM   835  C CG  . PRO A 1 107 ? -2.734  13.806  5.173   1.00 18.59 ? 107 PRO A CG  1 
ATOM   836  C CD  . PRO A 1 107 ? -3.369  12.509  5.590   1.00 19.67 ? 107 PRO A CD  1 
ATOM   837  N N   . ILE A 1 108 ? 0.688   11.727  7.581   1.00 20.91 ? 108 ILE A N   1 
ATOM   838  C CA  . ILE A 1 108 ? 1.108   11.290  8.903   1.00 20.77 ? 108 ILE A CA  1 
ATOM   839  C C   . ILE A 1 108 ? 1.935   12.397  9.537   1.00 22.71 ? 108 ILE A C   1 
ATOM   840  O O   . ILE A 1 108 ? 2.989   12.774  9.021   1.00 25.09 ? 108 ILE A O   1 
ATOM   841  C CB  . ILE A 1 108 ? 1.950   10.003  8.823   1.00 19.97 ? 108 ILE A CB  1 
ATOM   842  C CG1 . ILE A 1 108 ? 1.129   8.890   8.165   1.00 18.67 ? 108 ILE A CG1 1 
ATOM   843  C CG2 . ILE A 1 108 ? 2.384   9.577   10.218  1.00 19.91 ? 108 ILE A CG2 1 
ATOM   844  C CD1 . ILE A 1 108 ? 1.918   7.635   7.886   1.00 17.50 ? 108 ILE A CD1 1 
ATOM   845  N N   . GLU A 1 109 ? 1.448   12.933  10.648  1.00 22.74 ? 109 GLU A N   1 
ATOM   846  C CA  . GLU A 1 109 ? 2.159   13.997  11.337  1.00 23.91 ? 109 GLU A CA  1 
ATOM   847  C C   . GLU A 1 109 ? 3.273   13.374  12.182  1.00 23.77 ? 109 GLU A C   1 
ATOM   848  O O   . GLU A 1 109 ? 4.407   13.863  12.208  1.00 23.86 ? 109 GLU A O   1 
ATOM   849  C CB  . GLU A 1 109 ? 1.185   14.776  12.214  1.00 26.28 ? 109 GLU A CB  1 
ATOM   850  C CG  . GLU A 1 109 ? 1.697   16.127  12.677  1.00 28.88 ? 109 GLU A CG  1 
ATOM   851  C CD  . GLU A 1 109 ? 0.569   17.023  13.137  1.00 31.01 ? 109 GLU A CD  1 
ATOM   852  O OE1 . GLU A 1 109 ? -0.381  17.233  12.352  1.00 31.65 ? 109 GLU A OE1 1 
ATOM   853  O OE2 . GLU A 1 109 ? 0.624   17.513  14.280  1.00 34.58 ? 109 GLU A OE2 1 
ATOM   854  N N   . ASN A 1 110 ? 2.949   12.284  12.866  1.00 20.81 ? 110 ASN A N   1 
ATOM   855  C CA  . ASN A 1 110 ? 3.939   11.589  13.676  1.00 21.08 ? 110 ASN A CA  1 
ATOM   856  C C   . ASN A 1 110 ? 3.596   10.107  13.705  1.00 21.74 ? 110 ASN A C   1 
ATOM   857  O O   . ASN A 1 110 ? 2.450   9.726   13.948  1.00 22.02 ? 110 ASN A O   1 
ATOM   858  C CB  . ASN A 1 110 ? 3.981   12.149  15.105  1.00 21.97 ? 110 ASN A CB  1 
ATOM   859  C CG  . ASN A 1 110 ? 5.226   11.717  15.853  1.00 23.61 ? 110 ASN A CG  1 
ATOM   860  O OD1 . ASN A 1 110 ? 6.339   11.933  15.383  1.00 24.99 ? 110 ASN A OD1 1 
ATOM   861  N ND2 . ASN A 1 110 ? 5.048   11.099  17.015  1.00 23.34 ? 110 ASN A ND2 1 
ATOM   862  N N   . GLY A 1 111 ? 4.596   9.275   13.446  1.00 21.43 ? 111 GLY A N   1 
ATOM   863  C CA  . GLY A 1 111 ? 4.380   7.846   13.433  1.00 21.21 ? 111 GLY A CA  1 
ATOM   864  C C   . GLY A 1 111 ? 4.911   7.258   12.143  1.00 21.59 ? 111 GLY A C   1 
ATOM   865  O O   . GLY A 1 111 ? 5.374   7.988   11.265  1.00 20.88 ? 111 GLY A O   1 
ATOM   866  N N   . LEU A 1 112 ? 4.839   5.937   12.022  1.00 20.38 ? 112 LEU A N   1 
ATOM   867  C CA  . LEU A 1 112 ? 5.334   5.268   10.835  1.00 20.33 ? 112 LEU A CA  1 
ATOM   868  C C   . LEU A 1 112 ? 4.405   4.179   10.351  1.00 19.03 ? 112 LEU A C   1 
ATOM   869  O O   . LEU A 1 112 ? 3.701   3.549   11.138  1.00 22.33 ? 112 LEU A O   1 
ATOM   870  C CB  . LEU A 1 112 ? 6.692   4.623   11.120  1.00 19.51 ? 112 LEU A CB  1 
ATOM   871  C CG  . LEU A 1 112 ? 7.895   5.449   11.571  1.00 20.07 ? 112 LEU A CG  1 
ATOM   872  C CD1 . LEU A 1 112 ? 8.986   4.478   12.089  1.00 19.07 ? 112 LEU A CD1 1 
ATOM   873  C CD2 . LEU A 1 112 ? 8.411   6.300   10.422  1.00 16.71 ? 112 LEU A CD2 1 
ATOM   874  N N   . ILE A 1 113 ? 4.410   3.956   9.044   1.00 18.49 ? 113 ILE A N   1 
ATOM   875  C CA  . ILE A 1 113 ? 3.632   2.878   8.466   1.00 16.13 ? 113 ILE A CA  1 
ATOM   876  C C   . ILE A 1 113 ? 4.528   1.653   8.673   1.00 18.40 ? 113 ILE A C   1 
ATOM   877  O O   . ILE A 1 113 ? 5.720   1.701   8.363   1.00 21.53 ? 113 ILE A O   1 
ATOM   878  C CB  . ILE A 1 113 ? 3.426   3.081   6.964   1.00 17.30 ? 113 ILE A CB  1 
ATOM   879  C CG1 . ILE A 1 113 ? 2.508   4.279   6.721   1.00 12.79 ? 113 ILE A CG1 1 
ATOM   880  C CG2 . ILE A 1 113 ? 2.836   1.807   6.347   1.00 17.86 ? 113 ILE A CG2 1 
ATOM   881  C CD1 . ILE A 1 113 ? 2.423   4.677   5.273   1.00 16.13 ? 113 ILE A CD1 1 
ATOM   882  N N   . VAL A 1 114 ? 3.972   0.566   9.191   1.00 17.34 ? 114 VAL A N   1 
ATOM   883  C CA  . VAL A 1 114 ? 4.760   -0.639  9.440   1.00 18.24 ? 114 VAL A CA  1 
ATOM   884  C C   . VAL A 1 114 ? 4.107   -1.913  8.906   1.00 19.70 ? 114 VAL A C   1 
ATOM   885  O O   . VAL A 1 114 ? 4.496   -3.018  9.291   1.00 19.76 ? 114 VAL A O   1 
ATOM   886  C CB  . VAL A 1 114 ? 5.030   -0.830  10.966  1.00 17.74 ? 114 VAL A CB  1 
ATOM   887  C CG1 . VAL A 1 114 ? 5.860   0.326   11.500  1.00 18.50 ? 114 VAL A CG1 1 
ATOM   888  C CG2 . VAL A 1 114 ? 3.714   -0.921  11.718  1.00 16.07 ? 114 VAL A CG2 1 
ATOM   889  N N   . GLY A 1 115 ? 3.123   -1.758  8.022   1.00 20.36 ? 115 GLY A N   1 
ATOM   890  C CA  . GLY A 1 115 ? 2.445   -2.914  7.462   1.00 21.78 ? 115 GLY A CA  1 
ATOM   891  C C   . GLY A 1 115 ? 1.300   -2.581  6.517   1.00 21.18 ? 115 GLY A C   1 
ATOM   892  O O   . GLY A 1 115 ? 0.801   -1.459  6.505   1.00 22.25 ? 115 GLY A O   1 
ATOM   893  N N   . PHE A 1 116 ? 0.900   -3.566  5.720   1.00 21.50 ? 116 PHE A N   1 
ATOM   894  C CA  . PHE A 1 116 ? -0.199  -3.429  4.769   1.00 21.49 ? 116 PHE A CA  1 
ATOM   895  C C   . PHE A 1 116 ? -1.012  -4.717  4.736   1.00 21.37 ? 116 PHE A C   1 
ATOM   896  O O   . PHE A 1 116 ? -0.468  -5.816  4.852   1.00 22.32 ? 116 PHE A O   1 
ATOM   897  C CB  . PHE A 1 116 ? 0.306   -3.173  3.340   1.00 22.49 ? 116 PHE A CB  1 
ATOM   898  C CG  . PHE A 1 116 ? 0.962   -1.830  3.134   1.00 21.91 ? 116 PHE A CG  1 
ATOM   899  C CD1 . PHE A 1 116 ? 2.319   -1.664  3.351   1.00 21.81 ? 116 PHE A CD1 1 
ATOM   900  C CD2 . PHE A 1 116 ? 0.222   -0.745  2.672   1.00 22.90 ? 116 PHE A CD2 1 
ATOM   901  C CE1 . PHE A 1 116 ? 2.938   -0.434  3.104   1.00 22.54 ? 116 PHE A CE1 1 
ATOM   902  C CE2 . PHE A 1 116 ? 0.824   0.486   2.425   1.00 21.19 ? 116 PHE A CE2 1 
ATOM   903  C CZ  . PHE A 1 116 ? 2.187   0.641   2.639   1.00 22.97 ? 116 PHE A CZ  1 
ATOM   904  N N   . LYS A 1 117 ? -2.322  -4.570  4.592   1.00 20.91 ? 117 LYS A N   1 
ATOM   905  C CA  . LYS A 1 117 ? -3.230  -5.699  4.485   1.00 21.86 ? 117 LYS A CA  1 
ATOM   906  C C   . LYS A 1 117 ? -4.286  -5.234  3.498   1.00 22.24 ? 117 LYS A C   1 
ATOM   907  O O   . LYS A 1 117 ? -4.437  -4.036  3.273   1.00 22.74 ? 117 LYS A O   1 
ATOM   908  C CB  . LYS A 1 117 ? -3.879  -6.028  5.832   1.00 21.50 ? 117 LYS A CB  1 
ATOM   909  C CG  . LYS A 1 117 ? -4.799  -4.941  6.376   1.00 23.12 ? 117 LYS A CG  1 
ATOM   910  C CD  . LYS A 1 117 ? -5.334  -5.322  7.751   1.00 24.86 ? 117 LYS A CD  1 
ATOM   911  C CE  . LYS A 1 117 ? -6.387  -6.411  7.647   1.00 21.83 ? 117 LYS A CE  1 
ATOM   912  N NZ  . LYS A 1 117 ? -7.575  -5.869  6.944   1.00 27.72 ? 117 LYS A NZ  1 
ATOM   913  N N   . GLY A 1 118 ? -5.007  -6.168  2.894   1.00 22.39 ? 118 GLY A N   1 
ATOM   914  C CA  . GLY A 1 118 ? -6.025  -5.770  1.948   1.00 23.10 ? 118 GLY A CA  1 
ATOM   915  C C   . GLY A 1 118 ? -6.574  -6.915  1.132   1.00 24.69 ? 118 GLY A C   1 
ATOM   916  O O   . GLY A 1 118 ? -6.698  -8.044  1.618   1.00 25.42 ? 118 GLY A O   1 
ATOM   917  N N   . SER A 1 119 ? -6.901  -6.620  -0.120  1.00 25.11 ? 119 SER A N   1 
ATOM   918  C CA  . SER A 1 119 ? -7.456  -7.615  -1.020  1.00 24.61 ? 119 SER A CA  1 
ATOM   919  C C   . SER A 1 119 ? -7.205  -7.215  -2.463  1.00 24.59 ? 119 SER A C   1 
ATOM   920  O O   . SER A 1 119 ? -7.385  -6.053  -2.835  1.00 24.83 ? 119 SER A O   1 
ATOM   921  C CB  . SER A 1 119 ? -8.958  -7.752  -0.785  1.00 24.52 ? 119 SER A CB  1 
ATOM   922  O OG  . SER A 1 119 ? -9.540  -8.609  -1.748  1.00 30.62 ? 119 SER A OG  1 
ATOM   923  N N   . ILE A 1 120 ? -6.783  -8.178  -3.274  1.00 21.73 ? 120 ILE A N   1 
ATOM   924  C CA  . ILE A 1 120 ? -6.527  -7.911  -4.680  1.00 22.03 ? 120 ILE A CA  1 
ATOM   925  C C   . ILE A 1 120 ? -7.145  -9.000  -5.544  1.00 21.88 ? 120 ILE A C   1 
ATOM   926  O O   . ILE A 1 120 ? -7.015  -10.182 -5.247  1.00 21.64 ? 120 ILE A O   1 
ATOM   927  C CB  . ILE A 1 120 ? -5.016  -7.839  -4.976  1.00 22.15 ? 120 ILE A CB  1 
ATOM   928  C CG1 . ILE A 1 120 ? -4.378  -6.715  -4.152  1.00 21.77 ? 120 ILE A CG1 1 
ATOM   929  C CG2 . ILE A 1 120 ? -4.788  -7.611  -6.461  1.00 21.37 ? 120 ILE A CG2 1 
ATOM   930  C CD1 . ILE A 1 120 ? -2.875  -6.600  -4.314  1.00 19.04 ? 120 ILE A CD1 1 
ATOM   931  N N   . GLY A 1 121 ? -7.848  -8.579  -6.593  1.00 22.30 ? 121 GLY A N   1 
ATOM   932  C CA  . GLY A 1 121 ? -8.466  -9.503  -7.524  1.00 21.50 ? 121 GLY A CA  1 
ATOM   933  C C   . GLY A 1 121 ? -7.862  -9.130  -8.861  1.00 24.06 ? 121 GLY A C   1 
ATOM   934  O O   . GLY A 1 121 ? -6.671  -9.355  -9.077  1.00 24.29 ? 121 GLY A O   1 
ATOM   935  N N   . TYR A 1 122 ? -8.664  -8.552  -9.753  1.00 23.64 ? 122 TYR A N   1 
ATOM   936  C CA  . TYR A 1 122 ? -8.164  -8.111  -11.051 1.00 23.03 ? 122 TYR A CA  1 
ATOM   937  C C   . TYR A 1 122 ? -7.322  -6.871  -10.732 1.00 23.07 ? 122 TYR A C   1 
ATOM   938  O O   . TYR A 1 122 ? -6.286  -6.607  -11.351 1.00 21.07 ? 122 TYR A O   1 
ATOM   939  C CB  . TYR A 1 122 ? -9.329  -7.699  -11.965 1.00 23.75 ? 122 TYR A CB  1 
ATOM   940  C CG  . TYR A 1 122 ? -10.428 -8.737  -12.126 1.00 25.26 ? 122 TYR A CG  1 
ATOM   941  C CD1 . TYR A 1 122 ? -11.753 -8.347  -12.296 1.00 25.13 ? 122 TYR A CD1 1 
ATOM   942  C CD2 . TYR A 1 122 ? -10.145 -10.102 -12.116 1.00 24.29 ? 122 TYR A CD2 1 
ATOM   943  C CE1 . TYR A 1 122 ? -12.769 -9.284  -12.449 1.00 25.08 ? 122 TYR A CE1 1 
ATOM   944  C CE2 . TYR A 1 122 ? -11.158 -11.051 -12.270 1.00 23.98 ? 122 TYR A CE2 1 
ATOM   945  C CZ  . TYR A 1 122 ? -12.468 -10.634 -12.435 1.00 26.87 ? 122 TYR A CZ  1 
ATOM   946  O OH  . TYR A 1 122 ? -13.484 -11.561 -12.571 1.00 26.64 ? 122 TYR A OH  1 
ATOM   947  N N   . TRP A 1 123 ? -7.793  -6.120  -9.742  1.00 22.68 ? 123 TRP A N   1 
ATOM   948  C CA  . TRP A 1 123 ? -7.141  -4.895  -9.305  1.00 23.43 ? 123 TRP A CA  1 
ATOM   949  C C   . TRP A 1 123 ? -7.110  -4.856  -7.778  1.00 21.72 ? 123 TRP A C   1 
ATOM   950  O O   . TRP A 1 123 ? -7.629  -5.759  -7.116  1.00 21.70 ? 123 TRP A O   1 
ATOM   951  C CB  . TRP A 1 123 ? -7.923  -3.696  -9.848  1.00 23.17 ? 123 TRP A CB  1 
ATOM   952  C CG  . TRP A 1 123 ? -8.081  -3.736  -11.331 1.00 24.65 ? 123 TRP A CG  1 
ATOM   953  C CD1 . TRP A 1 123 ? -7.109  -3.523  -12.262 1.00 26.87 ? 123 TRP A CD1 1 
ATOM   954  C CD2 . TRP A 1 123 ? -9.274  -4.062  -12.062 1.00 25.62 ? 123 TRP A CD2 1 
ATOM   955  N NE1 . TRP A 1 123 ? -7.615  -3.698  -13.528 1.00 25.75 ? 123 TRP A NE1 1 
ATOM   956  C CE2 . TRP A 1 123 ? -8.941  -4.032  -13.436 1.00 27.10 ? 123 TRP A CE2 1 
ATOM   957  C CE3 . TRP A 1 123 ? -10.588 -4.378  -11.691 1.00 24.52 ? 123 TRP A CE3 1 
ATOM   958  C CZ2 . TRP A 1 123 ? -9.878  -4.309  -14.444 1.00 24.70 ? 123 TRP A CZ2 1 
ATOM   959  C CZ3 . TRP A 1 123 ? -11.521 -4.654  -12.696 1.00 26.39 ? 123 TRP A CZ3 1 
ATOM   960  C CH2 . TRP A 1 123 ? -11.155 -4.617  -14.056 1.00 24.68 ? 123 TRP A CH2 1 
ATOM   961  N N   . LEU A 1 124 ? -6.488  -3.825  -7.218  1.00 22.19 ? 124 LEU A N   1 
ATOM   962  C CA  . LEU A 1 124 ? -6.428  -3.681  -5.763  1.00 21.94 ? 124 LEU A CA  1 
ATOM   963  C C   . LEU A 1 124 ? -7.827  -3.256  -5.294  1.00 22.96 ? 124 LEU A C   1 
ATOM   964  O O   . LEU A 1 124 ? -8.274  -2.143  -5.584  1.00 24.47 ? 124 LEU A O   1 
ATOM   965  C CB  . LEU A 1 124 ? -5.393  -2.616  -5.387  1.00 19.15 ? 124 LEU A CB  1 
ATOM   966  C CG  . LEU A 1 124 ? -5.212  -2.292  -3.900  1.00 18.81 ? 124 LEU A CG  1 
ATOM   967  C CD1 . LEU A 1 124 ? -4.774  -3.529  -3.137  1.00 19.55 ? 124 LEU A CD1 1 
ATOM   968  C CD2 . LEU A 1 124 ? -4.189  -1.193  -3.753  1.00 19.85 ? 124 LEU A CD2 1 
ATOM   969  N N   . ASP A 1 125 ? -8.514  -4.145  -4.584  1.00 23.72 ? 125 ASP A N   1 
ATOM   970  C CA  . ASP A 1 125 ? -9.877  -3.868  -4.112  1.00 24.67 ? 125 ASP A CA  1 
ATOM   971  C C   . ASP A 1 125 ? -9.936  -2.822  -3.000  1.00 26.01 ? 125 ASP A C   1 
ATOM   972  O O   . ASP A 1 125 ? -10.781 -1.926  -3.024  1.00 26.08 ? 125 ASP A O   1 
ATOM   973  C CB  . ASP A 1 125 ? -10.536 -5.163  -3.636  1.00 23.21 ? 125 ASP A CB  1 
ATOM   974  C CG  . ASP A 1 125 ? -10.465 -6.267  -4.673  1.00 24.36 ? 125 ASP A CG  1 
ATOM   975  O OD1 . ASP A 1 125 ? -10.887 -6.037  -5.828  1.00 19.22 ? 125 ASP A OD1 1 
ATOM   976  O OD2 . ASP A 1 125 ? -9.987  -7.371  -4.328  1.00 25.47 ? 125 ASP A OD2 1 
ATOM   977  N N   . TYR A 1 126 ? -9.044  -2.952  -2.024  1.00 25.43 ? 126 TYR A N   1 
ATOM   978  C CA  . TYR A 1 126 ? -8.959  -2.010  -0.910  1.00 25.02 ? 126 TYR A CA  1 
ATOM   979  C C   . TYR A 1 126 ? -7.740  -2.384  -0.085  1.00 24.67 ? 126 TYR A C   1 
ATOM   980  O O   . TYR A 1 126 ? -7.150  -3.438  -0.300  1.00 24.74 ? 126 TYR A O   1 
ATOM   981  C CB  . TYR A 1 126 ? -10.206 -2.081  -0.030  1.00 25.36 ? 126 TYR A CB  1 
ATOM   982  C CG  . TYR A 1 126 ? -10.462 -3.458  0.521   1.00 25.88 ? 126 TYR A CG  1 
ATOM   983  C CD1 . TYR A 1 126 ? -11.427 -4.289  -0.053  1.00 27.53 ? 126 TYR A CD1 1 
ATOM   984  C CD2 . TYR A 1 126 ? -9.703  -3.958  1.577   1.00 25.71 ? 126 TYR A CD2 1 
ATOM   985  C CE1 . TYR A 1 126 ? -11.622 -5.589  0.409   1.00 28.24 ? 126 TYR A CE1 1 
ATOM   986  C CE2 . TYR A 1 126 ? -9.890  -5.258  2.048   1.00 28.16 ? 126 TYR A CE2 1 
ATOM   987  C CZ  . TYR A 1 126 ? -10.848 -6.061  1.456   1.00 27.37 ? 126 TYR A CZ  1 
ATOM   988  O OH  . TYR A 1 126 ? -11.014 -7.346  1.894   1.00 32.53 ? 126 TYR A OH  1 
ATOM   989  N N   . PHE A 1 127 ? -7.372  -1.537  0.868   1.00 23.15 ? 127 PHE A N   1 
ATOM   990  C CA  . PHE A 1 127 ? -6.211  -1.829  1.695   1.00 24.60 ? 127 PHE A CA  1 
ATOM   991  C C   . PHE A 1 127 ? -6.204  -1.018  2.981   1.00 24.31 ? 127 PHE A C   1 
ATOM   992  O O   . PHE A 1 127 ? -6.839  0.038   3.081   1.00 24.35 ? 127 PHE A O   1 
ATOM   993  C CB  . PHE A 1 127 ? -4.921  -1.545  0.910   1.00 23.85 ? 127 PHE A CB  1 
ATOM   994  C CG  . PHE A 1 127 ? -4.602  -0.078  0.775   1.00 24.49 ? 127 PHE A CG  1 
ATOM   995  C CD1 . PHE A 1 127 ? -3.759  0.550   1.684   1.00 24.96 ? 127 PHE A CD1 1 
ATOM   996  C CD2 . PHE A 1 127 ? -5.138  0.674   -0.266  1.00 26.26 ? 127 PHE A CD2 1 
ATOM   997  C CE1 . PHE A 1 127 ? -3.448  1.908   1.560   1.00 25.88 ? 127 PHE A CE1 1 
ATOM   998  C CE2 . PHE A 1 127 ? -4.835  2.034   -0.399  1.00 26.73 ? 127 PHE A CE2 1 
ATOM   999  C CZ  . PHE A 1 127 ? -3.987  2.649   0.515   1.00 27.18 ? 127 PHE A CZ  1 
ATOM   1000 N N   . SER A 1 128 ? -5.474  -1.526  3.963   1.00 23.20 ? 128 SER A N   1 
ATOM   1001 C CA  . SER A 1 128 ? -5.351  -0.855  5.239   1.00 23.35 ? 128 SER A CA  1 
ATOM   1002 C C   . SER A 1 128 ? -3.881  -0.685  5.556   1.00 23.59 ? 128 SER A C   1 
ATOM   1003 O O   . SER A 1 128 ? -3.022  -1.327  4.952   1.00 23.97 ? 128 SER A O   1 
ATOM   1004 C CB  . SER A 1 128 ? -6.055  -1.647  6.331   1.00 23.90 ? 128 SER A CB  1 
ATOM   1005 O OG  . SER A 1 128 ? -7.459  -1.583  6.137   1.00 27.54 ? 128 SER A OG  1 
ATOM   1006 N N   . ILE A 1 129 ? -3.603  0.174   6.525   1.00 23.23 ? 129 ILE A N   1 
ATOM   1007 C CA  . ILE A 1 129 ? -2.243  0.489   6.906   1.00 22.90 ? 129 ILE A CA  1 
ATOM   1008 C C   . ILE A 1 129 ? -1.995  0.350   8.405   1.00 23.76 ? 129 ILE A C   1 
ATOM   1009 O O   . ILE A 1 129 ? -2.762  0.875   9.215   1.00 22.44 ? 129 ILE A O   1 
ATOM   1010 C CB  . ILE A 1 129 ? -1.934  1.940   6.492   1.00 25.41 ? 129 ILE A CB  1 
ATOM   1011 C CG1 . ILE A 1 129 ? -1.927  2.038   4.965   1.00 26.97 ? 129 ILE A CG1 1 
ATOM   1012 C CG2 . ILE A 1 129 ? -0.638  2.407   7.118   1.00 25.58 ? 129 ILE A CG2 1 
ATOM   1013 C CD1 . ILE A 1 129 ? -1.918  3.446   4.443   1.00 29.76 ? 129 ILE A CD1 1 
ATOM   1014 N N   . TYR A 1 130 ? -0.924  -0.361  8.760   1.00 22.12 ? 130 TYR A N   1 
ATOM   1015 C CA  . TYR A 1 130 ? -0.537  -0.525  10.158  1.00 21.46 ? 130 TYR A CA  1 
ATOM   1016 C C   . TYR A 1 130 ? 0.290   0.704   10.523  1.00 20.56 ? 130 TYR A C   1 
ATOM   1017 O O   . TYR A 1 130 ? 1.229   1.058   9.807   1.00 20.81 ? 130 TYR A O   1 
ATOM   1018 C CB  . TYR A 1 130 ? 0.354   -1.757  10.367  1.00 19.96 ? 130 TYR A CB  1 
ATOM   1019 C CG  . TYR A 1 130 ? -0.343  -3.097  10.359  1.00 20.45 ? 130 TYR A CG  1 
ATOM   1020 C CD1 . TYR A 1 130 ? -0.894  -3.616  9.192   1.00 19.47 ? 130 TYR A CD1 1 
ATOM   1021 C CD2 . TYR A 1 130 ? -0.416  -3.864  11.521  1.00 20.11 ? 130 TYR A CD2 1 
ATOM   1022 C CE1 . TYR A 1 130 ? -1.500  -4.872  9.181   1.00 18.99 ? 130 TYR A CE1 1 
ATOM   1023 C CE2 . TYR A 1 130 ? -1.021  -5.111  11.523  1.00 19.03 ? 130 TYR A CE2 1 
ATOM   1024 C CZ  . TYR A 1 130 ? -1.561  -5.613  10.349  1.00 19.21 ? 130 TYR A CZ  1 
ATOM   1025 O OH  . TYR A 1 130 ? -2.161  -6.855  10.354  1.00 17.65 ? 130 TYR A OH  1 
ATOM   1026 N N   . LEU A 1 131 ? -0.047  1.345   11.635  1.00 20.81 ? 131 LEU A N   1 
ATOM   1027 C CA  . LEU A 1 131 ? 0.691   2.517   12.086  1.00 21.31 ? 131 LEU A CA  1 
ATOM   1028 C C   . LEU A 1 131 ? 1.323   2.253   13.447  1.00 21.39 ? 131 LEU A C   1 
ATOM   1029 O O   . LEU A 1 131 ? 0.753   1.562   14.293  1.00 22.28 ? 131 LEU A O   1 
ATOM   1030 C CB  . LEU A 1 131 ? -0.233  3.736   12.183  1.00 20.37 ? 131 LEU A CB  1 
ATOM   1031 C CG  . LEU A 1 131 ? -0.765  4.362   10.887  1.00 22.45 ? 131 LEU A CG  1 
ATOM   1032 C CD1 . LEU A 1 131 ? -1.731  5.500   11.237  1.00 19.48 ? 131 LEU A CD1 1 
ATOM   1033 C CD2 . LEU A 1 131 ? 0.405   4.882   10.035  1.00 18.07 ? 131 LEU A CD2 1 
ATOM   1034 N N   . SER A 1 132 ? 2.509   2.804   13.659  1.00 20.41 ? 132 SER A N   1 
ATOM   1035 C CA  . SER A 1 132 ? 3.176   2.632   14.932  1.00 20.80 ? 132 SER A CA  1 
ATOM   1036 C C   . SER A 1 132 ? 4.342   3.590   15.090  1.00 21.96 ? 132 SER A C   1 
ATOM   1037 O O   . SER A 1 132 ? 4.872   4.118   14.103  1.00 23.19 ? 132 SER A O   1 
ATOM   1038 C CB  . SER A 1 132 ? 3.689   1.200   15.074  1.00 22.19 ? 132 SER A CB  1 
ATOM   1039 O OG  . SER A 1 132 ? 4.418   1.051   16.285  1.00 21.14 ? 132 SER A OG  1 
ATOM   1040 N N   . LEU A 1 133 ? 4.719   3.832   16.338  1.00 18.61 ? 133 LEU A N   1 
ATOM   1041 C CA  . LEU A 1 133 ? 5.865   4.673   16.622  1.00 21.87 ? 133 LEU A CA  1 
ATOM   1042 C C   . LEU A 1 133 ? 7.066   3.734   16.462  1.00 22.37 ? 133 LEU A C   1 
ATOM   1043 O O   . LEU A 1 133 ? 6.818   2.517   16.278  1.00 22.18 ? 133 LEU A O   1 
ATOM   1044 C CB  . LEU A 1 133 ? 5.798   5.208   18.055  1.00 21.80 ? 133 LEU A CB  1 
ATOM   1045 C CG  . LEU A 1 133 ? 4.722   6.262   18.315  1.00 24.91 ? 133 LEU A CG  1 
ATOM   1046 C CD1 . LEU A 1 133 ? 4.615   6.530   19.799  1.00 23.98 ? 133 LEU A CD1 1 
ATOM   1047 C CD2 . LEU A 1 133 ? 5.077   7.544   17.556  1.00 24.74 ? 133 LEU A CD2 1 
ATOM   1048 O OXT . LEU A 1 133 ? 8.221   4.207   16.519  1.00 22.03 ? 133 LEU A OXT 1 
ATOM   1049 N N   . GLY B 2 1   ? -10.388 -12.950 23.646  1.00 58.61 ? 2   GLY B N   1 
ATOM   1050 C CA  . GLY B 2 1   ? -9.896  -11.693 24.287  1.00 58.15 ? 2   GLY B CA  1 
ATOM   1051 C C   . GLY B 2 1   ? -8.741  -11.910 25.252  1.00 57.61 ? 2   GLY B C   1 
ATOM   1052 O O   . GLY B 2 1   ? -8.668  -12.936 25.932  1.00 58.91 ? 2   GLY B O   1 
ATOM   1053 N N   . ARG B 2 2   ? -7.834  -10.937 25.306  1.00 55.95 ? 3   ARG B N   1 
ATOM   1054 C CA  . ARG B 2 2   ? -6.673  -11.000 26.188  1.00 53.73 ? 3   ARG B CA  1 
ATOM   1055 C C   . ARG B 2 2   ? -5.809  -12.227 25.889  1.00 51.00 ? 3   ARG B C   1 
ATOM   1056 O O   . ARG B 2 2   ? -5.825  -13.207 26.639  1.00 51.44 ? 3   ARG B O   1 
ATOM   1057 C CB  . ARG B 2 2   ? -7.137  -11.026 27.651  1.00 55.93 ? 3   ARG B CB  1 
ATOM   1058 C CG  . ARG B 2 2   ? -6.022  -10.868 28.678  1.00 57.98 ? 3   ARG B CG  1 
ATOM   1059 C CD  . ARG B 2 2   ? -6.555  -10.841 30.115  1.00 60.47 ? 3   ARG B CD  1 
ATOM   1060 N NE  . ARG B 2 2   ? -7.320  -9.631  30.427  1.00 62.55 ? 3   ARG B NE  1 
ATOM   1061 C CZ  . ARG B 2 2   ? -8.575  -9.400  30.041  1.00 63.84 ? 3   ARG B CZ  1 
ATOM   1062 N NH1 . ARG B 2 2   ? -9.236  -10.297 29.322  1.00 64.40 ? 3   ARG B NH1 1 
ATOM   1063 N NH2 . ARG B 2 2   ? -9.172  -8.263  30.374  1.00 63.27 ? 3   ARG B NH2 1 
ATOM   1064 N N   . ASN B 2 3   ? -5.064  -12.175 24.786  1.00 46.70 ? 4   ASN B N   1 
ATOM   1065 C CA  . ASN B 2 3   ? -4.192  -13.281 24.404  1.00 41.80 ? 4   ASN B CA  1 
ATOM   1066 C C   . ASN B 2 3   ? -2.762  -12.799 24.171  1.00 38.55 ? 4   ASN B C   1 
ATOM   1067 O O   . ASN B 2 3   ? -2.451  -11.627 24.399  1.00 37.21 ? 4   ASN B O   1 
ATOM   1068 C CB  . ASN B 2 3   ? -4.724  -13.981 23.151  1.00 42.33 ? 4   ASN B CB  1 
ATOM   1069 C CG  . ASN B 2 3   ? -4.791  -13.066 21.951  1.00 42.38 ? 4   ASN B CG  1 
ATOM   1070 O OD1 . ASN B 2 3   ? -3.806  -12.433 21.579  1.00 42.91 ? 4   ASN B OD1 1 
ATOM   1071 N ND2 . ASN B 2 3   ? -5.961  -12.997 21.329  1.00 45.76 ? 4   ASN B ND2 1 
ATOM   1072 N N   . GLY B 2 4   ? -1.900  -13.700 23.710  1.00 33.83 ? 5   GLY B N   1 
ATOM   1073 C CA  . GLY B 2 4   ? -0.507  -13.349 23.488  1.00 29.87 ? 5   GLY B CA  1 
ATOM   1074 C C   . GLY B 2 4   ? -0.148  -12.758 22.138  1.00 28.86 ? 5   GLY B C   1 
ATOM   1075 O O   . GLY B 2 4   ? 1.021   -12.758 21.746  1.00 27.21 ? 5   GLY B O   1 
ATOM   1076 N N   . LYS B 2 5   ? -1.136  -12.244 21.419  1.00 27.82 ? 6   LYS B N   1 
ATOM   1077 C CA  . LYS B 2 5   ? -0.869  -11.656 20.112  1.00 28.53 ? 6   LYS B CA  1 
ATOM   1078 C C   . LYS B 2 5   ? -0.727  -10.141 20.218  1.00 27.00 ? 6   LYS B C   1 
ATOM   1079 O O   . LYS B 2 5   ? -1.648  -9.446  20.642  1.00 25.99 ? 6   LYS B O   1 
ATOM   1080 C CB  . LYS B 2 5   ? -1.990  -12.026 19.133  1.00 31.36 ? 6   LYS B CB  1 
ATOM   1081 C CG  . LYS B 2 5   ? -2.084  -13.527 18.870  1.00 35.38 ? 6   LYS B CG  1 
ATOM   1082 C CD  . LYS B 2 5   ? -3.342  -13.923 18.099  1.00 39.79 ? 6   LYS B CD  1 
ATOM   1083 C CE  . LYS B 2 5   ? -3.336  -13.379 16.683  1.00 43.78 ? 6   LYS B CE  1 
ATOM   1084 N NZ  . LYS B 2 5   ? -4.530  -13.843 15.911  1.00 46.84 ? 6   LYS B NZ  1 
ATOM   1085 N N   . SER B 2 6   ? 0.445   -9.641  19.853  1.00 25.96 ? 7   SER B N   1 
ATOM   1086 C CA  . SER B 2 6   ? 0.707   -8.210  19.893  1.00 27.06 ? 7   SER B CA  1 
ATOM   1087 C C   . SER B 2 6   ? -0.330  -7.465  19.060  1.00 25.53 ? 7   SER B C   1 
ATOM   1088 O O   . SER B 2 6   ? -0.622  -7.856  17.939  1.00 23.98 ? 7   SER B O   1 
ATOM   1089 C CB  . SER B 2 6   ? 2.102   -7.915  19.343  1.00 25.71 ? 7   SER B CB  1 
ATOM   1090 O OG  . SER B 2 6   ? 2.339   -6.520  19.321  1.00 25.64 ? 7   SER B OG  1 
ATOM   1091 N N   . GLN B 2 7   ? -0.888  -6.397  19.617  1.00 27.10 ? 8   GLN B N   1 
ATOM   1092 C CA  . GLN B 2 7   ? -1.887  -5.602  18.908  1.00 27.77 ? 8   GLN B CA  1 
ATOM   1093 C C   . GLN B 2 7   ? -1.223  -4.454  18.146  1.00 27.23 ? 8   GLN B C   1 
ATOM   1094 O O   . GLN B 2 7   ? -0.125  -4.005  18.489  1.00 26.20 ? 8   GLN B O   1 
ATOM   1095 C CB  . GLN B 2 7   ? -2.915  -5.035  19.891  1.00 29.80 ? 8   GLN B CB  1 
ATOM   1096 C CG  . GLN B 2 7   ? -3.747  -6.081  20.625  1.00 35.81 ? 8   GLN B CG  1 
ATOM   1097 C CD  . GLN B 2 7   ? -4.628  -6.891  19.691  1.00 38.95 ? 8   GLN B CD  1 
ATOM   1098 O OE1 . GLN B 2 7   ? -5.465  -6.338  18.971  1.00 41.20 ? 8   GLN B OE1 1 
ATOM   1099 N NE2 . GLN B 2 7   ? -4.447  -8.210  19.698  1.00 40.08 ? 8   GLN B NE2 1 
ATOM   1100 N N   . SER B 2 8   ? -1.899  -3.986  17.106  1.00 24.87 ? 9   SER B N   1 
ATOM   1101 C CA  . SER B 2 8   ? -1.387  -2.892  16.287  1.00 24.20 ? 9   SER B CA  1 
ATOM   1102 C C   . SER B 2 8   ? -2.498  -1.915  15.920  1.00 22.29 ? 9   SER B C   1 
ATOM   1103 O O   . SER B 2 8   ? -3.675  -2.287  15.829  1.00 20.07 ? 9   SER B O   1 
ATOM   1104 C CB  . SER B 2 8   ? -0.790  -3.427  14.981  1.00 24.92 ? 9   SER B CB  1 
ATOM   1105 O OG  . SER B 2 8   ? 0.463   -4.043  15.176  1.00 30.77 ? 9   SER B OG  1 
ATOM   1106 N N   . ILE B 2 9   ? -2.111  -0.666  15.702  1.00 20.45 ? 10  ILE B N   1 
ATOM   1107 C CA  . ILE B 2 9   ? -3.053  0.361   15.280  1.00 19.57 ? 10  ILE B CA  1 
ATOM   1108 C C   . ILE B 2 9   ? -3.197  0.184   13.769  1.00 18.93 ? 10  ILE B C   1 
ATOM   1109 O O   . ILE B 2 9   ? -2.199  0.190   13.040  1.00 19.64 ? 10  ILE B O   1 
ATOM   1110 C CB  . ILE B 2 9   ? -2.506  1.772   15.571  1.00 20.77 ? 10  ILE B CB  1 
ATOM   1111 C CG1 . ILE B 2 9   ? -2.391  1.974   17.085  1.00 19.22 ? 10  ILE B CG1 1 
ATOM   1112 C CG2 . ILE B 2 9   ? -3.411  2.823   14.928  1.00 21.41 ? 10  ILE B CG2 1 
ATOM   1113 C CD1 . ILE B 2 9   ? -1.779  3.290   17.487  1.00 25.25 ? 10  ILE B CD1 1 
ATOM   1114 N N   . ILE B 2 10  ? -4.426  0.015   13.301  1.00 17.12 ? 11  ILE B N   1 
ATOM   1115 C CA  . ILE B 2 10  ? -4.679  -0.169  11.877  1.00 18.25 ? 11  ILE B CA  1 
ATOM   1116 C C   . ILE B 2 10  ? -5.696  0.847   11.364  1.00 19.12 ? 11  ILE B C   1 
ATOM   1117 O O   . ILE B 2 10  ? -6.792  0.963   11.912  1.00 20.21 ? 11  ILE B O   1 
ATOM   1118 C CB  . ILE B 2 10  ? -5.215  -1.598  11.587  1.00 16.46 ? 11  ILE B CB  1 
ATOM   1119 C CG1 . ILE B 2 10  ? -4.158  -2.641  11.979  1.00 18.05 ? 11  ILE B CG1 1 
ATOM   1120 C CG2 . ILE B 2 10  ? -5.561  -1.740  10.104  1.00 15.52 ? 11  ILE B CG2 1 
ATOM   1121 C CD1 . ILE B 2 10  ? -4.605  -4.091  11.794  1.00 14.71 ? 11  ILE B CD1 1 
ATOM   1122 N N   . VAL B 2 11  ? -5.322  1.598   10.329  1.00 20.20 ? 12  VAL B N   1 
ATOM   1123 C CA  . VAL B 2 11  ? -6.226  2.582   9.745   1.00 20.80 ? 12  VAL B CA  1 
ATOM   1124 C C   . VAL B 2 11  ? -6.653  2.108   8.370   1.00 22.14 ? 12  VAL B C   1 
ATOM   1125 O O   . VAL B 2 11  ? -5.865  1.496   7.639   1.00 20.70 ? 12  VAL B O   1 
ATOM   1126 C CB  . VAL B 2 11  ? -5.583  3.985   9.605   1.00 22.05 ? 12  VAL B CB  1 
ATOM   1127 C CG1 . VAL B 2 11  ? -5.382  4.606   10.985  1.00 23.56 ? 12  VAL B CG1 1 
ATOM   1128 C CG2 . VAL B 2 11  ? -4.264  3.888   8.857   1.00 21.37 ? 12  VAL B CG2 1 
ATOM   1129 N N   . GLY B 2 12  ? -7.904  2.402   8.032   1.00 21.01 ? 13  GLY B N   1 
ATOM   1130 C CA  . GLY B 2 12  ? -8.458  1.983   6.761   1.00 22.52 ? 13  GLY B CA  1 
ATOM   1131 C C   . GLY B 2 12  ? -9.653  1.085   7.032   1.00 22.37 ? 13  GLY B C   1 
ATOM   1132 O O   . GLY B 2 12  ? -10.162 1.054   8.151   1.00 21.46 ? 13  GLY B O   1 
ATOM   1133 N N   . PRO B 2 13  ? -10.113 0.327   6.035   1.00 23.29 ? 14  PRO B N   1 
ATOM   1134 C CA  . PRO B 2 13  ? -9.545  0.295   4.689   1.00 24.03 ? 14  PRO B CA  1 
ATOM   1135 C C   . PRO B 2 13  ? -10.077 1.396   3.786   1.00 24.98 ? 14  PRO B C   1 
ATOM   1136 O O   . PRO B 2 13  ? -11.084 2.046   4.087   1.00 23.67 ? 14  PRO B O   1 
ATOM   1137 C CB  . PRO B 2 13  ? -9.952  -1.083  4.193   1.00 25.32 ? 14  PRO B CB  1 
ATOM   1138 C CG  . PRO B 2 13  ? -11.334 -1.220  4.777   1.00 24.25 ? 14  PRO B CG  1 
ATOM   1139 C CD  . PRO B 2 13  ? -11.145 -0.719  6.197   1.00 25.30 ? 14  PRO B CD  1 
ATOM   1140 N N   . TRP B 2 14  ? -9.379  1.615   2.680   1.00 25.81 ? 15  TRP B N   1 
ATOM   1141 C CA  . TRP B 2 14  ? -9.806  2.595   1.692   1.00 28.27 ? 15  TRP B CA  1 
ATOM   1142 C C   . TRP B 2 14  ? -10.032 1.776   0.425   1.00 29.39 ? 15  TRP B C   1 
ATOM   1143 O O   . TRP B 2 14  ? -9.212  0.919   0.086   1.00 29.64 ? 15  TRP B O   1 
ATOM   1144 C CB  . TRP B 2 14  ? -8.722  3.646   1.462   1.00 27.14 ? 15  TRP B CB  1 
ATOM   1145 C CG  . TRP B 2 14  ? -8.642  4.681   2.544   1.00 27.25 ? 15  TRP B CG  1 
ATOM   1146 C CD1 . TRP B 2 14  ? -9.421  5.800   2.673   1.00 25.39 ? 15  TRP B CD1 1 
ATOM   1147 C CD2 . TRP B 2 14  ? -7.732  4.696   3.650   1.00 24.55 ? 15  TRP B CD2 1 
ATOM   1148 N NE1 . TRP B 2 14  ? -9.048  6.511   3.789   1.00 26.10 ? 15  TRP B NE1 1 
ATOM   1149 C CE2 . TRP B 2 14  ? -8.014  5.855   4.407   1.00 26.58 ? 15  TRP B CE2 1 
ATOM   1150 C CE3 . TRP B 2 14  ? -6.706  3.841   4.076   1.00 26.36 ? 15  TRP B CE3 1 
ATOM   1151 C CZ2 . TRP B 2 14  ? -7.302  6.181   5.568   1.00 27.53 ? 15  TRP B CZ2 1 
ATOM   1152 C CZ3 . TRP B 2 14  ? -5.998  4.164   5.232   1.00 25.78 ? 15  TRP B CZ3 1 
ATOM   1153 C CH2 . TRP B 2 14  ? -6.300  5.324   5.962   1.00 26.33 ? 15  TRP B CH2 1 
ATOM   1154 N N   . GLY B 2 15  ? -11.143 2.022   -0.259  1.00 30.08 ? 16  GLY B N   1 
ATOM   1155 C CA  . GLY B 2 15  ? -11.434 1.275   -1.470  1.00 32.03 ? 16  GLY B CA  1 
ATOM   1156 C C   . GLY B 2 15  ? -12.748 0.512   -1.430  1.00 32.47 ? 16  GLY B C   1 
ATOM   1157 O O   . GLY B 2 15  ? -13.084 -0.202  -2.372  1.00 31.17 ? 16  GLY B O   1 
ATOM   1158 N N   . ASP B 2 16  ? -13.491 0.658   -0.338  1.00 34.86 ? 17  ASP B N   1 
ATOM   1159 C CA  . ASP B 2 16  ? -14.780 -0.011  -0.190  1.00 38.55 ? 17  ASP B CA  1 
ATOM   1160 C C   . ASP B 2 16  ? -15.871 0.800   -0.877  1.00 39.37 ? 17  ASP B C   1 
ATOM   1161 O O   . ASP B 2 16  ? -15.597 1.972   -1.222  1.00 38.67 ? 17  ASP B O   1 
ATOM   1162 C CB  . ASP B 2 16  ? -15.138 -0.167  1.289   1.00 42.31 ? 17  ASP B CB  1 
ATOM   1163 C CG  . ASP B 2 16  ? -14.354 -1.265  1.966   1.00 45.57 ? 17  ASP B CG  1 
ATOM   1164 O OD1 . ASP B 2 16  ? -14.442 -1.376  3.209   1.00 47.53 ? 17  ASP B OD1 1 
ATOM   1165 O OD2 . ASP B 2 16  ? -13.658 -2.023  1.257   1.00 47.58 ? 17  ASP B OD2 1 
ATOM   1166 O OXT . ASP B 2 16  ? -16.987 0.258   -1.043  1.00 38.64 ? 17  ASP B OXT 1 
HETATM 1167 O O   . HOH C 3 .   ? 3.692   -7.635  0.523   1.00 22.59 ? 134 HOH A O   1 
HETATM 1168 O O   . HOH C 3 .   ? 6.057   -2.207  14.810  1.00 42.28 ? 135 HOH A O   1 
HETATM 1169 O O   . HOH C 3 .   ? -10.908 -6.606  -8.509  1.00 21.80 ? 136 HOH A O   1 
HETATM 1170 O O   . HOH C 3 .   ? -4.081  -10.947 -2.709  1.00 23.81 ? 137 HOH A O   1 
HETATM 1171 O O   . HOH C 3 .   ? -13.888 -2.942  -2.871  1.00 25.47 ? 138 HOH A O   1 
HETATM 1172 O O   . HOH C 3 .   ? -12.344 -8.340  -6.997  1.00 27.68 ? 139 HOH A O   1 
HETATM 1173 O O   . HOH C 3 .   ? 0.447   11.027  -0.909  1.00 22.39 ? 140 HOH A O   1 
HETATM 1174 O O   . HOH C 3 .   ? -15.952 -9.989  -13.223 1.00 35.13 ? 141 HOH A O   1 
HETATM 1175 O O   . HOH C 3 .   ? -8.388  13.419  0.727   1.00 38.27 ? 142 HOH A O   1 
HETATM 1176 O O   . HOH C 3 .   ? 11.173  3.792   5.211   1.00 15.99 ? 143 HOH A O   1 
HETATM 1177 O O   . HOH C 3 .   ? 0.561   -0.108  16.247  1.00 30.40 ? 144 HOH A O   1 
HETATM 1178 O O   . HOH C 3 .   ? 0.329   -9.192  -10.189 1.00 22.42 ? 145 HOH A O   1 
HETATM 1179 O O   . HOH C 3 .   ? -7.754  -4.064  4.593   1.00 23.26 ? 146 HOH A O   1 
HETATM 1180 O O   . HOH C 3 .   ? -3.539  15.646  2.516   1.00 47.74 ? 147 HOH A O   1 
HETATM 1181 O O   . HOH C 3 .   ? -6.520  -3.725  -16.090 1.00 26.43 ? 148 HOH A O   1 
HETATM 1182 O O   . HOH C 3 .   ? -11.566 -8.996  -9.297  1.00 25.00 ? 149 HOH A O   1 
HETATM 1183 O O   . HOH C 3 .   ? 5.775   9.309   8.817   1.00 21.06 ? 150 HOH A O   1 
HETATM 1184 O O   . HOH C 3 .   ? -3.151  11.685  -4.787  1.00 53.53 ? 151 HOH A O   1 
HETATM 1185 O O   . HOH C 3 .   ? -4.119  2.580   -12.457 1.00 33.98 ? 152 HOH A O   1 
HETATM 1186 O O   . HOH C 3 .   ? 19.237  5.778   5.254   1.00 38.06 ? 153 HOH A O   1 
HETATM 1187 O O   . HOH C 3 .   ? -16.620 -3.835  -5.243  1.00 37.38 ? 154 HOH A O   1 
HETATM 1188 O O   . HOH C 3 .   ? -5.680  11.932  -3.716  1.00 20.54 ? 155 HOH A O   1 
HETATM 1189 O O   . HOH C 3 .   ? 1.221   -7.275  -15.638 1.00 42.24 ? 156 HOH A O   1 
HETATM 1190 O O   . HOH C 3 .   ? 8.440   4.437   5.047   1.00 18.73 ? 157 HOH A O   1 
HETATM 1191 O O   . HOH C 3 .   ? 10.305  3.077   7.688   1.00 23.72 ? 158 HOH A O   1 
HETATM 1192 O O   . HOH C 3 .   ? -2.858  9.260   -6.450  1.00 28.93 ? 159 HOH A O   1 
HETATM 1193 O O   . HOH C 3 .   ? -18.921 -1.260  -6.295  1.00 51.03 ? 160 HOH A O   1 
HETATM 1194 O O   . HOH C 3 .   ? 3.196   -1.419  -20.525 1.00 49.64 ? 161 HOH A O   1 
HETATM 1195 O O   . HOH C 3 .   ? -0.290  -1.475  -18.921 1.00 33.78 ? 162 HOH A O   1 
HETATM 1196 O O   . HOH C 3 .   ? -6.205  13.440  -1.530  1.00 45.63 ? 163 HOH A O   1 
HETATM 1197 O O   . HOH C 3 .   ? 13.152  -11.690 2.769   1.00 30.45 ? 164 HOH A O   1 
HETATM 1198 O O   . HOH C 3 .   ? 5.462   11.938  9.832   1.00 30.60 ? 165 HOH A O   1 
HETATM 1199 O O   . HOH C 3 .   ? 7.471   3.556   7.484   1.00 15.03 ? 166 HOH A O   1 
HETATM 1200 O O   . HOH C 3 .   ? 12.806  4.055   -6.174  1.00 29.20 ? 167 HOH A O   1 
HETATM 1201 O O   . HOH C 3 .   ? -2.384  -13.814 0.389   1.00 33.11 ? 168 HOH A O   1 
HETATM 1202 O O   . HOH C 3 .   ? -1.031  8.884   -12.598 1.00 43.33 ? 169 HOH A O   1 
HETATM 1203 O O   . HOH C 3 .   ? -2.132  -12.137 -1.591  1.00 31.36 ? 170 HOH A O   1 
HETATM 1204 O O   . HOH C 3 .   ? 5.968   5.729   7.450   1.00 19.11 ? 171 HOH A O   1 
HETATM 1205 O O   . HOH C 3 .   ? -0.093  6.932   -14.431 1.00 31.02 ? 172 HOH A O   1 
HETATM 1206 O O   . HOH C 3 .   ? 10.078  3.107   -10.948 1.00 37.12 ? 173 HOH A O   1 
HETATM 1207 O O   . HOH C 3 .   ? 6.596   -0.944  -16.497 1.00 43.61 ? 174 HOH A O   1 
HETATM 1208 O O   . HOH C 3 .   ? -13.114 12.773  -13.078 1.00 59.57 ? 175 HOH A O   1 
HETATM 1209 O O   . HOH C 3 .   ? 1.312   13.353  -1.026  1.00 41.43 ? 176 HOH A O   1 
HETATM 1210 O O   . HOH C 3 .   ? 7.607   12.412  11.429  1.00 46.15 ? 177 HOH A O   1 
HETATM 1211 O O   . HOH C 3 .   ? 15.452  10.908  8.260   1.00 43.13 ? 178 HOH A O   1 
HETATM 1212 O O   . HOH C 3 .   ? 3.001   -8.656  -17.341 1.00 67.94 ? 179 HOH A O   1 
HETATM 1213 O O   . HOH C 3 .   ? 7.178   9.729   -8.897  1.00 47.69 ? 180 HOH A O   1 
HETATM 1214 O O   . HOH C 3 .   ? 8.071   -13.690 1.849   1.00 46.86 ? 181 HOH A O   1 
HETATM 1215 O O   . HOH C 3 .   ? -4.238  -11.759 -5.210  1.00 27.77 ? 182 HOH A O   1 
HETATM 1216 O O   . HOH C 3 .   ? 5.702   15.220  7.678   1.00 45.04 ? 183 HOH A O   1 
HETATM 1217 O O   . HOH C 3 .   ? 8.914   6.664   15.848  1.00 23.57 ? 184 HOH A O   1 
HETATM 1218 O O   . HOH C 3 .   ? 8.778   -5.267  -2.582  1.00 30.82 ? 185 HOH A O   1 
HETATM 1219 O O   . HOH C 3 .   ? -9.261  -14.625 0.270   1.00 30.41 ? 186 HOH A O   1 
HETATM 1220 O O   . HOH C 3 .   ? 15.607  -0.054  -1.197  1.00 36.50 ? 187 HOH A O   1 
HETATM 1221 O O   . HOH C 3 .   ? 2.638   -10.725 -12.035 1.00 39.94 ? 188 HOH A O   1 
HETATM 1222 O O   . HOH C 3 .   ? -21.450 3.328   -4.805  1.00 60.89 ? 189 HOH A O   1 
HETATM 1223 O O   . HOH C 3 .   ? 2.014   -9.957  -15.218 1.00 42.25 ? 190 HOH A O   1 
HETATM 1224 O O   . HOH C 3 .   ? 17.757  1.932   -4.621  1.00 41.75 ? 191 HOH A O   1 
HETATM 1225 O O   . HOH C 3 .   ? 4.090   -8.565  -13.048 1.00 66.32 ? 192 HOH A O   1 
HETATM 1226 O O   . HOH C 3 .   ? -3.944  -3.843  -21.015 1.00 49.24 ? 193 HOH A O   1 
HETATM 1227 O O   . HOH C 3 .   ? 4.785   -11.019 -9.805  1.00 36.55 ? 194 HOH A O   1 
HETATM 1228 O O   . HOH C 3 .   ? 7.590   10.193  12.416  1.00 31.94 ? 195 HOH A O   1 
HETATM 1229 O O   . HOH C 3 .   ? 11.430  15.746  -3.995  1.00 64.60 ? 196 HOH A O   1 
HETATM 1230 O O   . HOH C 3 .   ? 2.660   -7.906  -8.713  1.00 37.27 ? 197 HOH A O   1 
HETATM 1231 O O   . HOH D 3 .   ? -7.175  -11.895 18.457  1.00 46.71 ? 18  HOH B O   1 
HETATM 1232 O O   . HOH D 3 .   ? 2.833   -3.924  18.317  1.00 42.20 ? 23  HOH B O   1 
HETATM 1233 O O   . HOH D 3 .   ? -12.025 0.078   9.515   1.00 20.77 ? 40  HOH B O   1 
HETATM 1234 O O   . HOH D 3 .   ? -3.487  -9.113  22.574  1.00 53.15 ? 49  HOH B O   1 
HETATM 1235 O O   . HOH D 3 .   ? 2.568   -2.705  15.605  1.00 21.44 ? 51  HOH B O   1 
HETATM 1236 O O   . HOH D 3 .   ? -12.920 3.637   0.956   1.00 38.54 ? 55  HOH B O   1 
HETATM 1237 O O   . HOH D 3 .   ? -15.656 4.448   -1.787  1.00 38.95 ? 67  HOH B O   1 
HETATM 1238 O O   . HOH D 3 .   ? -14.953 -4.146  3.697   1.00 42.75 ? 73  HOH B O   1 
# 
loop_
_pdbx_poly_seq_scheme.asym_id 
_pdbx_poly_seq_scheme.entity_id 
_pdbx_poly_seq_scheme.seq_id 
_pdbx_poly_seq_scheme.mon_id 
_pdbx_poly_seq_scheme.ndb_seq_num 
_pdbx_poly_seq_scheme.pdb_seq_num 
_pdbx_poly_seq_scheme.auth_seq_num 
_pdbx_poly_seq_scheme.pdb_mon_id 
_pdbx_poly_seq_scheme.auth_mon_id 
_pdbx_poly_seq_scheme.pdb_strand_id 
_pdbx_poly_seq_scheme.pdb_ins_code 
_pdbx_poly_seq_scheme.hetero 
A 1 1   GLY 1   1   1   GLY GLY A . n 
A 1 2   VAL 2   2   2   VAL VAL A . n 
A 1 3   THR 3   3   3   THR THR A . n 
A 1 4   PHE 4   4   4   PHE PHE A . n 
A 1 5   ASP 5   5   5   ASP ASP A . n 
A 1 6   ASP 6   6   6   ASP ASP A . n 
A 1 7   GLY 7   7   7   GLY GLY A . n 
A 1 8   ALA 8   8   8   ALA ALA A . n 
A 1 9   TYR 9   9   9   TYR TYR A . n 
A 1 10  THR 10  10  10  THR THR A . n 
A 1 11  GLY 11  11  11  GLY GLY A . n 
A 1 12  ILE 12  12  12  ILE ILE A . n 
A 1 13  ARG 13  13  13  ARG ARG A . n 
A 1 14  GLU 14  14  14  GLU GLU A . n 
A 1 15  ILE 15  15  15  ILE ILE A . n 
A 1 16  ASN 16  16  16  ASN ASN A . n 
A 1 17  PHE 17  17  17  PHE PHE A . n 
A 1 18  GLU 18  18  18  GLU GLU A . n 
A 1 19  TYR 19  19  19  TYR TYR A . n 
A 1 20  ASN 20  20  20  ASN ASN A . n 
A 1 21  SER 21  21  21  SER SER A . n 
A 1 22  GLU 22  22  22  GLU GLU A . n 
A 1 23  THR 23  23  23  THR THR A . n 
A 1 24  ALA 24  24  24  ALA ALA A . n 
A 1 25  ILE 25  25  25  ILE ILE A . n 
A 1 26  GLY 26  26  26  GLY GLY A . n 
A 1 27  GLY 27  27  27  GLY GLY A . n 
A 1 28  LEU 28  28  28  LEU LEU A . n 
A 1 29  ARG 29  29  29  ARG ARG A . n 
A 1 30  VAL 30  30  30  VAL VAL A . n 
A 1 31  THR 31  31  31  THR THR A . n 
A 1 32  TYR 32  32  32  TYR TYR A . n 
A 1 33  ASP 33  33  33  ASP ASP A . n 
A 1 34  LEU 34  34  34  LEU LEU A . n 
A 1 35  ASN 35  35  35  ASN ASN A . n 
A 1 36  GLY 36  36  36  GLY GLY A . n 
A 1 37  MET 37  37  37  MET MET A . n 
A 1 38  PRO 38  38  38  PRO PRO A . n 
A 1 39  PHE 39  39  39  PHE PHE A . n 
A 1 40  VAL 40  40  40  VAL VAL A . n 
A 1 41  ALA 41  41  41  ALA ALA A . n 
A 1 42  GLU 42  42  42  GLU GLU A . n 
A 1 43  ASP 43  43  43  ASP ASP A . n 
A 1 44  HIS 44  44  44  HIS HIS A . n 
A 1 45  LYS 45  45  45  LYS LYS A . n 
A 1 46  SER 46  46  46  SER SER A . n 
A 1 47  PHE 47  47  47  PHE PHE A . n 
A 1 48  ILE 48  48  48  ILE ILE A . n 
A 1 49  THR 49  49  49  THR THR A . n 
A 1 50  GLY 50  50  50  GLY GLY A . n 
A 1 51  PHE 51  51  51  PHE PHE A . n 
A 1 52  LYS 52  52  52  LYS LYS A . n 
A 1 53  PRO 53  53  53  PRO PRO A . n 
A 1 54  VAL 54  54  54  VAL VAL A . n 
A 1 55  LYS 55  55  55  LYS LYS A . n 
A 1 56  ILE 56  56  56  ILE ILE A . n 
A 1 57  SER 57  57  57  SER SER A . n 
A 1 58  LEU 58  58  58  LEU LEU A . n 
A 1 59  GLU 59  59  59  GLU GLU A . n 
A 1 60  PHE 60  60  60  PHE PHE A . n 
A 1 61  PRO 61  61  61  PRO PRO A . n 
A 1 62  SER 62  62  62  SER SER A . n 
A 1 63  GLU 63  63  63  GLU GLU A . n 
A 1 64  TYR 64  64  64  TYR TYR A . n 
A 1 65  ILE 65  65  65  ILE ILE A . n 
A 1 66  VAL 66  66  66  VAL VAL A . n 
A 1 67  GLU 67  67  67  GLU GLU A . n 
A 1 68  VAL 68  68  68  VAL VAL A . n 
A 1 69  SER 69  69  69  SER SER A . n 
A 1 70  GLY 70  70  70  GLY GLY A . n 
A 1 71  TYR 71  71  71  TYR TYR A . n 
A 1 72  VAL 72  72  72  VAL VAL A . n 
A 1 73  GLY 73  73  73  GLY GLY A . n 
A 1 74  LYS 74  74  74  LYS LYS A . n 
A 1 75  VAL 75  75  75  VAL VAL A . n 
A 1 76  GLU 76  76  76  GLU GLU A . n 
A 1 77  GLY 77  77  77  GLY GLY A . n 
A 1 78  TYR 78  78  78  TYR TYR A . n 
A 1 79  THR 79  79  79  THR THR A . n 
A 1 80  VAL 80  80  80  VAL VAL A . n 
A 1 81  ILE 81  81  81  ILE ILE A . n 
A 1 82  ARG 82  82  82  ARG ARG A . n 
A 1 83  SER 83  83  83  SER SER A . n 
A 1 84  LEU 84  84  84  LEU LEU A . n 
A 1 85  THR 85  85  85  THR THR A . n 
A 1 86  PHE 86  86  86  PHE PHE A . n 
A 1 87  LYS 87  87  87  LYS LYS A . n 
A 1 88  THR 88  88  88  THR THR A . n 
A 1 89  ASN 89  89  89  ASN ASN A . n 
A 1 90  LYS 90  90  90  LYS LYS A . n 
A 1 91  GLN 91  91  91  GLN GLN A . n 
A 1 92  THR 92  92  92  THR THR A . n 
A 1 93  TYR 93  93  93  TYR TYR A . n 
A 1 94  GLY 94  94  94  GLY GLY A . n 
A 1 95  PRO 95  95  95  PRO PRO A . n 
A 1 96  TYR 96  96  96  TYR TYR A . n 
A 1 97  GLY 97  97  97  GLY GLY A . n 
A 1 98  VAL 98  98  98  VAL VAL A . n 
A 1 99  THR 99  99  99  THR THR A . n 
A 1 100 ASN 100 100 100 ASN ASN A . n 
A 1 101 GLY 101 101 101 GLY GLY A . n 
A 1 102 THR 102 102 102 THR THR A . n 
A 1 103 PRO 103 103 103 PRO PRO A . n 
A 1 104 PHE 104 104 104 PHE PHE A . n 
A 1 105 SER 105 105 105 SER SER A . n 
A 1 106 LEU 106 106 106 LEU LEU A . n 
A 1 107 PRO 107 107 107 PRO PRO A . n 
A 1 108 ILE 108 108 108 ILE ILE A . n 
A 1 109 GLU 109 109 109 GLU GLU A . n 
A 1 110 ASN 110 110 110 ASN ASN A . n 
A 1 111 GLY 111 111 111 GLY GLY A . n 
A 1 112 LEU 112 112 112 LEU LEU A . n 
A 1 113 ILE 113 113 113 ILE ILE A . n 
A 1 114 VAL 114 114 114 VAL VAL A . n 
A 1 115 GLY 115 115 115 GLY GLY A . n 
A 1 116 PHE 116 116 116 PHE PHE A . n 
A 1 117 LYS 117 117 117 LYS LYS A . n 
A 1 118 GLY 118 118 118 GLY GLY A . n 
A 1 119 SER 119 119 119 SER SER A . n 
A 1 120 ILE 120 120 120 ILE ILE A . n 
A 1 121 GLY 121 121 121 GLY GLY A . n 
A 1 122 TYR 122 122 122 TYR TYR A . n 
A 1 123 TRP 123 123 123 TRP TRP A . n 
A 1 124 LEU 124 124 124 LEU LEU A . n 
A 1 125 ASP 125 125 125 ASP ASP A . n 
A 1 126 TYR 126 126 126 TYR TYR A . n 
A 1 127 PHE 127 127 127 PHE PHE A . n 
A 1 128 SER 128 128 128 SER SER A . n 
A 1 129 ILE 129 129 129 ILE ILE A . n 
A 1 130 TYR 130 130 130 TYR TYR A . n 
A 1 131 LEU 131 131 131 LEU LEU A . n 
A 1 132 SER 132 132 132 SER SER A . n 
A 1 133 LEU 133 133 133 LEU LEU A . n 
B 2 1   GLY 1   2   2   GLY GLY B . n 
B 2 2   ARG 2   3   3   ARG ARG B . n 
B 2 3   ASN 3   4   4   ASN ASN B . n 
B 2 4   GLY 4   5   5   GLY GLY B . n 
B 2 5   LYS 5   6   6   LYS LYS B . n 
B 2 6   SER 6   7   7   SER SER B . n 
B 2 7   GLN 7   8   8   GLN GLN B . n 
B 2 8   SER 8   9   9   SER SER B . n 
B 2 9   ILE 9   10  10  ILE ILE B . n 
B 2 10  ILE 10  11  11  ILE ILE B . n 
B 2 11  VAL 11  12  12  VAL VAL B . n 
B 2 12  GLY 12  13  13  GLY GLY B . n 
B 2 13  PRO 13  14  14  PRO PRO B . n 
B 2 14  TRP 14  15  15  TRP TRP B . n 
B 2 15  GLY 15  16  16  GLY GLY B . n 
B 2 16  ASP 16  17  17  ASP ASP B . n 
# 
loop_
_pdbx_nonpoly_scheme.asym_id 
_pdbx_nonpoly_scheme.entity_id 
_pdbx_nonpoly_scheme.mon_id 
_pdbx_nonpoly_scheme.ndb_seq_num 
_pdbx_nonpoly_scheme.pdb_seq_num 
_pdbx_nonpoly_scheme.auth_seq_num 
_pdbx_nonpoly_scheme.pdb_mon_id 
_pdbx_nonpoly_scheme.auth_mon_id 
_pdbx_nonpoly_scheme.pdb_strand_id 
_pdbx_nonpoly_scheme.pdb_ins_code 
C 3 HOH 1  134 1  HOH HOH A . 
C 3 HOH 2  135 2  HOH HOH A . 
C 3 HOH 3  136 3  HOH HOH A . 
C 3 HOH 4  137 4  HOH HOH A . 
C 3 HOH 5  138 5  HOH HOH A . 
C 3 HOH 6  139 6  HOH HOH A . 
C 3 HOH 7  140 7  HOH HOH A . 
C 3 HOH 8  141 8  HOH HOH A . 
C 3 HOH 9  142 9  HOH HOH A . 
C 3 HOH 10 143 10 HOH HOH A . 
C 3 HOH 11 144 11 HOH HOH A . 
C 3 HOH 12 145 12 HOH HOH A . 
C 3 HOH 13 146 13 HOH HOH A . 
C 3 HOH 14 147 14 HOH HOH A . 
C 3 HOH 15 148 15 HOH HOH A . 
C 3 HOH 16 149 16 HOH HOH A . 
C 3 HOH 17 150 17 HOH HOH A . 
C 3 HOH 18 151 19 HOH HOH A . 
C 3 HOH 19 152 20 HOH HOH A . 
C 3 HOH 20 153 21 HOH HOH A . 
C 3 HOH 21 154 22 HOH HOH A . 
C 3 HOH 22 155 24 HOH HOH A . 
C 3 HOH 23 156 25 HOH HOH A . 
C 3 HOH 24 157 26 HOH HOH A . 
C 3 HOH 25 158 27 HOH HOH A . 
C 3 HOH 26 159 29 HOH HOH A . 
C 3 HOH 27 160 30 HOH HOH A . 
C 3 HOH 28 161 31 HOH HOH A . 
C 3 HOH 29 162 32 HOH HOH A . 
C 3 HOH 30 163 33 HOH HOH A . 
C 3 HOH 31 164 34 HOH HOH A . 
C 3 HOH 32 165 35 HOH HOH A . 
C 3 HOH 33 166 36 HOH HOH A . 
C 3 HOH 34 167 37 HOH HOH A . 
C 3 HOH 35 168 38 HOH HOH A . 
C 3 HOH 36 169 39 HOH HOH A . 
C 3 HOH 37 170 41 HOH HOH A . 
C 3 HOH 38 171 42 HOH HOH A . 
C 3 HOH 39 172 43 HOH HOH A . 
C 3 HOH 40 173 44 HOH HOH A . 
C 3 HOH 41 174 45 HOH HOH A . 
C 3 HOH 42 175 46 HOH HOH A . 
C 3 HOH 43 176 47 HOH HOH A . 
C 3 HOH 44 177 48 HOH HOH A . 
C 3 HOH 45 178 50 HOH HOH A . 
C 3 HOH 46 179 52 HOH HOH A . 
C 3 HOH 47 180 53 HOH HOH A . 
C 3 HOH 48 181 54 HOH HOH A . 
C 3 HOH 49 182 56 HOH HOH A . 
C 3 HOH 50 183 57 HOH HOH A . 
C 3 HOH 51 184 58 HOH HOH A . 
C 3 HOH 52 185 59 HOH HOH A . 
C 3 HOH 53 186 60 HOH HOH A . 
C 3 HOH 54 187 61 HOH HOH A . 
C 3 HOH 55 188 62 HOH HOH A . 
C 3 HOH 56 189 63 HOH HOH A . 
C 3 HOH 57 190 64 HOH HOH A . 
C 3 HOH 58 191 65 HOH HOH A . 
C 3 HOH 59 192 66 HOH HOH A . 
C 3 HOH 60 193 68 HOH HOH A . 
C 3 HOH 61 194 69 HOH HOH A . 
C 3 HOH 62 195 70 HOH HOH A . 
C 3 HOH 63 196 71 HOH HOH A . 
C 3 HOH 64 197 72 HOH HOH A . 
D 3 HOH 1  18  18 HOH HOH B . 
D 3 HOH 2  23  23 HOH HOH B . 
D 3 HOH 3  40  40 HOH HOH B . 
D 3 HOH 4  49  49 HOH HOH B . 
D 3 HOH 5  51  51 HOH HOH B . 
D 3 HOH 6  55  55 HOH HOH B . 
D 3 HOH 7  67  67 HOH HOH B . 
D 3 HOH 8  73  73 HOH HOH B . 
# 
loop_
_pdbx_struct_assembly.id 
_pdbx_struct_assembly.details 
_pdbx_struct_assembly.method_details 
_pdbx_struct_assembly.oligomeric_details 
_pdbx_struct_assembly.oligomeric_count 
1 software_defined_assembly            PISA octameric 8 
2 author_and_software_defined_assembly PISA dimeric   2 
# 
loop_
_pdbx_struct_assembly_gen.assembly_id 
_pdbx_struct_assembly_gen.oper_expression 
_pdbx_struct_assembly_gen.asym_id_list 
1 1,2,3,4 A,B,C,D 
2 1       A,B,C,D 
# 
loop_
_pdbx_struct_assembly_prop.biol_id 
_pdbx_struct_assembly_prop.type 
_pdbx_struct_assembly_prop.value 
_pdbx_struct_assembly_prop.details 
1 'ABSA (A^2)' 12000 ? 
1 MORE         -80   ? 
1 'SSA (A^2)'  24190 ? 
2 'ABSA (A^2)' 960   ? 
2 MORE         -8    ? 
2 'SSA (A^2)'  8090  ? 
# 
loop_
_pdbx_struct_oper_list.id 
_pdbx_struct_oper_list.type 
_pdbx_struct_oper_list.name 
_pdbx_struct_oper_list.symmetry_operation 
_pdbx_struct_oper_list.matrix[1][1] 
_pdbx_struct_oper_list.matrix[1][2] 
_pdbx_struct_oper_list.matrix[1][3] 
_pdbx_struct_oper_list.vector[1] 
_pdbx_struct_oper_list.matrix[2][1] 
_pdbx_struct_oper_list.matrix[2][2] 
_pdbx_struct_oper_list.matrix[2][3] 
_pdbx_struct_oper_list.vector[2] 
_pdbx_struct_oper_list.matrix[3][1] 
_pdbx_struct_oper_list.matrix[3][2] 
_pdbx_struct_oper_list.matrix[3][3] 
_pdbx_struct_oper_list.vector[3] 
1 'identity operation'         1_555  x,y,z     1.0000000000  0.0000000000  0.0000000000  0.0000000000   0.0000000000  1.0000000000  0.0000000000  0.0000000000   0.0000000000  0.0000000000  1.0000000000  0.0000000000  
2 'crystal symmetry operation' 4_555  -x,-y,z   -0.6542443555 -0.5831490078 -0.4815615827 15.2364393605  -0.5831490078 -0.0164650360 0.8121983362  -14.1391544259 -0.4815615827 0.8121983362  -0.3292906085 28.0614552154 
3 'crystal symmetry operation' 8_555  x-y,-y,-z 0.1866937155  0.9398437789  -0.2860753884 6.1144211628   0.9398437789  -0.2556577007 -0.2265674542 5.2554497023   -0.2860753884 -0.2265674542 -0.9310360148 42.6294863909 
4 'crystal symmetry operation' 11_555 -x+y,y,-z -0.5324493600 -0.3566947711 0.7676369711  -12.3573193870 -0.3566947711 -0.7278772633 -0.5856308819 16.8322936890  0.7676369711  -0.5856308819 0.2603266233  15.3479628732 
# 
loop_
_pdbx_audit_revision_history.ordinal 
_pdbx_audit_revision_history.data_content_type 
_pdbx_audit_revision_history.major_revision 
_pdbx_audit_revision_history.minor_revision 
_pdbx_audit_revision_history.revision_date 
1 'Structure model' 1 0 2010-09-22 
2 'Structure model' 1 1 2011-07-13 
3 'Structure model' 1 2 2023-09-06 
# 
_pdbx_audit_revision_details.ordinal             1 
_pdbx_audit_revision_details.revision_ordinal    1 
_pdbx_audit_revision_details.data_content_type   'Structure model' 
_pdbx_audit_revision_details.provider            repository 
_pdbx_audit_revision_details.type                'Initial release' 
_pdbx_audit_revision_details.description         ? 
_pdbx_audit_revision_details.details             ? 
# 
loop_
_pdbx_audit_revision_group.ordinal 
_pdbx_audit_revision_group.revision_ordinal 
_pdbx_audit_revision_group.data_content_type 
_pdbx_audit_revision_group.group 
1 2 'Structure model' 'Version format compliance' 
2 3 'Structure model' 'Data collection'           
3 3 'Structure model' 'Database references'       
4 3 'Structure model' 'Refinement description'    
# 
loop_
_pdbx_audit_revision_category.ordinal 
_pdbx_audit_revision_category.revision_ordinal 
_pdbx_audit_revision_category.data_content_type 
_pdbx_audit_revision_category.category 
1 3 'Structure model' chem_comp_atom                
2 3 'Structure model' chem_comp_bond                
3 3 'Structure model' database_2                    
4 3 'Structure model' pdbx_initial_refinement_model 
# 
loop_
_pdbx_audit_revision_item.ordinal 
_pdbx_audit_revision_item.revision_ordinal 
_pdbx_audit_revision_item.data_content_type 
_pdbx_audit_revision_item.item 
1 3 'Structure model' '_database_2.pdbx_DOI'                
2 3 'Structure model' '_database_2.pdbx_database_accession' 
# 
loop_
_software.pdbx_ordinal 
_software.name 
_software.version 
_software.date 
_software.type 
_software.contact_author 
_software.contact_author_email 
_software.classification 
_software.location 
_software.language 
_software.citation_id 
1 CNS         .     ?               package 'Axel T. Brunger' axel.brunger@yale.edu refinement        http://cns-online.org/ 
Fortran_77 ? 
2 PDB_EXTRACT 3.005 'June 11, 2008' package PDB               help@deposit.rcsb.org 'data extraction' 
http://sw-tools.pdb.org/apps/PDB_EXTRACT/ C++        ? 
3 APEX        .     ?               ?       ?                 ?                     'data collection' ? ?          ? 
4 HKL-2000    .     ?               ?       ?                 ?                     'data reduction'  ? ?          ? 
5 HKL-2000    .     ?               ?       ?                 ?                     'data scaling'    ? ?          ? 
6 AMoRE       .     ?               ?       ?                 ?                     phasing           ? ?          ? 
# 
loop_
_pdbx_validate_torsion.id 
_pdbx_validate_torsion.PDB_model_num 
_pdbx_validate_torsion.auth_comp_id 
_pdbx_validate_torsion.auth_asym_id 
_pdbx_validate_torsion.auth_seq_id 
_pdbx_validate_torsion.PDB_ins_code 
_pdbx_validate_torsion.label_alt_id 
_pdbx_validate_torsion.phi 
_pdbx_validate_torsion.psi 
1 1 THR A 23 ? ? -96.71  -98.81 
2 1 GLU A 67 ? ? -172.30 139.27 
3 1 ARG B 3  ? ? 58.97   74.62  
# 
loop_
_chem_comp_atom.comp_id 
_chem_comp_atom.atom_id 
_chem_comp_atom.type_symbol 
_chem_comp_atom.pdbx_aromatic_flag 
_chem_comp_atom.pdbx_stereo_config 
_chem_comp_atom.pdbx_ordinal 
ALA N    N N N 1   
ALA CA   C N S 2   
ALA C    C N N 3   
ALA O    O N N 4   
ALA CB   C N N 5   
ALA OXT  O N N 6   
ALA H    H N N 7   
ALA H2   H N N 8   
ALA HA   H N N 9   
ALA HB1  H N N 10  
ALA HB2  H N N 11  
ALA HB3  H N N 12  
ALA HXT  H N N 13  
ARG N    N N N 14  
ARG CA   C N S 15  
ARG C    C N N 16  
ARG O    O N N 17  
ARG CB   C N N 18  
ARG CG   C N N 19  
ARG CD   C N N 20  
ARG NE   N N N 21  
ARG CZ   C N N 22  
ARG NH1  N N N 23  
ARG NH2  N N N 24  
ARG OXT  O N N 25  
ARG H    H N N 26  
ARG H2   H N N 27  
ARG HA   H N N 28  
ARG HB2  H N N 29  
ARG HB3  H N N 30  
ARG HG2  H N N 31  
ARG HG3  H N N 32  
ARG HD2  H N N 33  
ARG HD3  H N N 34  
ARG HE   H N N 35  
ARG HH11 H N N 36  
ARG HH12 H N N 37  
ARG HH21 H N N 38  
ARG HH22 H N N 39  
ARG HXT  H N N 40  
ASN N    N N N 41  
ASN CA   C N S 42  
ASN C    C N N 43  
ASN O    O N N 44  
ASN CB   C N N 45  
ASN CG   C N N 46  
ASN OD1  O N N 47  
ASN ND2  N N N 48  
ASN OXT  O N N 49  
ASN H    H N N 50  
ASN H2   H N N 51  
ASN HA   H N N 52  
ASN HB2  H N N 53  
ASN HB3  H N N 54  
ASN HD21 H N N 55  
ASN HD22 H N N 56  
ASN HXT  H N N 57  
ASP N    N N N 58  
ASP CA   C N S 59  
ASP C    C N N 60  
ASP O    O N N 61  
ASP CB   C N N 62  
ASP CG   C N N 63  
ASP OD1  O N N 64  
ASP OD2  O N N 65  
ASP OXT  O N N 66  
ASP H    H N N 67  
ASP H2   H N N 68  
ASP HA   H N N 69  
ASP HB2  H N N 70  
ASP HB3  H N N 71  
ASP HD2  H N N 72  
ASP HXT  H N N 73  
GLN N    N N N 74  
GLN CA   C N S 75  
GLN C    C N N 76  
GLN O    O N N 77  
GLN CB   C N N 78  
GLN CG   C N N 79  
GLN CD   C N N 80  
GLN OE1  O N N 81  
GLN NE2  N N N 82  
GLN OXT  O N N 83  
GLN H    H N N 84  
GLN H2   H N N 85  
GLN HA   H N N 86  
GLN HB2  H N N 87  
GLN HB3  H N N 88  
GLN HG2  H N N 89  
GLN HG3  H N N 90  
GLN HE21 H N N 91  
GLN HE22 H N N 92  
GLN HXT  H N N 93  
GLU N    N N N 94  
GLU CA   C N S 95  
GLU C    C N N 96  
GLU O    O N N 97  
GLU CB   C N N 98  
GLU CG   C N N 99  
GLU CD   C N N 100 
GLU OE1  O N N 101 
GLU OE2  O N N 102 
GLU OXT  O N N 103 
GLU H    H N N 104 
GLU H2   H N N 105 
GLU HA   H N N 106 
GLU HB2  H N N 107 
GLU HB3  H N N 108 
GLU HG2  H N N 109 
GLU HG3  H N N 110 
GLU HE2  H N N 111 
GLU HXT  H N N 112 
GLY N    N N N 113 
GLY CA   C N N 114 
GLY C    C N N 115 
GLY O    O N N 116 
GLY OXT  O N N 117 
GLY H    H N N 118 
GLY H2   H N N 119 
GLY HA2  H N N 120 
GLY HA3  H N N 121 
GLY HXT  H N N 122 
HIS N    N N N 123 
HIS CA   C N S 124 
HIS C    C N N 125 
HIS O    O N N 126 
HIS CB   C N N 127 
HIS CG   C Y N 128 
HIS ND1  N Y N 129 
HIS CD2  C Y N 130 
HIS CE1  C Y N 131 
HIS NE2  N Y N 132 
HIS OXT  O N N 133 
HIS H    H N N 134 
HIS H2   H N N 135 
HIS HA   H N N 136 
HIS HB2  H N N 137 
HIS HB3  H N N 138 
HIS HD1  H N N 139 
HIS HD2  H N N 140 
HIS HE1  H N N 141 
HIS HE2  H N N 142 
HIS HXT  H N N 143 
HOH O    O N N 144 
HOH H1   H N N 145 
HOH H2   H N N 146 
ILE N    N N N 147 
ILE CA   C N S 148 
ILE C    C N N 149 
ILE O    O N N 150 
ILE CB   C N S 151 
ILE CG1  C N N 152 
ILE CG2  C N N 153 
ILE CD1  C N N 154 
ILE OXT  O N N 155 
ILE H    H N N 156 
ILE H2   H N N 157 
ILE HA   H N N 158 
ILE HB   H N N 159 
ILE HG12 H N N 160 
ILE HG13 H N N 161 
ILE HG21 H N N 162 
ILE HG22 H N N 163 
ILE HG23 H N N 164 
ILE HD11 H N N 165 
ILE HD12 H N N 166 
ILE HD13 H N N 167 
ILE HXT  H N N 168 
LEU N    N N N 169 
LEU CA   C N S 170 
LEU C    C N N 171 
LEU O    O N N 172 
LEU CB   C N N 173 
LEU CG   C N N 174 
LEU CD1  C N N 175 
LEU CD2  C N N 176 
LEU OXT  O N N 177 
LEU H    H N N 178 
LEU H2   H N N 179 
LEU HA   H N N 180 
LEU HB2  H N N 181 
LEU HB3  H N N 182 
LEU HG   H N N 183 
LEU HD11 H N N 184 
LEU HD12 H N N 185 
LEU HD13 H N N 186 
LEU HD21 H N N 187 
LEU HD22 H N N 188 
LEU HD23 H N N 189 
LEU HXT  H N N 190 
LYS N    N N N 191 
LYS CA   C N S 192 
LYS C    C N N 193 
LYS O    O N N 194 
LYS CB   C N N 195 
LYS CG   C N N 196 
LYS CD   C N N 197 
LYS CE   C N N 198 
LYS NZ   N N N 199 
LYS OXT  O N N 200 
LYS H    H N N 201 
LYS H2   H N N 202 
LYS HA   H N N 203 
LYS HB2  H N N 204 
LYS HB3  H N N 205 
LYS HG2  H N N 206 
LYS HG3  H N N 207 
LYS HD2  H N N 208 
LYS HD3  H N N 209 
LYS HE2  H N N 210 
LYS HE3  H N N 211 
LYS HZ1  H N N 212 
LYS HZ2  H N N 213 
LYS HZ3  H N N 214 
LYS HXT  H N N 215 
MET N    N N N 216 
MET CA   C N S 217 
MET C    C N N 218 
MET O    O N N 219 
MET CB   C N N 220 
MET CG   C N N 221 
MET SD   S N N 222 
MET CE   C N N 223 
MET OXT  O N N 224 
MET H    H N N 225 
MET H2   H N N 226 
MET HA   H N N 227 
MET HB2  H N N 228 
MET HB3  H N N 229 
MET HG2  H N N 230 
MET HG3  H N N 231 
MET HE1  H N N 232 
MET HE2  H N N 233 
MET HE3  H N N 234 
MET HXT  H N N 235 
PHE N    N N N 236 
PHE CA   C N S 237 
PHE C    C N N 238 
PHE O    O N N 239 
PHE CB   C N N 240 
PHE CG   C Y N 241 
PHE CD1  C Y N 242 
PHE CD2  C Y N 243 
PHE CE1  C Y N 244 
PHE CE2  C Y N 245 
PHE CZ   C Y N 246 
PHE OXT  O N N 247 
PHE H    H N N 248 
PHE H2   H N N 249 
PHE HA   H N N 250 
PHE HB2  H N N 251 
PHE HB3  H N N 252 
PHE HD1  H N N 253 
PHE HD2  H N N 254 
PHE HE1  H N N 255 
PHE HE2  H N N 256 
PHE HZ   H N N 257 
PHE HXT  H N N 258 
PRO N    N N N 259 
PRO CA   C N S 260 
PRO C    C N N 261 
PRO O    O N N 262 
PRO CB   C N N 263 
PRO CG   C N N 264 
PRO CD   C N N 265 
PRO OXT  O N N 266 
PRO H    H N N 267 
PRO HA   H N N 268 
PRO HB2  H N N 269 
PRO HB3  H N N 270 
PRO HG2  H N N 271 
PRO HG3  H N N 272 
PRO HD2  H N N 273 
PRO HD3  H N N 274 
PRO HXT  H N N 275 
SER N    N N N 276 
SER CA   C N S 277 
SER C    C N N 278 
SER O    O N N 279 
SER CB   C N N 280 
SER OG   O N N 281 
SER OXT  O N N 282 
SER H    H N N 283 
SER H2   H N N 284 
SER HA   H N N 285 
SER HB2  H N N 286 
SER HB3  H N N 287 
SER HG   H N N 288 
SER HXT  H N N 289 
THR N    N N N 290 
THR CA   C N S 291 
THR C    C N N 292 
THR O    O N N 293 
THR CB   C N R 294 
THR OG1  O N N 295 
THR CG2  C N N 296 
THR OXT  O N N 297 
THR H    H N N 298 
THR H2   H N N 299 
THR HA   H N N 300 
THR HB   H N N 301 
THR HG1  H N N 302 
THR HG21 H N N 303 
THR HG22 H N N 304 
THR HG23 H N N 305 
THR HXT  H N N 306 
TRP N    N N N 307 
TRP CA   C N S 308 
TRP C    C N N 309 
TRP O    O N N 310 
TRP CB   C N N 311 
TRP CG   C Y N 312 
TRP CD1  C Y N 313 
TRP CD2  C Y N 314 
TRP NE1  N Y N 315 
TRP CE2  C Y N 316 
TRP CE3  C Y N 317 
TRP CZ2  C Y N 318 
TRP CZ3  C Y N 319 
TRP CH2  C Y N 320 
TRP OXT  O N N 321 
TRP H    H N N 322 
TRP H2   H N N 323 
TRP HA   H N N 324 
TRP HB2  H N N 325 
TRP HB3  H N N 326 
TRP HD1  H N N 327 
TRP HE1  H N N 328 
TRP HE3  H N N 329 
TRP HZ2  H N N 330 
TRP HZ3  H N N 331 
TRP HH2  H N N 332 
TRP HXT  H N N 333 
TYR N    N N N 334 
TYR CA   C N S 335 
TYR C    C N N 336 
TYR O    O N N 337 
TYR CB   C N N 338 
TYR CG   C Y N 339 
TYR CD1  C Y N 340 
TYR CD2  C Y N 341 
TYR CE1  C Y N 342 
TYR CE2  C Y N 343 
TYR CZ   C Y N 344 
TYR OH   O N N 345 
TYR OXT  O N N 346 
TYR H    H N N 347 
TYR H2   H N N 348 
TYR HA   H N N 349 
TYR HB2  H N N 350 
TYR HB3  H N N 351 
TYR HD1  H N N 352 
TYR HD2  H N N 353 
TYR HE1  H N N 354 
TYR HE2  H N N 355 
TYR HH   H N N 356 
TYR HXT  H N N 357 
VAL N    N N N 358 
VAL CA   C N S 359 
VAL C    C N N 360 
VAL O    O N N 361 
VAL CB   C N N 362 
VAL CG1  C N N 363 
VAL CG2  C N N 364 
VAL OXT  O N N 365 
VAL H    H N N 366 
VAL H2   H N N 367 
VAL HA   H N N 368 
VAL HB   H N N 369 
VAL HG11 H N N 370 
VAL HG12 H N N 371 
VAL HG13 H N N 372 
VAL HG21 H N N 373 
VAL HG22 H N N 374 
VAL HG23 H N N 375 
VAL HXT  H N N 376 
# 
loop_
_chem_comp_bond.comp_id 
_chem_comp_bond.atom_id_1 
_chem_comp_bond.atom_id_2 
_chem_comp_bond.value_order 
_chem_comp_bond.pdbx_aromatic_flag 
_chem_comp_bond.pdbx_stereo_config 
_chem_comp_bond.pdbx_ordinal 
ALA N   CA   sing N N 1   
ALA N   H    sing N N 2   
ALA N   H2   sing N N 3   
ALA CA  C    sing N N 4   
ALA CA  CB   sing N N 5   
ALA CA  HA   sing N N 6   
ALA C   O    doub N N 7   
ALA C   OXT  sing N N 8   
ALA CB  HB1  sing N N 9   
ALA CB  HB2  sing N N 10  
ALA CB  HB3  sing N N 11  
ALA OXT HXT  sing N N 12  
ARG N   CA   sing N N 13  
ARG N   H    sing N N 14  
ARG N   H2   sing N N 15  
ARG CA  C    sing N N 16  
ARG CA  CB   sing N N 17  
ARG CA  HA   sing N N 18  
ARG C   O    doub N N 19  
ARG C   OXT  sing N N 20  
ARG CB  CG   sing N N 21  
ARG CB  HB2  sing N N 22  
ARG CB  HB3  sing N N 23  
ARG CG  CD   sing N N 24  
ARG CG  HG2  sing N N 25  
ARG CG  HG3  sing N N 26  
ARG CD  NE   sing N N 27  
ARG CD  HD2  sing N N 28  
ARG CD  HD3  sing N N 29  
ARG NE  CZ   sing N N 30  
ARG NE  HE   sing N N 31  
ARG CZ  NH1  sing N N 32  
ARG CZ  NH2  doub N N 33  
ARG NH1 HH11 sing N N 34  
ARG NH1 HH12 sing N N 35  
ARG NH2 HH21 sing N N 36  
ARG NH2 HH22 sing N N 37  
ARG OXT HXT  sing N N 38  
ASN N   CA   sing N N 39  
ASN N   H    sing N N 40  
ASN N   H2   sing N N 41  
ASN CA  C    sing N N 42  
ASN CA  CB   sing N N 43  
ASN CA  HA   sing N N 44  
ASN C   O    doub N N 45  
ASN C   OXT  sing N N 46  
ASN CB  CG   sing N N 47  
ASN CB  HB2  sing N N 48  
ASN CB  HB3  sing N N 49  
ASN CG  OD1  doub N N 50  
ASN CG  ND2  sing N N 51  
ASN ND2 HD21 sing N N 52  
ASN ND2 HD22 sing N N 53  
ASN OXT HXT  sing N N 54  
ASP N   CA   sing N N 55  
ASP N   H    sing N N 56  
ASP N   H2   sing N N 57  
ASP CA  C    sing N N 58  
ASP CA  CB   sing N N 59  
ASP CA  HA   sing N N 60  
ASP C   O    doub N N 61  
ASP C   OXT  sing N N 62  
ASP CB  CG   sing N N 63  
ASP CB  HB2  sing N N 64  
ASP CB  HB3  sing N N 65  
ASP CG  OD1  doub N N 66  
ASP CG  OD2  sing N N 67  
ASP OD2 HD2  sing N N 68  
ASP OXT HXT  sing N N 69  
GLN N   CA   sing N N 70  
GLN N   H    sing N N 71  
GLN N   H2   sing N N 72  
GLN CA  C    sing N N 73  
GLN CA  CB   sing N N 74  
GLN CA  HA   sing N N 75  
GLN C   O    doub N N 76  
GLN C   OXT  sing N N 77  
GLN CB  CG   sing N N 78  
GLN CB  HB2  sing N N 79  
GLN CB  HB3  sing N N 80  
GLN CG  CD   sing N N 81  
GLN CG  HG2  sing N N 82  
GLN CG  HG3  sing N N 83  
GLN CD  OE1  doub N N 84  
GLN CD  NE2  sing N N 85  
GLN NE2 HE21 sing N N 86  
GLN NE2 HE22 sing N N 87  
GLN OXT HXT  sing N N 88  
GLU N   CA   sing N N 89  
GLU N   H    sing N N 90  
GLU N   H2   sing N N 91  
GLU CA  C    sing N N 92  
GLU CA  CB   sing N N 93  
GLU CA  HA   sing N N 94  
GLU C   O    doub N N 95  
GLU C   OXT  sing N N 96  
GLU CB  CG   sing N N 97  
GLU CB  HB2  sing N N 98  
GLU CB  HB3  sing N N 99  
GLU CG  CD   sing N N 100 
GLU CG  HG2  sing N N 101 
GLU CG  HG3  sing N N 102 
GLU CD  OE1  doub N N 103 
GLU CD  OE2  sing N N 104 
GLU OE2 HE2  sing N N 105 
GLU OXT HXT  sing N N 106 
GLY N   CA   sing N N 107 
GLY N   H    sing N N 108 
GLY N   H2   sing N N 109 
GLY CA  C    sing N N 110 
GLY CA  HA2  sing N N 111 
GLY CA  HA3  sing N N 112 
GLY C   O    doub N N 113 
GLY C   OXT  sing N N 114 
GLY OXT HXT  sing N N 115 
HIS N   CA   sing N N 116 
HIS N   H    sing N N 117 
HIS N   H2   sing N N 118 
HIS CA  C    sing N N 119 
HIS CA  CB   sing N N 120 
HIS CA  HA   sing N N 121 
HIS C   O    doub N N 122 
HIS C   OXT  sing N N 123 
HIS CB  CG   sing N N 124 
HIS CB  HB2  sing N N 125 
HIS CB  HB3  sing N N 126 
HIS CG  ND1  sing Y N 127 
HIS CG  CD2  doub Y N 128 
HIS ND1 CE1  doub Y N 129 
HIS ND1 HD1  sing N N 130 
HIS CD2 NE2  sing Y N 131 
HIS CD2 HD2  sing N N 132 
HIS CE1 NE2  sing Y N 133 
HIS CE1 HE1  sing N N 134 
HIS NE2 HE2  sing N N 135 
HIS OXT HXT  sing N N 136 
HOH O   H1   sing N N 137 
HOH O   H2   sing N N 138 
ILE N   CA   sing N N 139 
ILE N   H    sing N N 140 
ILE N   H2   sing N N 141 
ILE CA  C    sing N N 142 
ILE CA  CB   sing N N 143 
ILE CA  HA   sing N N 144 
ILE C   O    doub N N 145 
ILE C   OXT  sing N N 146 
ILE CB  CG1  sing N N 147 
ILE CB  CG2  sing N N 148 
ILE CB  HB   sing N N 149 
ILE CG1 CD1  sing N N 150 
ILE CG1 HG12 sing N N 151 
ILE CG1 HG13 sing N N 152 
ILE CG2 HG21 sing N N 153 
ILE CG2 HG22 sing N N 154 
ILE CG2 HG23 sing N N 155 
ILE CD1 HD11 sing N N 156 
ILE CD1 HD12 sing N N 157 
ILE CD1 HD13 sing N N 158 
ILE OXT HXT  sing N N 159 
LEU N   CA   sing N N 160 
LEU N   H    sing N N 161 
LEU N   H2   sing N N 162 
LEU CA  C    sing N N 163 
LEU CA  CB   sing N N 164 
LEU CA  HA   sing N N 165 
LEU C   O    doub N N 166 
LEU C   OXT  sing N N 167 
LEU CB  CG   sing N N 168 
LEU CB  HB2  sing N N 169 
LEU CB  HB3  sing N N 170 
LEU CG  CD1  sing N N 171 
LEU CG  CD2  sing N N 172 
LEU CG  HG   sing N N 173 
LEU CD1 HD11 sing N N 174 
LEU CD1 HD12 sing N N 175 
LEU CD1 HD13 sing N N 176 
LEU CD2 HD21 sing N N 177 
LEU CD2 HD22 sing N N 178 
LEU CD2 HD23 sing N N 179 
LEU OXT HXT  sing N N 180 
LYS N   CA   sing N N 181 
LYS N   H    sing N N 182 
LYS N   H2   sing N N 183 
LYS CA  C    sing N N 184 
LYS CA  CB   sing N N 185 
LYS CA  HA   sing N N 186 
LYS C   O    doub N N 187 
LYS C   OXT  sing N N 188 
LYS CB  CG   sing N N 189 
LYS CB  HB2  sing N N 190 
LYS CB  HB3  sing N N 191 
LYS CG  CD   sing N N 192 
LYS CG  HG2  sing N N 193 
LYS CG  HG3  sing N N 194 
LYS CD  CE   sing N N 195 
LYS CD  HD2  sing N N 196 
LYS CD  HD3  sing N N 197 
LYS CE  NZ   sing N N 198 
LYS CE  HE2  sing N N 199 
LYS CE  HE3  sing N N 200 
LYS NZ  HZ1  sing N N 201 
LYS NZ  HZ2  sing N N 202 
LYS NZ  HZ3  sing N N 203 
LYS OXT HXT  sing N N 204 
MET N   CA   sing N N 205 
MET N   H    sing N N 206 
MET N   H2   sing N N 207 
MET CA  C    sing N N 208 
MET CA  CB   sing N N 209 
MET CA  HA   sing N N 210 
MET C   O    doub N N 211 
MET C   OXT  sing N N 212 
MET CB  CG   sing N N 213 
MET CB  HB2  sing N N 214 
MET CB  HB3  sing N N 215 
MET CG  SD   sing N N 216 
MET CG  HG2  sing N N 217 
MET CG  HG3  sing N N 218 
MET SD  CE   sing N N 219 
MET CE  HE1  sing N N 220 
MET CE  HE2  sing N N 221 
MET CE  HE3  sing N N 222 
MET OXT HXT  sing N N 223 
PHE N   CA   sing N N 224 
PHE N   H    sing N N 225 
PHE N   H2   sing N N 226 
PHE CA  C    sing N N 227 
PHE CA  CB   sing N N 228 
PHE CA  HA   sing N N 229 
PHE C   O    doub N N 230 
PHE C   OXT  sing N N 231 
PHE CB  CG   sing N N 232 
PHE CB  HB2  sing N N 233 
PHE CB  HB3  sing N N 234 
PHE CG  CD1  doub Y N 235 
PHE CG  CD2  sing Y N 236 
PHE CD1 CE1  sing Y N 237 
PHE CD1 HD1  sing N N 238 
PHE CD2 CE2  doub Y N 239 
PHE CD2 HD2  sing N N 240 
PHE CE1 CZ   doub Y N 241 
PHE CE1 HE1  sing N N 242 
PHE CE2 CZ   sing Y N 243 
PHE CE2 HE2  sing N N 244 
PHE CZ  HZ   sing N N 245 
PHE OXT HXT  sing N N 246 
PRO N   CA   sing N N 247 
PRO N   CD   sing N N 248 
PRO N   H    sing N N 249 
PRO CA  C    sing N N 250 
PRO CA  CB   sing N N 251 
PRO CA  HA   sing N N 252 
PRO C   O    doub N N 253 
PRO C   OXT  sing N N 254 
PRO CB  CG   sing N N 255 
PRO CB  HB2  sing N N 256 
PRO CB  HB3  sing N N 257 
PRO CG  CD   sing N N 258 
PRO CG  HG2  sing N N 259 
PRO CG  HG3  sing N N 260 
PRO CD  HD2  sing N N 261 
PRO CD  HD3  sing N N 262 
PRO OXT HXT  sing N N 263 
SER N   CA   sing N N 264 
SER N   H    sing N N 265 
SER N   H2   sing N N 266 
SER CA  C    sing N N 267 
SER CA  CB   sing N N 268 
SER CA  HA   sing N N 269 
SER C   O    doub N N 270 
SER C   OXT  sing N N 271 
SER CB  OG   sing N N 272 
SER CB  HB2  sing N N 273 
SER CB  HB3  sing N N 274 
SER OG  HG   sing N N 275 
SER OXT HXT  sing N N 276 
THR N   CA   sing N N 277 
THR N   H    sing N N 278 
THR N   H2   sing N N 279 
THR CA  C    sing N N 280 
THR CA  CB   sing N N 281 
THR CA  HA   sing N N 282 
THR C   O    doub N N 283 
THR C   OXT  sing N N 284 
THR CB  OG1  sing N N 285 
THR CB  CG2  sing N N 286 
THR CB  HB   sing N N 287 
THR OG1 HG1  sing N N 288 
THR CG2 HG21 sing N N 289 
THR CG2 HG22 sing N N 290 
THR CG2 HG23 sing N N 291 
THR OXT HXT  sing N N 292 
TRP N   CA   sing N N 293 
TRP N   H    sing N N 294 
TRP N   H2   sing N N 295 
TRP CA  C    sing N N 296 
TRP CA  CB   sing N N 297 
TRP CA  HA   sing N N 298 
TRP C   O    doub N N 299 
TRP C   OXT  sing N N 300 
TRP CB  CG   sing N N 301 
TRP CB  HB2  sing N N 302 
TRP CB  HB3  sing N N 303 
TRP CG  CD1  doub Y N 304 
TRP CG  CD2  sing Y N 305 
TRP CD1 NE1  sing Y N 306 
TRP CD1 HD1  sing N N 307 
TRP CD2 CE2  doub Y N 308 
TRP CD2 CE3  sing Y N 309 
TRP NE1 CE2  sing Y N 310 
TRP NE1 HE1  sing N N 311 
TRP CE2 CZ2  sing Y N 312 
TRP CE3 CZ3  doub Y N 313 
TRP CE3 HE3  sing N N 314 
TRP CZ2 CH2  doub Y N 315 
TRP CZ2 HZ2  sing N N 316 
TRP CZ3 CH2  sing Y N 317 
TRP CZ3 HZ3  sing N N 318 
TRP CH2 HH2  sing N N 319 
TRP OXT HXT  sing N N 320 
TYR N   CA   sing N N 321 
TYR N   H    sing N N 322 
TYR N   H2   sing N N 323 
TYR CA  C    sing N N 324 
TYR CA  CB   sing N N 325 
TYR CA  HA   sing N N 326 
TYR C   O    doub N N 327 
TYR C   OXT  sing N N 328 
TYR CB  CG   sing N N 329 
TYR CB  HB2  sing N N 330 
TYR CB  HB3  sing N N 331 
TYR CG  CD1  doub Y N 332 
TYR CG  CD2  sing Y N 333 
TYR CD1 CE1  sing Y N 334 
TYR CD1 HD1  sing N N 335 
TYR CD2 CE2  doub Y N 336 
TYR CD2 HD2  sing N N 337 
TYR CE1 CZ   doub Y N 338 
TYR CE1 HE1  sing N N 339 
TYR CE2 CZ   sing Y N 340 
TYR CE2 HE2  sing N N 341 
TYR CZ  OH   sing N N 342 
TYR OH  HH   sing N N 343 
TYR OXT HXT  sing N N 344 
VAL N   CA   sing N N 345 
VAL N   H    sing N N 346 
VAL N   H2   sing N N 347 
VAL CA  C    sing N N 348 
VAL CA  CB   sing N N 349 
VAL CA  HA   sing N N 350 
VAL C   O    doub N N 351 
VAL C   OXT  sing N N 352 
VAL CB  CG1  sing N N 353 
VAL CB  CG2  sing N N 354 
VAL CB  HB   sing N N 355 
VAL CG1 HG11 sing N N 356 
VAL CG1 HG12 sing N N 357 
VAL CG1 HG13 sing N N 358 
VAL CG2 HG21 sing N N 359 
VAL CG2 HG22 sing N N 360 
VAL CG2 HG23 sing N N 361 
VAL OXT HXT  sing N N 362 
# 
_pdbx_entity_nonpoly.entity_id   3 
_pdbx_entity_nonpoly.name        water 
_pdbx_entity_nonpoly.comp_id     HOH 
# 
_pdbx_initial_refinement_model.id               1 
_pdbx_initial_refinement_model.entity_id_list   ? 
_pdbx_initial_refinement_model.type             'experimental model' 
_pdbx_initial_refinement_model.source_name      PDB 
_pdbx_initial_refinement_model.accession_code   1JOT 
_pdbx_initial_refinement_model.details          'PDB ENTRY 1JOT' 
# 
